data_3DD5
#
_entry.id   3DD5
#
_cell.length_a   73.47
_cell.length_b   117.37
_cell.length_c   95.24
_cell.angle_alpha   90.00
_cell.angle_beta   103.57
_cell.angle_gamma   90.00
#
_symmetry.space_group_name_H-M   'P 1 21 1'
#
loop_
_entity.id
_entity.type
_entity.pdbx_description
1 polymer Cutinase
2 non-polymer 'DIETHYL PHOSPHONATE'
3 water water
#
_entity_poly.entity_id   1
_entity_poly.type   'polypeptide(L)'
_entity_poly.pdbx_seq_one_letter_code
;AMAISDPQSSTRNELETGSSSACPKVIYIFARASTEPGNMGISAGPIVADALERIYGANDVWVQGVGGPYLADLASNFLP
DGTSSAAINEARRLFTLANTKCPNAAIVSGGYSQGTAVMAGSISGLSTTIKNQIKGVVLFGYTKNLQNLGRIPNFETSKT
EVYCDIADAVCYGTLFILPAHFLYQTDAAVAAPRFLQARIG
;
_entity_poly.pdbx_strand_id   A,B,C,D,E,F,G,H
#
# COMPACT_ATOMS: atom_id res chain seq x y z
N GLN A 8 -8.20 -31.24 2.46
CA GLN A 8 -7.32 -30.50 3.38
C GLN A 8 -7.19 -29.03 3.00
N SER A 9 -7.37 -28.20 4.02
CA SER A 9 -7.11 -26.78 4.03
C SER A 9 -5.70 -26.43 3.55
N SER A 10 -4.77 -27.38 3.71
CA SER A 10 -3.34 -27.07 3.63
C SER A 10 -2.79 -26.86 2.22
N THR A 11 -3.53 -27.24 1.19
CA THR A 11 -3.15 -26.92 -0.18
C THR A 11 -4.30 -26.14 -0.84
N ARG A 12 -3.98 -24.93 -1.30
CA ARG A 12 -4.94 -24.06 -1.99
C ARG A 12 -4.29 -23.51 -3.27
N ASN A 13 -5.00 -23.57 -4.39
CA ASN A 13 -4.41 -23.12 -5.65
C ASN A 13 -5.29 -22.21 -6.50
N GLU A 14 -6.06 -21.37 -5.84
CA GLU A 14 -7.22 -20.77 -6.51
C GLU A 14 -6.82 -19.73 -7.52
N LEU A 15 -5.60 -19.24 -7.38
CA LEU A 15 -5.06 -18.29 -8.33
C LEU A 15 -4.54 -19.02 -9.57
N GLU A 16 -3.77 -20.09 -9.40
CA GLU A 16 -3.34 -20.91 -10.53
C GLU A 16 -4.51 -21.36 -11.40
N THR A 17 -5.56 -21.87 -10.78
CA THR A 17 -6.70 -22.33 -11.57
C THR A 17 -7.72 -21.20 -11.80
N GLY A 18 -7.31 -19.97 -11.54
CA GLY A 18 -8.16 -18.83 -11.76
C GLY A 18 -8.21 -18.39 -13.22
N SER A 19 -9.40 -18.00 -13.66
CA SER A 19 -9.54 -17.45 -15.00
C SER A 19 -10.07 -16.02 -14.95
N SER A 20 -9.61 -15.23 -15.91
CA SER A 20 -9.86 -13.79 -15.91
C SER A 20 -11.35 -13.36 -16.05
N SER A 21 -12.26 -14.32 -16.25
CA SER A 21 -13.72 -14.04 -16.35
C SER A 21 -14.45 -14.22 -15.03
N ALA A 22 -13.75 -14.63 -14.00
CA ALA A 22 -14.34 -14.73 -12.69
C ALA A 22 -13.35 -14.21 -11.65
N CYS A 23 -12.96 -12.94 -11.76
CA CYS A 23 -12.02 -12.38 -10.79
C CYS A 23 -12.72 -12.18 -9.45
N PRO A 24 -11.99 -12.38 -8.35
CA PRO A 24 -12.54 -12.05 -7.05
C PRO A 24 -12.29 -10.58 -6.71
N LYS A 25 -12.84 -10.13 -5.57
CA LYS A 25 -12.50 -8.83 -4.99
C LYS A 25 -11.12 -8.94 -4.39
N VAL A 26 -10.81 -10.15 -3.90
CA VAL A 26 -9.62 -10.37 -3.11
C VAL A 26 -8.85 -11.59 -3.51
N ILE A 27 -7.61 -11.39 -3.92
CA ILE A 27 -6.67 -12.49 -4.06
C ILE A 27 -5.76 -12.53 -2.82
N TYR A 28 -5.76 -13.65 -2.12
CA TYR A 28 -4.85 -13.78 -0.95
C TYR A 28 -3.76 -14.83 -1.13
N ILE A 29 -2.50 -14.39 -1.05
CA ILE A 29 -1.32 -15.26 -1.18
C ILE A 29 -0.55 -15.35 0.14
N PHE A 30 -0.16 -16.58 0.50
CA PHE A 30 0.44 -16.87 1.80
C PHE A 30 1.64 -17.78 1.69
N ALA A 31 2.68 -17.47 2.45
CA ALA A 31 3.86 -18.32 2.57
C ALA A 31 3.93 -18.98 3.95
N ARG A 32 4.09 -20.31 3.94
CA ARG A 32 4.03 -21.11 5.15
C ARG A 32 5.34 -21.08 5.90
N ALA A 33 5.32 -21.53 7.14
CA ALA A 33 6.51 -21.66 7.97
C ALA A 33 7.22 -22.96 7.64
N SER A 34 8.48 -23.09 8.07
CA SER A 34 9.27 -24.32 7.92
C SER A 34 8.50 -25.50 8.49
N THR A 35 8.42 -26.58 7.71
CA THR A 35 7.91 -27.89 8.15
C THR A 35 6.45 -28.09 7.77
N GLU A 36 5.75 -26.98 7.56
CA GLU A 36 4.32 -27.04 7.27
C GLU A 36 4.08 -27.78 5.95
N PRO A 37 2.98 -28.55 5.89
CA PRO A 37 2.70 -29.26 4.65
C PRO A 37 1.94 -28.38 3.66
N GLY A 38 2.08 -28.69 2.37
CA GLY A 38 1.27 -28.09 1.33
C GLY A 38 1.86 -26.80 0.82
N ASN A 39 0.98 -25.85 0.55
CA ASN A 39 1.40 -24.49 0.23
C ASN A 39 0.83 -23.46 1.22
N MET A 40 -0.12 -23.88 2.07
CA MET A 40 -0.82 -23.01 3.03
C MET A 40 -0.45 -23.30 4.47
N GLY A 41 0.07 -24.49 4.73
CA GLY A 41 0.34 -24.88 6.10
C GLY A 41 -0.91 -25.24 6.89
N ILE A 42 -0.75 -25.37 8.21
CA ILE A 42 -1.84 -25.83 9.08
C ILE A 42 -2.07 -24.92 10.28
N SER A 43 -1.34 -23.82 10.33
CA SER A 43 -1.49 -22.84 11.40
C SER A 43 -2.07 -21.53 10.86
N ALA A 44 -1.24 -20.48 10.87
CA ALA A 44 -1.64 -19.12 10.47
C ALA A 44 -2.18 -18.98 9.06
N GLY A 45 -1.86 -19.91 8.16
CA GLY A 45 -2.34 -19.84 6.79
C GLY A 45 -3.86 -19.93 6.64
N PRO A 46 -4.42 -21.11 6.93
CA PRO A 46 -5.85 -21.39 6.92
C PRO A 46 -6.66 -20.52 7.85
N ILE A 47 -6.05 -20.01 8.91
CA ILE A 47 -6.78 -19.11 9.80
C ILE A 47 -7.17 -17.78 9.10
N VAL A 48 -6.19 -17.11 8.47
CA VAL A 48 -6.45 -15.85 7.76
C VAL A 48 -7.35 -16.10 6.55
N ALA A 49 -7.12 -17.22 5.88
CA ALA A 49 -7.95 -17.66 4.76
C ALA A 49 -9.42 -17.95 5.14
N ASP A 50 -9.63 -18.66 6.25
CA ASP A 50 -11.00 -18.92 6.72
C ASP A 50 -11.77 -17.58 7.01
N ALA A 51 -11.05 -16.60 7.54
CA ALA A 51 -11.64 -15.34 7.92
C ALA A 51 -11.97 -14.47 6.71
N LEU A 52 -11.07 -14.47 5.74
CA LEU A 52 -11.29 -13.68 4.53
C LEU A 52 -12.55 -14.12 3.79
N GLU A 53 -12.68 -15.43 3.58
CA GLU A 53 -13.89 -15.98 2.97
C GLU A 53 -15.11 -15.68 3.81
N ARG A 54 -14.99 -15.78 5.13
CA ARG A 54 -16.08 -15.52 6.02
C ARG A 54 -16.54 -14.09 5.77
N ILE A 55 -15.62 -13.13 5.88
CA ILE A 55 -15.94 -11.72 5.56
C ILE A 55 -16.43 -11.47 4.12
N TYR A 56 -15.72 -12.01 3.12
CA TYR A 56 -15.99 -11.62 1.74
C TYR A 56 -16.84 -12.55 0.90
N GLY A 57 -17.03 -13.78 1.39
CA GLY A 57 -17.60 -14.87 0.62
C GLY A 57 -16.49 -15.75 0.09
N ALA A 58 -16.76 -17.04 -0.08
CA ALA A 58 -15.80 -17.95 -0.66
C ALA A 58 -15.54 -17.65 -2.15
N ASN A 59 -16.58 -17.11 -2.80
CA ASN A 59 -16.58 -16.88 -4.23
C ASN A 59 -15.86 -15.60 -4.60
N ASP A 60 -15.63 -14.74 -3.60
CA ASP A 60 -14.97 -13.44 -3.80
C ASP A 60 -13.57 -13.34 -3.22
N VAL A 61 -12.94 -14.48 -2.98
CA VAL A 61 -11.56 -14.57 -2.50
C VAL A 61 -10.88 -15.73 -3.20
N TRP A 62 -9.78 -15.46 -3.89
CA TRP A 62 -8.88 -16.50 -4.38
C TRP A 62 -7.76 -16.75 -3.36
N VAL A 63 -7.73 -17.94 -2.77
CA VAL A 63 -6.74 -18.30 -1.77
C VAL A 63 -5.62 -19.15 -2.37
N GLN A 64 -4.39 -18.70 -2.19
CA GLN A 64 -3.24 -19.28 -2.88
C GLN A 64 -2.01 -19.41 -2.00
N GLY A 65 -1.47 -20.60 -1.91
CA GLY A 65 -0.20 -20.77 -1.22
C GLY A 65 0.99 -20.69 -2.17
N VAL A 66 2.15 -20.39 -1.61
CA VAL A 66 3.42 -20.45 -2.33
C VAL A 66 3.99 -21.87 -2.24
N GLY A 67 3.90 -22.59 -3.34
CA GLY A 67 4.29 -24.01 -3.39
C GLY A 67 5.48 -24.18 -4.29
N GLY A 68 5.47 -25.21 -5.11
CA GLY A 68 6.52 -25.40 -6.11
C GLY A 68 7.87 -25.46 -5.44
N PRO A 69 8.82 -24.62 -5.91
CA PRO A 69 10.18 -24.69 -5.37
C PRO A 69 10.31 -24.28 -3.89
N TYR A 70 9.28 -23.62 -3.36
CA TYR A 70 9.27 -23.28 -1.93
C TYR A 70 8.97 -24.50 -1.07
N LEU A 71 10.00 -24.98 -0.38
CA LEU A 71 9.97 -26.28 0.31
C LEU A 71 9.78 -26.09 1.79
N ALA A 72 9.95 -24.87 2.27
CA ALA A 72 9.81 -24.57 3.71
C ALA A 72 10.59 -25.56 4.59
N ASP A 73 11.88 -25.67 4.28
CA ASP A 73 12.83 -26.54 4.96
C ASP A 73 13.66 -25.66 5.90
N LEU A 74 14.16 -26.25 6.99
CA LEU A 74 14.78 -25.47 8.04
C LEU A 74 16.14 -24.90 7.67
N ALA A 75 16.82 -25.51 6.72
CA ALA A 75 18.18 -25.13 6.35
C ALA A 75 18.23 -23.77 5.70
N SER A 76 17.19 -23.47 4.94
CA SER A 76 17.09 -22.24 4.18
C SER A 76 16.92 -20.97 5.03
N ASN A 77 16.39 -21.10 6.24
CA ASN A 77 16.34 -19.95 7.15
C ASN A 77 17.72 -19.28 7.28
N PHE A 78 18.78 -20.07 7.10
CA PHE A 78 20.15 -19.56 7.25
C PHE A 78 20.80 -18.90 6.02
N LEU A 79 20.16 -19.02 4.86
CA LEU A 79 20.58 -18.23 3.71
C LEU A 79 20.33 -16.74 4.03
N PRO A 80 21.11 -15.82 3.40
CA PRO A 80 21.15 -14.41 3.82
C PRO A 80 19.78 -13.73 3.83
N ASP A 81 18.99 -13.96 2.79
CA ASP A 81 17.66 -13.38 2.70
C ASP A 81 16.66 -14.16 3.59
N GLY A 82 17.18 -15.16 4.29
CA GLY A 82 16.40 -15.98 5.23
C GLY A 82 15.55 -17.03 4.54
N THR A 83 15.81 -17.25 3.26
CA THR A 83 15.14 -18.30 2.47
C THR A 83 15.78 -18.44 1.08
N SER A 84 15.41 -19.48 0.34
CA SER A 84 16.03 -19.77 -0.95
C SER A 84 15.51 -18.79 -1.99
N SER A 85 16.33 -18.43 -2.96
CA SER A 85 15.89 -17.45 -3.94
C SER A 85 14.84 -18.03 -4.89
N ALA A 86 14.82 -19.35 -5.04
CA ALA A 86 13.73 -19.99 -5.76
C ALA A 86 12.37 -19.93 -5.03
N ALA A 87 12.39 -19.77 -3.70
CA ALA A 87 11.19 -19.47 -2.95
C ALA A 87 10.69 -18.07 -3.27
N ILE A 88 11.62 -17.12 -3.30
CA ILE A 88 11.32 -15.74 -3.60
C ILE A 88 10.76 -15.59 -5.03
N ASN A 89 11.40 -16.20 -6.02
CA ASN A 89 10.91 -16.12 -7.42
C ASN A 89 9.55 -16.76 -7.67
N GLU A 90 9.24 -17.81 -6.91
CA GLU A 90 7.93 -18.42 -6.94
C GLU A 90 6.84 -17.45 -6.44
N ALA A 91 7.13 -16.71 -5.36
CA ALA A 91 6.18 -15.69 -4.87
C ALA A 91 6.00 -14.52 -5.85
N ARG A 92 7.09 -13.90 -6.29
CA ARG A 92 7.07 -12.95 -7.41
C ARG A 92 6.25 -13.43 -8.62
N ARG A 93 6.45 -14.70 -9.00
CA ARG A 93 5.71 -15.33 -10.08
C ARG A 93 4.19 -15.30 -9.85
N LEU A 94 3.76 -15.67 -8.65
CA LEU A 94 2.34 -15.66 -8.26
C LEU A 94 1.76 -14.25 -8.14
N PHE A 95 2.55 -13.33 -7.59
CA PHE A 95 2.13 -11.95 -7.48
C PHE A 95 1.89 -11.40 -8.89
N THR A 96 2.81 -11.68 -9.79
CA THR A 96 2.72 -11.27 -11.17
C THR A 96 1.50 -11.89 -11.86
N LEU A 97 1.22 -13.14 -11.54
CA LEU A 97 0.06 -13.81 -12.13
C LEU A 97 -1.25 -13.16 -11.68
N ALA A 98 -1.31 -12.73 -10.43
CA ALA A 98 -2.52 -12.11 -9.90
C ALA A 98 -2.77 -10.79 -10.63
N ASN A 99 -1.67 -10.08 -10.88
CA ASN A 99 -1.70 -8.88 -11.70
C ASN A 99 -2.07 -9.13 -13.13
N THR A 100 -1.50 -10.17 -13.74
CA THR A 100 -1.79 -10.50 -15.13
C THR A 100 -3.27 -10.79 -15.28
N LYS A 101 -3.78 -11.68 -14.44
CA LYS A 101 -5.10 -12.26 -14.56
C LYS A 101 -6.17 -11.27 -14.14
N CYS A 102 -5.91 -10.55 -13.05
CA CYS A 102 -6.90 -9.70 -12.42
C CYS A 102 -6.32 -8.39 -11.95
N PRO A 103 -5.94 -7.50 -12.87
CA PRO A 103 -5.24 -6.29 -12.41
C PRO A 103 -6.09 -5.37 -11.48
N ASN A 104 -7.40 -5.65 -11.36
CA ASN A 104 -8.26 -4.78 -10.53
C ASN A 104 -8.68 -5.27 -9.14
N ALA A 105 -8.39 -6.54 -8.87
CA ALA A 105 -8.62 -7.12 -7.56
C ALA A 105 -7.59 -6.60 -6.57
N ALA A 106 -8.01 -6.55 -5.31
CA ALA A 106 -7.12 -6.29 -4.23
C ALA A 106 -6.33 -7.56 -3.92
N ILE A 107 -5.00 -7.46 -4.02
CA ILE A 107 -4.14 -8.53 -3.57
C ILE A 107 -3.82 -8.24 -2.13
N VAL A 108 -3.96 -9.25 -1.28
CA VAL A 108 -3.51 -9.18 0.11
C VAL A 108 -2.64 -10.38 0.30
N SER A 109 -1.65 -10.29 1.19
CA SER A 109 -0.74 -11.42 1.36
C SER A 109 -0.31 -11.64 2.81
N GLY A 110 0.15 -12.85 3.07
CA GLY A 110 0.58 -13.27 4.41
C GLY A 110 1.80 -14.16 4.40
N GLY A 111 2.43 -14.27 5.57
CA GLY A 111 3.59 -15.12 5.73
C GLY A 111 3.81 -15.45 7.18
N TYR A 112 4.27 -16.66 7.44
CA TYR A 112 4.56 -17.05 8.80
C TYR A 112 5.96 -17.63 8.86
N SER A 113 6.77 -17.05 9.73
CA SER A 113 8.16 -17.46 9.96
C SER A 113 9.03 -17.40 8.68
N GLN A 114 9.57 -18.53 8.22
CA GLN A 114 10.32 -18.53 6.95
C GLN A 114 9.52 -17.89 5.82
N GLY A 115 8.21 -18.12 5.80
CA GLY A 115 7.34 -17.52 4.82
C GLY A 115 7.27 -15.99 4.83
N THR A 116 7.62 -15.35 5.95
CA THR A 116 7.67 -13.89 5.99
C THR A 116 8.84 -13.40 5.17
N ALA A 117 9.93 -14.18 5.18
CA ALA A 117 11.12 -13.88 4.38
C ALA A 117 10.89 -14.07 2.88
N VAL A 118 9.97 -14.96 2.53
CA VAL A 118 9.53 -15.15 1.17
C VAL A 118 8.77 -13.91 0.72
N MET A 119 7.84 -13.44 1.55
CA MET A 119 7.10 -12.22 1.24
C MET A 119 8.06 -11.02 1.16
N ALA A 120 8.81 -10.76 2.22
CA ALA A 120 9.70 -9.60 2.25
C ALA A 120 10.74 -9.64 1.15
N GLY A 121 11.16 -10.83 0.77
CA GLY A 121 12.11 -10.97 -0.33
C GLY A 121 11.47 -10.65 -1.67
N SER A 122 10.39 -11.35 -1.99
CA SER A 122 9.71 -11.18 -3.28
C SER A 122 9.11 -9.79 -3.42
N ILE A 123 8.33 -9.36 -2.42
CA ILE A 123 7.63 -8.07 -2.48
C ILE A 123 8.56 -6.88 -2.72
N SER A 124 9.74 -6.90 -2.10
CA SER A 124 10.69 -5.78 -2.19
C SER A 124 11.18 -5.52 -3.63
N GLY A 125 11.21 -6.55 -4.48
CA GLY A 125 11.74 -6.43 -5.84
C GLY A 125 10.73 -6.16 -6.95
N LEU A 126 9.43 -6.09 -6.59
CA LEU A 126 8.34 -5.96 -7.58
C LEU A 126 8.17 -4.58 -8.22
N SER A 127 7.68 -4.60 -9.46
CA SER A 127 7.25 -3.42 -10.20
C SER A 127 6.30 -2.52 -9.38
N THR A 128 6.47 -1.21 -9.49
CA THR A 128 5.63 -0.30 -8.74
C THR A 128 4.13 -0.62 -8.91
N THR A 129 3.72 -0.88 -10.15
CA THR A 129 2.36 -1.29 -10.46
C THR A 129 1.82 -2.43 -9.56
N ILE A 130 2.61 -3.50 -9.38
CA ILE A 130 2.15 -4.64 -8.56
C ILE A 130 2.09 -4.32 -7.05
N LYS A 131 3.21 -3.84 -6.48
CA LYS A 131 3.22 -3.37 -5.09
C LYS A 131 2.01 -2.51 -4.78
N ASN A 132 1.49 -1.85 -5.82
CA ASN A 132 0.36 -0.95 -5.70
C ASN A 132 -0.96 -1.70 -5.61
N GLN A 133 -0.97 -2.91 -6.15
CA GLN A 133 -2.15 -3.75 -6.11
C GLN A 133 -2.19 -4.59 -4.85
N ILE A 134 -1.04 -4.75 -4.21
CA ILE A 134 -0.95 -5.51 -2.97
C ILE A 134 -1.39 -4.56 -1.90
N LYS A 135 -2.61 -4.73 -1.40
CA LYS A 135 -3.18 -3.73 -0.51
C LYS A 135 -2.70 -3.83 0.93
N GLY A 136 -2.31 -5.01 1.37
CA GLY A 136 -1.97 -5.22 2.76
C GLY A 136 -1.20 -6.51 2.92
N VAL A 137 -0.20 -6.49 3.81
CA VAL A 137 0.63 -7.64 4.10
C VAL A 137 0.78 -7.86 5.59
N VAL A 138 0.51 -9.09 6.00
CA VAL A 138 0.54 -9.47 7.38
C VAL A 138 1.65 -10.51 7.57
N LEU A 139 2.59 -10.18 8.45
CA LEU A 139 3.71 -11.06 8.72
C LEU A 139 3.62 -11.53 10.14
N PHE A 140 3.40 -12.83 10.31
CA PHE A 140 3.43 -13.49 11.63
C PHE A 140 4.82 -14.05 11.90
N GLY A 141 5.50 -13.47 12.88
CA GLY A 141 6.79 -13.97 13.32
C GLY A 141 7.80 -13.70 12.25
N TYR A 142 8.11 -12.43 12.07
CA TYR A 142 8.94 -11.95 11.00
C TYR A 142 10.41 -12.27 11.28
N THR A 143 10.98 -13.24 10.57
CA THR A 143 12.37 -13.65 10.82
C THR A 143 13.44 -12.63 10.40
N LYS A 144 13.02 -11.54 9.78
CA LYS A 144 13.93 -10.49 9.38
C LYS A 144 13.46 -9.18 9.97
N ASN A 145 12.68 -9.27 11.05
CA ASN A 145 12.24 -8.10 11.82
C ASN A 145 13.41 -7.23 12.27
N LEU A 146 14.42 -7.84 12.90
CA LEU A 146 15.59 -7.07 13.34
C LEU A 146 16.35 -6.44 12.18
N GLN A 147 16.76 -7.30 11.24
CA GLN A 147 17.60 -6.94 10.13
C GLN A 147 16.94 -5.91 9.21
N ASN A 148 15.65 -6.08 8.92
CA ASN A 148 14.99 -5.22 7.96
C ASN A 148 14.38 -3.98 8.60
N LEU A 149 14.46 -3.94 9.93
CA LEU A 149 13.84 -2.90 10.77
C LEU A 149 12.32 -2.94 10.74
N GLY A 150 11.78 -4.15 10.83
CA GLY A 150 10.35 -4.32 11.00
C GLY A 150 9.49 -3.76 9.89
N ARG A 151 10.10 -3.54 8.72
CA ARG A 151 9.35 -3.23 7.52
C ARG A 151 9.81 -4.13 6.37
N ILE A 152 9.00 -4.19 5.32
CA ILE A 152 9.42 -4.82 4.07
C ILE A 152 10.19 -3.74 3.31
N PRO A 153 11.46 -3.99 2.95
CA PRO A 153 12.16 -2.94 2.22
C PRO A 153 11.42 -2.59 0.93
N ASN A 154 11.42 -1.31 0.58
CA ASN A 154 10.75 -0.84 -0.64
C ASN A 154 9.21 -0.96 -0.67
N PHE A 155 8.58 -1.26 0.46
CA PHE A 155 7.13 -1.41 0.47
C PHE A 155 6.49 -0.79 1.71
N GLU A 156 5.55 0.13 1.48
CA GLU A 156 5.02 1.03 2.51
C GLU A 156 4.57 0.35 3.76
N THR A 157 4.97 0.97 4.85
CA THR A 157 4.66 0.55 6.19
C THR A 157 3.16 0.66 6.52
N SER A 158 2.43 1.54 5.85
CA SER A 158 1.01 1.69 6.16
C SER A 158 0.18 0.45 5.79
N LYS A 159 0.66 -0.30 4.81
CA LYS A 159 0.01 -1.53 4.36
C LYS A 159 0.63 -2.78 5.01
N THR A 160 1.63 -2.58 5.87
CA THR A 160 2.37 -3.68 6.46
C THR A 160 2.10 -3.73 7.97
N GLU A 161 1.63 -4.87 8.44
CA GLU A 161 1.37 -5.08 9.85
C GLU A 161 2.16 -6.32 10.25
N VAL A 162 3.08 -6.11 11.20
CA VAL A 162 4.01 -7.11 11.66
C VAL A 162 3.54 -7.60 13.07
N TYR A 163 3.48 -8.91 13.24
CA TYR A 163 3.13 -9.51 14.53
C TYR A 163 4.34 -10.23 15.08
N CYS A 164 4.89 -9.71 16.18
CA CYS A 164 6.14 -10.20 16.78
C CYS A 164 5.97 -10.36 18.27
N ASP A 165 5.58 -11.58 18.66
CA ASP A 165 5.45 -11.90 20.06
C ASP A 165 6.79 -11.82 20.78
N ILE A 166 6.75 -11.38 22.04
CA ILE A 166 7.95 -11.25 22.88
C ILE A 166 8.72 -12.55 22.96
N ALA A 167 7.97 -13.67 23.03
CA ALA A 167 8.58 -14.99 23.20
C ALA A 167 9.21 -15.61 21.93
N ASP A 168 8.96 -14.99 20.77
CA ASP A 168 9.36 -15.55 19.48
C ASP A 168 10.79 -15.13 19.17
N ALA A 169 11.73 -16.06 19.38
CA ALA A 169 13.15 -15.75 19.20
C ALA A 169 13.45 -15.08 17.86
N VAL A 170 12.87 -15.61 16.79
CA VAL A 170 13.15 -15.14 15.41
C VAL A 170 12.88 -13.64 15.14
N CYS A 171 12.15 -12.98 16.03
CA CYS A 171 11.87 -11.57 15.88
C CYS A 171 13.03 -10.72 16.41
N TYR A 172 14.02 -11.40 17.01
CA TYR A 172 15.16 -10.75 17.66
C TYR A 172 16.46 -10.88 16.86
N GLY A 173 16.37 -11.14 15.56
CA GLY A 173 17.56 -11.18 14.68
C GLY A 173 18.39 -12.47 14.74
N THR A 174 17.88 -13.50 15.41
CA THR A 174 18.42 -14.83 15.22
C THR A 174 17.35 -15.86 15.04
N LEU A 175 17.82 -17.08 15.19
CA LEU A 175 17.10 -18.25 14.83
C LEU A 175 17.31 -19.30 15.92
N PHE A 176 16.26 -19.62 16.66
CA PHE A 176 16.30 -20.82 17.46
C PHE A 176 15.43 -21.78 16.72
N ILE A 177 15.88 -23.04 16.71
CA ILE A 177 15.20 -24.12 16.05
C ILE A 177 14.97 -25.19 17.11
N LEU A 178 13.74 -25.27 17.60
CA LEU A 178 13.33 -26.33 18.48
C LEU A 178 11.81 -26.31 18.57
N PRO A 179 11.18 -27.50 18.72
CA PRO A 179 9.73 -27.54 18.87
C PRO A 179 9.16 -26.47 19.82
N ALA A 180 8.19 -25.71 19.33
CA ALA A 180 7.48 -24.73 20.14
C ALA A 180 6.01 -24.61 19.71
N HIS A 181 5.21 -23.97 20.57
CA HIS A 181 3.82 -23.61 20.26
C HIS A 181 3.69 -22.50 19.25
N PHE A 182 2.61 -22.57 18.49
CA PHE A 182 2.30 -21.56 17.50
C PHE A 182 1.93 -20.32 18.26
N LEU A 183 2.55 -19.20 17.93
CA LEU A 183 2.30 -18.03 18.74
C LEU A 183 1.17 -17.09 18.29
N TYR A 184 0.71 -17.21 17.04
CA TYR A 184 -0.10 -16.15 16.46
C TYR A 184 -1.56 -16.50 16.25
N GLN A 185 -2.08 -17.33 17.15
CA GLN A 185 -3.47 -17.75 17.14
C GLN A 185 -4.48 -16.59 17.13
N THR A 186 -4.42 -15.71 18.12
CA THR A 186 -5.44 -14.70 18.14
C THR A 186 -5.11 -13.63 17.11
N ASP A 187 -3.84 -13.33 16.90
CA ASP A 187 -3.41 -12.33 15.89
C ASP A 187 -4.02 -12.63 14.52
N ALA A 188 -3.87 -13.89 14.08
CA ALA A 188 -4.28 -14.30 12.73
C ALA A 188 -5.77 -14.39 12.57
N ALA A 189 -6.45 -14.68 13.67
CA ALA A 189 -7.87 -14.95 13.59
C ALA A 189 -8.64 -13.65 13.65
N VAL A 190 -8.08 -12.68 14.39
CA VAL A 190 -8.77 -11.45 14.73
C VAL A 190 -8.10 -10.26 14.07
N ALA A 191 -6.92 -9.89 14.60
CA ALA A 191 -6.27 -8.65 14.22
C ALA A 191 -5.92 -8.56 12.74
N ALA A 192 -5.41 -9.66 12.18
CA ALA A 192 -4.90 -9.60 10.82
C ALA A 192 -6.01 -9.46 9.79
N PRO A 193 -7.10 -10.25 9.91
CA PRO A 193 -8.26 -10.05 9.01
C PRO A 193 -8.75 -8.62 9.09
N ARG A 194 -9.00 -8.17 10.31
CA ARG A 194 -9.33 -6.78 10.64
C ARG A 194 -8.42 -5.75 9.96
N PHE A 195 -7.11 -5.89 10.13
CA PHE A 195 -6.14 -5.07 9.41
C PHE A 195 -6.24 -5.15 7.89
N LEU A 196 -6.45 -6.36 7.37
CA LEU A 196 -6.57 -6.53 5.91
C LEU A 196 -7.88 -5.96 5.40
N GLN A 197 -8.91 -6.06 6.20
CA GLN A 197 -10.20 -5.57 5.78
C GLN A 197 -10.19 -4.04 5.64
N ALA A 198 -9.50 -3.34 6.53
CA ALA A 198 -9.32 -1.91 6.36
C ALA A 198 -8.55 -1.56 5.09
N ARG A 199 -7.51 -2.30 4.73
CA ARG A 199 -6.70 -2.00 3.52
C ARG A 199 -7.45 -2.21 2.21
N ILE A 200 -8.18 -3.31 2.11
CA ILE A 200 -8.97 -3.62 0.93
C ILE A 200 -9.95 -2.46 0.63
N GLY A 201 -9.82 -1.79 -0.53
CA GLY A 201 -8.83 -2.07 -1.59
N GLN B 8 -24.38 15.78 -24.91
CA GLN B 8 -24.40 16.75 -23.76
C GLN B 8 -24.20 16.06 -22.42
N SER B 9 -23.22 16.59 -21.69
CA SER B 9 -22.74 16.05 -20.42
C SER B 9 -23.79 16.06 -19.31
N SER B 10 -24.84 16.85 -19.48
CA SER B 10 -25.96 16.95 -18.53
C SER B 10 -26.83 15.69 -18.39
N THR B 11 -26.83 14.84 -19.41
CA THR B 11 -27.45 13.51 -19.31
C THR B 11 -26.44 12.41 -19.63
N ARG B 12 -26.25 11.49 -18.68
CA ARG B 12 -25.38 10.33 -18.86
C ARG B 12 -26.10 9.07 -18.42
N ASN B 13 -26.10 8.05 -19.26
CA ASN B 13 -26.88 6.84 -18.95
C ASN B 13 -26.10 5.56 -19.01
N GLU B 14 -24.80 5.65 -18.85
CA GLU B 14 -23.91 4.55 -19.15
C GLU B 14 -24.10 3.25 -18.32
N LEU B 15 -24.74 3.34 -17.15
CA LEU B 15 -25.03 2.14 -16.38
C LEU B 15 -26.29 1.51 -16.85
N GLU B 16 -27.29 2.34 -17.17
CA GLU B 16 -28.53 1.85 -17.77
C GLU B 16 -28.32 1.12 -19.11
N THR B 17 -27.25 1.46 -19.82
CA THR B 17 -26.99 0.90 -21.16
C THR B 17 -25.73 0.01 -21.26
N GLY B 18 -25.04 -0.14 -20.13
CA GLY B 18 -23.83 -0.94 -20.09
C GLY B 18 -24.15 -2.42 -20.19
N SER B 19 -23.33 -3.12 -20.95
CA SER B 19 -23.44 -4.56 -21.07
C SER B 19 -22.70 -5.26 -19.94
N SER B 20 -23.35 -6.24 -19.34
CA SER B 20 -22.78 -7.00 -18.22
C SER B 20 -21.52 -7.77 -18.60
N SER B 21 -21.11 -7.65 -19.86
CA SER B 21 -20.02 -8.44 -20.40
C SER B 21 -18.88 -7.55 -20.93
N ALA B 22 -19.01 -6.26 -20.64
CA ALA B 22 -17.93 -5.30 -20.85
C ALA B 22 -17.79 -4.46 -19.58
N CYS B 23 -17.73 -5.13 -18.42
CA CYS B 23 -17.69 -4.43 -17.14
C CYS B 23 -16.43 -3.60 -16.99
N PRO B 24 -16.58 -2.37 -16.47
CA PRO B 24 -15.49 -1.43 -16.22
C PRO B 24 -14.94 -1.42 -14.77
N LYS B 25 -13.76 -0.82 -14.58
CA LYS B 25 -13.20 -0.62 -13.25
C LYS B 25 -14.18 0.12 -12.35
N VAL B 26 -14.72 1.22 -12.85
CA VAL B 26 -15.46 2.17 -12.00
C VAL B 26 -16.89 2.45 -12.46
N ILE B 27 -17.85 2.19 -11.62
CA ILE B 27 -19.19 2.72 -11.87
C ILE B 27 -19.41 3.98 -11.00
N TYR B 28 -19.72 5.10 -11.64
CA TYR B 28 -19.94 6.38 -10.97
C TYR B 28 -21.38 6.87 -11.10
N ILE B 29 -22.09 6.95 -9.98
CA ILE B 29 -23.50 7.33 -9.95
C ILE B 29 -23.67 8.68 -9.27
N PHE B 30 -24.17 9.67 -10.02
CA PHE B 30 -24.31 11.02 -9.50
C PHE B 30 -25.75 11.46 -9.43
N ALA B 31 -26.10 12.09 -8.31
CA ALA B 31 -27.41 12.70 -8.09
C ALA B 31 -27.22 14.20 -8.06
N ARG B 32 -27.99 14.94 -8.85
CA ARG B 32 -27.76 16.37 -9.13
C ARG B 32 -28.50 17.32 -8.17
N ALA B 33 -28.16 18.61 -8.22
CA ALA B 33 -28.84 19.62 -7.38
C ALA B 33 -30.15 20.13 -7.99
N SER B 34 -31.03 20.59 -7.10
CA SER B 34 -32.32 21.14 -7.45
C SER B 34 -32.24 22.04 -8.65
N THR B 35 -33.16 21.80 -9.58
CA THR B 35 -33.37 22.65 -10.74
C THR B 35 -32.46 22.29 -11.89
N GLU B 36 -31.31 21.69 -11.55
CA GLU B 36 -30.30 21.34 -12.54
C GLU B 36 -30.90 20.44 -13.63
N PRO B 37 -30.48 20.64 -14.90
CA PRO B 37 -31.05 19.90 -16.04
C PRO B 37 -30.43 18.52 -16.27
N GLY B 38 -31.07 17.70 -17.10
CA GLY B 38 -30.61 16.35 -17.40
C GLY B 38 -30.63 15.52 -16.13
N ASN B 39 -29.82 14.46 -16.12
CA ASN B 39 -29.63 13.66 -14.90
C ASN B 39 -28.25 13.83 -14.23
N MET B 40 -27.51 14.84 -14.64
CA MET B 40 -26.17 14.99 -14.10
C MET B 40 -25.95 16.39 -13.63
N GLY B 41 -26.91 17.26 -13.91
CA GLY B 41 -26.76 18.67 -13.60
C GLY B 41 -25.73 19.28 -14.52
N ILE B 42 -25.31 20.51 -14.22
CA ILE B 42 -24.36 21.20 -15.06
C ILE B 42 -23.10 21.58 -14.31
N SER B 43 -23.05 21.32 -13.01
CA SER B 43 -21.87 21.70 -12.22
C SER B 43 -21.04 20.52 -11.73
N ALA B 44 -21.32 20.02 -10.52
CA ALA B 44 -20.41 19.09 -9.81
C ALA B 44 -20.38 17.68 -10.39
N GLY B 45 -21.43 17.29 -11.09
CA GLY B 45 -21.52 15.96 -11.62
C GLY B 45 -20.54 15.73 -12.75
N PRO B 46 -20.65 16.53 -13.83
CA PRO B 46 -19.74 16.50 -14.96
C PRO B 46 -18.28 16.67 -14.61
N ILE B 47 -17.96 17.62 -13.72
CA ILE B 47 -16.57 17.88 -13.36
C ILE B 47 -15.89 16.59 -12.91
N VAL B 48 -16.58 15.86 -12.03
CA VAL B 48 -16.11 14.62 -11.42
C VAL B 48 -16.06 13.47 -12.42
N ALA B 49 -16.98 13.49 -13.37
CA ALA B 49 -17.07 12.50 -14.43
C ALA B 49 -15.89 12.69 -15.38
N ASP B 50 -15.65 13.95 -15.74
CA ASP B 50 -14.50 14.32 -16.54
C ASP B 50 -13.21 13.88 -15.85
N ALA B 51 -13.11 14.10 -14.56
CA ALA B 51 -11.93 13.73 -13.81
C ALA B 51 -11.76 12.21 -13.71
N LEU B 52 -12.84 11.51 -13.42
CA LEU B 52 -12.72 10.07 -13.36
C LEU B 52 -12.36 9.48 -14.72
N GLU B 53 -12.99 9.98 -15.78
CA GLU B 53 -12.63 9.54 -17.14
C GLU B 53 -11.19 9.88 -17.54
N ARG B 54 -10.66 10.99 -17.02
CA ARG B 54 -9.26 11.37 -17.26
C ARG B 54 -8.28 10.36 -16.71
N ILE B 55 -8.59 9.84 -15.53
CA ILE B 55 -7.70 8.95 -14.82
C ILE B 55 -7.70 7.54 -15.45
N TYR B 56 -8.90 6.97 -15.57
CA TYR B 56 -9.08 5.56 -15.82
C TYR B 56 -9.26 5.18 -17.29
N GLY B 57 -9.58 6.18 -18.11
CA GLY B 57 -10.07 5.93 -19.47
C GLY B 57 -11.59 5.89 -19.49
N ALA B 58 -12.17 6.43 -20.57
CA ALA B 58 -13.62 6.50 -20.76
C ALA B 58 -14.30 5.12 -20.77
N ASN B 59 -13.75 4.18 -21.53
CA ASN B 59 -14.38 2.85 -21.59
C ASN B 59 -14.07 1.98 -20.36
N ASP B 60 -13.51 2.59 -19.32
CA ASP B 60 -13.28 1.92 -18.04
C ASP B 60 -14.07 2.56 -16.86
N VAL B 61 -14.97 3.47 -17.21
CA VAL B 61 -15.86 4.16 -16.28
C VAL B 61 -17.26 4.32 -16.91
N TRP B 62 -18.27 3.77 -16.25
CA TRP B 62 -19.65 4.07 -16.62
C TRP B 62 -20.18 5.22 -15.78
N VAL B 63 -20.51 6.33 -16.41
CA VAL B 63 -21.08 7.48 -15.71
C VAL B 63 -22.63 7.42 -15.74
N GLN B 64 -23.24 7.45 -14.55
CA GLN B 64 -24.69 7.27 -14.47
C GLN B 64 -25.33 8.32 -13.58
N GLY B 65 -26.32 9.00 -14.13
CA GLY B 65 -27.04 10.03 -13.41
C GLY B 65 -28.23 9.40 -12.73
N VAL B 66 -28.69 10.03 -11.64
CA VAL B 66 -29.96 9.66 -11.03
C VAL B 66 -31.05 10.47 -11.74
N GLY B 67 -31.77 9.77 -12.64
CA GLY B 67 -32.84 10.36 -13.42
C GLY B 67 -34.21 9.84 -13.06
N GLY B 68 -35.01 9.56 -14.07
CA GLY B 68 -36.38 9.11 -13.84
C GLY B 68 -37.17 9.98 -12.87
N PRO B 69 -37.86 9.34 -11.91
CA PRO B 69 -38.71 10.09 -11.00
C PRO B 69 -37.96 11.06 -10.05
N TYR B 70 -36.62 11.15 -10.16
CA TYR B 70 -35.90 12.21 -9.42
C TYR B 70 -35.97 13.52 -10.19
N LEU B 71 -37.00 14.30 -9.90
CA LEU B 71 -37.26 15.51 -10.64
C LEU B 71 -36.34 16.69 -10.24
N ALA B 72 -35.69 16.58 -9.08
CA ALA B 72 -34.85 17.66 -8.54
C ALA B 72 -35.62 18.98 -8.48
N ASP B 73 -36.87 18.90 -8.04
CA ASP B 73 -37.71 20.07 -7.81
C ASP B 73 -37.46 20.66 -6.45
N LEU B 74 -37.73 21.97 -6.31
CA LEU B 74 -37.52 22.72 -5.05
C LEU B 74 -38.23 22.19 -3.80
N ALA B 75 -39.47 21.72 -3.96
CA ALA B 75 -40.32 21.30 -2.84
C ALA B 75 -39.87 20.03 -2.14
N SER B 76 -39.34 19.06 -2.88
CA SER B 76 -38.96 17.77 -2.30
C SER B 76 -37.90 17.90 -1.21
N ASN B 77 -37.16 19.01 -1.19
CA ASN B 77 -36.09 19.23 -0.20
C ASN B 77 -36.58 19.26 1.21
N PHE B 78 -37.87 19.61 1.37
CA PHE B 78 -38.44 19.91 2.69
C PHE B 78 -39.06 18.71 3.33
N LEU B 79 -39.18 17.62 2.59
CA LEU B 79 -39.64 16.35 3.15
C LEU B 79 -38.62 15.84 4.17
N PRO B 80 -39.09 15.05 5.15
CA PRO B 80 -38.18 14.67 6.24
C PRO B 80 -36.79 14.20 5.77
N ASP B 81 -36.72 13.37 4.74
CA ASP B 81 -35.41 12.89 4.25
C ASP B 81 -34.73 13.86 3.27
N GLY B 82 -35.38 14.97 2.96
CA GLY B 82 -34.72 16.00 2.15
C GLY B 82 -34.81 15.75 0.66
N THR B 83 -35.53 14.70 0.28
CA THR B 83 -35.89 14.46 -1.11
C THR B 83 -37.16 13.63 -1.22
N SER B 84 -37.66 13.44 -2.45
CA SER B 84 -38.81 12.58 -2.68
C SER B 84 -38.47 11.13 -2.38
N SER B 85 -39.50 10.33 -2.17
CA SER B 85 -39.35 8.89 -1.99
C SER B 85 -38.96 8.18 -3.31
N ALA B 86 -39.54 8.63 -4.42
CA ALA B 86 -39.24 8.07 -5.73
C ALA B 86 -37.78 8.36 -6.12
N ALA B 87 -37.24 9.48 -5.62
CA ALA B 87 -35.84 9.77 -5.84
C ALA B 87 -34.97 8.71 -5.20
N ILE B 88 -35.25 8.39 -3.93
CA ILE B 88 -34.46 7.44 -3.16
C ILE B 88 -34.46 6.05 -3.80
N ASN B 89 -35.64 5.56 -4.14
CA ASN B 89 -35.80 4.22 -4.69
C ASN B 89 -35.16 4.05 -6.04
N GLU B 90 -35.24 5.11 -6.84
CA GLU B 90 -34.62 5.14 -8.13
C GLU B 90 -33.11 5.00 -8.03
N ALA B 91 -32.50 5.81 -7.16
CA ALA B 91 -31.10 5.66 -6.88
C ALA B 91 -30.80 4.23 -6.44
N ARG B 92 -31.64 3.70 -5.55
CA ARG B 92 -31.51 2.34 -5.06
C ARG B 92 -31.58 1.30 -6.18
N ARG B 93 -32.47 1.55 -7.14
CA ARG B 93 -32.56 0.72 -8.32
C ARG B 93 -31.28 0.78 -9.18
N LEU B 94 -30.52 1.86 -9.06
CA LEU B 94 -29.31 1.97 -9.86
C LEU B 94 -28.13 1.26 -9.16
N PHE B 95 -28.02 1.49 -7.85
CA PHE B 95 -27.00 0.82 -7.05
C PHE B 95 -27.12 -0.68 -7.17
N THR B 96 -28.37 -1.15 -7.07
CA THR B 96 -28.74 -2.52 -7.33
C THR B 96 -28.37 -2.95 -8.74
N LEU B 97 -28.64 -2.11 -9.73
CA LEU B 97 -28.39 -2.48 -11.12
C LEU B 97 -26.90 -2.72 -11.36
N ALA B 98 -26.07 -1.83 -10.81
CA ALA B 98 -24.62 -1.95 -10.88
C ALA B 98 -24.17 -3.27 -10.28
N ASN B 99 -24.77 -3.60 -9.14
CA ASN B 99 -24.41 -4.78 -8.42
C ASN B 99 -24.84 -6.04 -9.17
N THR B 100 -26.01 -6.00 -9.78
CA THR B 100 -26.51 -7.05 -10.64
C THR B 100 -25.62 -7.22 -11.89
N LYS B 101 -25.21 -6.09 -12.47
CA LYS B 101 -24.52 -6.15 -13.75
C LYS B 101 -22.99 -6.31 -13.64
N CYS B 102 -22.40 -5.82 -12.54
CA CYS B 102 -20.96 -5.91 -12.30
C CYS B 102 -20.68 -5.89 -10.79
N PRO B 103 -20.68 -7.07 -10.16
CA PRO B 103 -20.39 -7.21 -8.72
C PRO B 103 -18.94 -6.84 -8.32
N ASN B 104 -18.01 -6.85 -9.28
CA ASN B 104 -16.59 -6.55 -9.02
C ASN B 104 -16.18 -5.11 -9.21
N ALA B 105 -17.01 -4.33 -9.90
CA ALA B 105 -16.72 -2.91 -10.16
C ALA B 105 -16.73 -2.06 -8.88
N ALA B 106 -15.70 -1.23 -8.76
CA ALA B 106 -15.67 -0.17 -7.79
C ALA B 106 -16.82 0.78 -8.13
N ILE B 107 -17.84 0.82 -7.29
CA ILE B 107 -18.87 1.85 -7.37
C ILE B 107 -18.46 3.07 -6.54
N VAL B 108 -18.58 4.25 -7.15
CA VAL B 108 -18.47 5.53 -6.45
C VAL B 108 -19.69 6.39 -6.78
N SER B 109 -20.09 7.24 -5.83
CA SER B 109 -21.23 8.08 -6.07
C SER B 109 -21.02 9.52 -5.61
N GLY B 110 -21.75 10.44 -6.21
CA GLY B 110 -21.64 11.83 -5.84
C GLY B 110 -23.05 12.32 -5.71
N GLY B 111 -23.21 13.34 -4.89
CA GLY B 111 -24.49 14.02 -4.73
C GLY B 111 -24.17 15.49 -4.55
N TYR B 112 -24.94 16.34 -5.22
CA TYR B 112 -24.82 17.76 -4.98
C TYR B 112 -26.15 18.27 -4.49
N SER B 113 -26.12 18.85 -3.29
CA SER B 113 -27.27 19.51 -2.67
C SER B 113 -28.38 18.50 -2.43
N GLN B 114 -29.56 18.68 -3.02
CA GLN B 114 -30.62 17.66 -2.90
C GLN B 114 -30.08 16.29 -3.24
N GLY B 115 -29.22 16.21 -4.25
CA GLY B 115 -28.52 14.99 -4.59
C GLY B 115 -27.86 14.27 -3.43
N THR B 116 -27.32 15.01 -2.47
CA THR B 116 -26.68 14.35 -1.33
C THR B 116 -27.75 13.62 -0.49
N ALA B 117 -28.92 14.24 -0.35
CA ALA B 117 -30.06 13.59 0.29
C ALA B 117 -30.49 12.31 -0.44
N VAL B 118 -30.47 12.34 -1.77
CA VAL B 118 -30.74 11.13 -2.53
C VAL B 118 -29.69 10.06 -2.16
N MET B 119 -28.43 10.44 -2.10
CA MET B 119 -27.37 9.51 -1.74
C MET B 119 -27.50 9.00 -0.32
N ALA B 120 -27.61 9.92 0.63
CA ALA B 120 -27.78 9.53 2.04
C ALA B 120 -29.03 8.66 2.22
N GLY B 121 -30.14 9.12 1.64
CA GLY B 121 -31.40 8.39 1.71
C GLY B 121 -31.33 7.00 1.12
N SER B 122 -30.82 6.90 -0.10
CA SER B 122 -30.71 5.63 -0.80
C SER B 122 -29.73 4.68 -0.13
N ILE B 123 -28.51 5.14 0.09
CA ILE B 123 -27.46 4.25 0.62
C ILE B 123 -27.83 3.74 2.02
N SER B 124 -28.22 4.65 2.92
CA SER B 124 -28.50 4.31 4.30
C SER B 124 -29.30 3.00 4.44
N GLY B 125 -30.04 2.63 3.39
CA GLY B 125 -30.85 1.42 3.39
C GLY B 125 -30.47 0.29 2.45
N LEU B 126 -29.32 0.36 1.78
CA LEU B 126 -28.91 -0.75 0.93
C LEU B 126 -28.36 -1.92 1.75
N SER B 127 -28.35 -3.13 1.15
CA SER B 127 -27.82 -4.30 1.83
C SER B 127 -26.36 -4.09 2.03
N THR B 128 -25.82 -4.75 3.05
CA THR B 128 -24.42 -4.69 3.38
C THR B 128 -23.53 -5.00 2.14
N THR B 129 -24.01 -5.85 1.25
CA THR B 129 -23.21 -6.31 0.10
C THR B 129 -23.08 -5.22 -0.91
N ILE B 130 -24.20 -4.61 -1.26
CA ILE B 130 -24.21 -3.44 -2.15
C ILE B 130 -23.56 -2.21 -1.48
N LYS B 131 -23.75 -2.01 -0.18
CA LYS B 131 -22.98 -0.95 0.49
C LYS B 131 -21.47 -1.21 0.33
N ASN B 132 -21.07 -2.43 0.70
CA ASN B 132 -19.72 -2.96 0.54
C ASN B 132 -19.05 -2.73 -0.81
N GLN B 133 -19.85 -2.56 -1.86
CA GLN B 133 -19.34 -2.37 -3.23
C GLN B 133 -19.06 -0.88 -3.55
N ILE B 134 -19.68 0.00 -2.77
CA ILE B 134 -19.52 1.44 -2.95
C ILE B 134 -18.30 1.86 -2.16
N LYS B 135 -17.18 2.05 -2.86
CA LYS B 135 -15.88 2.31 -2.24
C LYS B 135 -15.70 3.75 -1.76
N GLY B 136 -16.39 4.69 -2.41
CA GLY B 136 -16.25 6.10 -2.06
C GLY B 136 -17.45 6.94 -2.40
N VAL B 137 -17.87 7.79 -1.46
CA VAL B 137 -18.98 8.70 -1.68
C VAL B 137 -18.59 10.15 -1.35
N VAL B 138 -18.95 11.08 -2.24
CA VAL B 138 -18.63 12.49 -2.08
C VAL B 138 -19.90 13.31 -2.05
N LEU B 139 -20.02 14.17 -1.05
CA LEU B 139 -21.23 14.99 -0.92
C LEU B 139 -20.87 16.48 -0.95
N PHE B 140 -21.35 17.18 -1.97
CA PHE B 140 -21.16 18.62 -2.09
C PHE B 140 -22.41 19.37 -1.62
N GLY B 141 -22.22 20.18 -0.58
CA GLY B 141 -23.33 20.91 0.00
C GLY B 141 -24.35 19.93 0.56
N TYR B 142 -23.89 19.09 1.49
CA TYR B 142 -24.74 18.14 2.19
C TYR B 142 -25.91 18.83 2.89
N THR B 143 -27.11 18.72 2.31
CA THR B 143 -28.31 19.29 2.94
C THR B 143 -28.76 18.59 4.22
N LYS B 144 -28.26 17.39 4.47
CA LYS B 144 -28.46 16.74 5.78
C LYS B 144 -27.21 16.71 6.67
N ASN B 145 -26.15 17.43 6.28
CA ASN B 145 -24.96 17.61 7.15
C ASN B 145 -25.38 17.77 8.61
N LEU B 146 -26.29 18.71 8.88
CA LEU B 146 -26.73 18.94 10.23
C LEU B 146 -27.54 17.77 10.83
N GLN B 147 -28.68 17.44 10.24
CA GLN B 147 -29.54 16.35 10.76
C GLN B 147 -28.80 15.02 10.86
N ASN B 148 -28.01 14.71 9.84
CA ASN B 148 -27.25 13.45 9.80
C ASN B 148 -25.88 13.51 10.48
N LEU B 149 -25.59 14.58 11.21
CA LEU B 149 -24.37 14.67 12.02
C LEU B 149 -23.07 14.50 11.22
N GLY B 150 -23.03 15.07 10.01
CA GLY B 150 -21.82 15.03 9.20
C GLY B 150 -21.50 13.76 8.41
N ARG B 151 -22.31 12.72 8.59
CA ARG B 151 -22.09 11.41 7.96
C ARG B 151 -23.33 10.92 7.21
N ILE B 152 -23.18 9.81 6.50
CA ILE B 152 -24.32 9.05 5.95
C ILE B 152 -24.72 7.97 6.95
N PRO B 153 -25.98 7.95 7.40
CA PRO B 153 -26.37 6.93 8.40
C PRO B 153 -26.17 5.50 7.86
N ASN B 154 -25.74 4.59 8.74
CA ASN B 154 -25.44 3.18 8.40
C ASN B 154 -24.36 2.96 7.31
N PHE B 155 -23.48 3.93 7.14
CA PHE B 155 -22.47 3.85 6.09
C PHE B 155 -21.16 4.39 6.62
N GLU B 156 -20.09 3.71 6.24
CA GLU B 156 -18.81 3.88 6.91
C GLU B 156 -18.19 5.26 6.59
N THR B 157 -17.77 5.95 7.64
CA THR B 157 -17.29 7.32 7.52
C THR B 157 -16.04 7.49 6.64
N SER B 158 -15.16 6.49 6.62
CA SER B 158 -13.91 6.52 5.82
C SER B 158 -14.18 6.39 4.32
N LYS B 159 -15.41 6.01 4.00
CA LYS B 159 -15.88 5.85 2.63
C LYS B 159 -16.64 7.10 2.21
N THR B 160 -16.81 8.01 3.16
CA THR B 160 -17.59 9.24 2.95
C THR B 160 -16.74 10.51 3.16
N GLU B 161 -16.81 11.42 2.19
CA GLU B 161 -16.15 12.72 2.32
C GLU B 161 -17.18 13.80 2.06
N VAL B 162 -17.44 14.62 3.06
CA VAL B 162 -18.40 15.69 2.93
C VAL B 162 -17.73 17.00 2.59
N TYR B 163 -18.23 17.64 1.54
CA TYR B 163 -17.77 18.98 1.19
C TYR B 163 -18.81 20.03 1.54
N CYS B 164 -18.50 20.74 2.61
CA CYS B 164 -19.30 21.87 3.07
C CYS B 164 -18.56 23.20 3.00
N ASP B 165 -19.30 24.28 2.81
CA ASP B 165 -18.74 25.61 2.90
C ASP B 165 -19.46 26.39 3.98
N ILE B 166 -18.80 27.41 4.55
CA ILE B 166 -19.42 28.20 5.64
C ILE B 166 -20.49 29.17 5.13
N ALA B 167 -20.44 29.49 3.85
CA ALA B 167 -21.43 30.37 3.25
C ALA B 167 -22.64 29.61 2.66
N ASP B 168 -22.69 28.30 2.87
CA ASP B 168 -23.77 27.44 2.34
C ASP B 168 -24.82 27.04 3.40
N ALA B 169 -25.98 27.69 3.34
CA ALA B 169 -27.05 27.49 4.32
C ALA B 169 -27.55 26.06 4.42
N VAL B 170 -27.55 25.33 3.31
CA VAL B 170 -28.07 23.96 3.33
C VAL B 170 -27.26 23.05 4.28
N CYS B 171 -25.97 23.35 4.47
CA CYS B 171 -25.09 22.58 5.32
C CYS B 171 -25.48 22.72 6.79
N TYR B 172 -26.29 23.72 7.12
CA TYR B 172 -26.67 24.01 8.50
C TYR B 172 -28.17 24.02 8.75
N GLY B 173 -28.91 23.24 7.97
CA GLY B 173 -30.30 22.90 8.32
C GLY B 173 -31.44 23.61 7.63
N THR B 174 -31.18 24.75 7.02
CA THR B 174 -32.24 25.58 6.47
C THR B 174 -32.16 25.56 4.97
N LEU B 175 -33.18 26.07 4.30
CA LEU B 175 -33.31 25.85 2.88
C LEU B 175 -33.61 27.10 2.05
N PHE B 176 -33.67 28.27 2.67
CA PHE B 176 -34.21 29.42 1.94
C PHE B 176 -33.17 30.31 1.23
N ILE B 177 -31.99 30.50 1.82
CA ILE B 177 -30.95 31.35 1.19
C ILE B 177 -29.71 30.56 0.76
N LEU B 178 -29.56 30.45 -0.56
CA LEU B 178 -28.62 29.57 -1.20
C LEU B 178 -27.40 30.36 -1.63
N PRO B 179 -26.27 29.68 -1.89
CA PRO B 179 -25.02 30.32 -2.32
C PRO B 179 -25.20 31.21 -3.56
N ALA B 180 -24.44 32.30 -3.61
CA ALA B 180 -24.52 33.19 -4.74
C ALA B 180 -23.90 32.55 -5.97
N HIS B 181 -23.31 31.37 -5.81
CA HIS B 181 -22.69 30.63 -6.94
C HIS B 181 -22.28 29.21 -6.53
N PHE B 182 -21.67 28.47 -7.46
CA PHE B 182 -21.13 27.13 -7.19
C PHE B 182 -19.92 27.30 -6.30
N LEU B 183 -19.93 26.64 -5.14
CA LEU B 183 -18.94 26.88 -4.09
C LEU B 183 -17.86 25.81 -3.99
N TYR B 184 -17.97 24.78 -4.84
CA TYR B 184 -17.21 23.53 -4.67
C TYR B 184 -16.40 23.20 -5.92
N GLN B 185 -16.09 24.22 -6.70
CA GLN B 185 -15.36 24.02 -7.92
C GLN B 185 -14.13 23.14 -7.70
N THR B 186 -13.18 23.61 -6.90
CA THR B 186 -11.93 22.88 -6.81
C THR B 186 -12.13 21.63 -5.95
N ASP B 187 -13.08 21.71 -5.02
CA ASP B 187 -13.51 20.54 -4.25
C ASP B 187 -13.85 19.39 -5.17
N ALA B 188 -14.65 19.67 -6.20
CA ALA B 188 -15.10 18.67 -7.16
C ALA B 188 -14.09 18.36 -8.25
N ALA B 189 -13.16 19.26 -8.51
CA ALA B 189 -12.18 19.05 -9.57
C ALA B 189 -10.95 18.33 -9.05
N VAL B 190 -10.64 18.52 -7.76
CA VAL B 190 -9.37 18.03 -7.20
C VAL B 190 -9.52 17.11 -5.98
N ALA B 191 -10.14 17.60 -4.90
CA ALA B 191 -10.31 16.81 -3.68
C ALA B 191 -11.04 15.49 -3.96
N ALA B 192 -12.27 15.60 -4.47
CA ALA B 192 -13.12 14.46 -4.70
C ALA B 192 -12.43 13.36 -5.53
N PRO B 193 -11.87 13.71 -6.69
CA PRO B 193 -11.16 12.70 -7.47
C PRO B 193 -9.98 12.05 -6.74
N ARG B 194 -9.20 12.84 -6.00
CA ARG B 194 -8.08 12.33 -5.20
C ARG B 194 -8.60 11.25 -4.23
N PHE B 195 -9.65 11.58 -3.49
CA PHE B 195 -10.26 10.66 -2.53
C PHE B 195 -10.93 9.48 -3.21
N LEU B 196 -11.58 9.73 -4.34
CA LEU B 196 -12.25 8.63 -5.02
C LEU B 196 -11.21 7.65 -5.53
N GLN B 197 -10.19 8.18 -6.20
CA GLN B 197 -9.09 7.37 -6.75
C GLN B 197 -8.36 6.58 -5.67
N ALA B 198 -8.13 7.20 -4.53
CA ALA B 198 -7.54 6.50 -3.41
C ALA B 198 -8.45 5.39 -2.86
N ARG B 199 -9.78 5.55 -2.97
CA ARG B 199 -10.68 4.52 -2.46
C ARG B 199 -10.91 3.41 -3.44
N ILE B 200 -10.84 3.76 -4.72
CA ILE B 200 -11.03 2.81 -5.79
C ILE B 200 -9.89 1.80 -5.75
N GLY B 201 -8.67 2.33 -5.71
CA GLY B 201 -7.44 1.53 -5.63
C GLY B 201 -7.06 0.80 -6.92
N SER C 9 2.59 36.89 -1.86
CA SER C 9 3.05 35.54 -2.34
C SER C 9 4.27 34.98 -1.54
N SER C 10 4.85 35.82 -0.70
CA SER C 10 5.96 35.43 0.16
C SER C 10 5.45 35.61 1.56
N THR C 11 4.18 35.95 1.60
CA THR C 11 3.43 36.13 2.82
C THR C 11 2.13 35.39 2.67
N ARG C 12 2.00 34.27 3.38
CA ARG C 12 0.75 33.52 3.48
C ARG C 12 0.39 33.46 4.97
N ASN C 13 -0.88 33.67 5.31
CA ASN C 13 -1.33 33.61 6.70
C ASN C 13 -2.66 32.90 6.86
N GLU C 14 -2.85 31.83 6.10
CA GLU C 14 -4.15 31.12 6.02
C GLU C 14 -4.53 30.46 7.35
N LEU C 15 -3.53 30.06 8.12
CA LEU C 15 -3.78 29.50 9.43
C LEU C 15 -4.19 30.59 10.41
N GLU C 16 -3.51 31.74 10.35
CA GLU C 16 -3.79 32.86 11.22
C GLU C 16 -5.21 33.43 11.02
N THR C 17 -5.63 33.58 9.77
CA THR C 17 -6.92 34.19 9.48
C THR C 17 -8.02 33.16 9.39
N GLY C 18 -7.68 31.95 8.95
CA GLY C 18 -8.63 30.83 8.80
C GLY C 18 -9.52 30.59 10.00
N SER C 19 -10.81 30.41 9.76
CA SER C 19 -11.80 30.14 10.81
C SER C 19 -11.93 28.64 11.11
N SER C 20 -12.14 28.34 12.39
CA SER C 20 -12.24 26.96 12.85
C SER C 20 -13.51 26.28 12.36
N SER C 21 -14.29 26.99 11.56
CA SER C 21 -15.49 26.37 11.00
C SER C 21 -15.29 25.86 9.57
N ALA C 22 -14.24 26.32 8.88
CA ALA C 22 -13.86 25.83 7.54
C ALA C 22 -12.55 25.02 7.58
N CYS C 23 -12.53 23.90 8.28
CA CYS C 23 -11.25 23.23 8.51
C CYS C 23 -10.81 22.47 7.28
N PRO C 24 -9.54 22.67 6.86
CA PRO C 24 -9.02 22.03 5.65
C PRO C 24 -8.50 20.64 5.93
N LYS C 25 -8.14 19.90 4.89
CA LYS C 25 -7.56 18.58 5.06
C LYS C 25 -6.13 18.74 5.60
N VAL C 26 -5.43 19.74 5.05
CA VAL C 26 -4.02 19.94 5.34
C VAL C 26 -3.67 21.37 5.82
N ILE C 27 -2.89 21.43 6.89
CA ILE C 27 -2.33 22.69 7.33
C ILE C 27 -0.82 22.60 7.13
N TYR C 28 -0.28 23.50 6.32
CA TYR C 28 1.14 23.48 6.01
C TYR C 28 1.86 24.70 6.62
N ILE C 29 2.77 24.43 7.56
CA ILE C 29 3.50 25.52 8.21
C ILE C 29 4.94 25.52 7.73
N PHE C 30 5.46 26.70 7.37
CA PHE C 30 6.82 26.79 6.82
C PHE C 30 7.70 27.88 7.45
N ALA C 31 8.95 27.50 7.78
CA ALA C 31 9.96 28.45 8.22
C ALA C 31 11.03 28.73 7.16
N ARG C 32 11.14 30.00 6.78
CA ARG C 32 12.01 30.41 5.68
C ARG C 32 13.51 30.43 6.06
N ALA C 33 14.37 30.48 5.04
CA ALA C 33 15.82 30.64 5.22
C ALA C 33 16.16 32.02 5.77
N SER C 34 17.38 32.14 6.33
CA SER C 34 17.92 33.43 6.73
C SER C 34 17.83 34.37 5.56
N THR C 35 17.31 35.57 5.77
CA THR C 35 17.35 36.62 4.75
C THR C 35 16.18 36.61 3.74
N GLU C 36 15.53 35.47 3.53
CA GLU C 36 14.32 35.35 2.69
C GLU C 36 13.20 36.31 3.14
N PRO C 37 12.48 36.91 2.16
CA PRO C 37 11.43 37.92 2.42
C PRO C 37 10.12 37.30 2.89
N GLY C 38 9.20 38.15 3.34
CA GLY C 38 7.89 37.72 3.82
C GLY C 38 8.01 36.74 4.96
N ASN C 39 7.14 35.74 4.96
CA ASN C 39 7.20 34.70 5.99
C ASN C 39 7.33 33.30 5.41
N MET C 40 7.31 33.22 4.08
CA MET C 40 7.41 31.98 3.31
C MET C 40 8.67 31.98 2.47
N GLY C 41 9.29 33.15 2.32
CA GLY C 41 10.47 33.24 1.47
C GLY C 41 10.09 33.10 0.01
N ILE C 42 11.08 32.89 -0.85
CA ILE C 42 10.85 32.82 -2.28
C ILE C 42 11.39 31.54 -2.89
N SER C 43 11.71 30.57 -2.05
CA SER C 43 12.33 29.36 -2.56
C SER C 43 11.60 28.06 -2.17
N ALA C 44 12.15 27.31 -1.23
CA ALA C 44 11.53 26.05 -0.86
C ALA C 44 10.08 26.22 -0.45
N GLY C 45 9.80 27.24 0.36
CA GLY C 45 8.48 27.47 0.92
C GLY C 45 7.35 27.45 -0.08
N PRO C 46 7.30 28.45 -0.97
CA PRO C 46 6.22 28.53 -1.96
C PRO C 46 6.18 27.39 -2.98
N ILE C 47 7.28 26.69 -3.19
CA ILE C 47 7.28 25.55 -4.12
C ILE C 47 6.44 24.42 -3.53
N VAL C 48 6.65 24.15 -2.25
CA VAL C 48 5.97 23.09 -1.51
C VAL C 48 4.50 23.46 -1.28
N ALA C 49 4.21 24.75 -1.06
CA ALA C 49 2.83 25.22 -0.95
C ALA C 49 2.08 24.88 -2.22
N ASP C 50 2.64 25.30 -3.36
CA ASP C 50 2.03 25.13 -4.66
C ASP C 50 1.83 23.69 -4.97
N ALA C 51 2.83 22.89 -4.62
CA ALA C 51 2.76 21.45 -4.84
C ALA C 51 1.60 20.88 -4.04
N LEU C 52 1.51 21.25 -2.76
CA LEU C 52 0.40 20.79 -1.93
C LEU C 52 -0.95 21.30 -2.41
N GLU C 53 -0.98 22.56 -2.84
CA GLU C 53 -2.20 23.14 -3.36
C GLU C 53 -2.67 22.41 -4.61
N ARG C 54 -1.74 22.02 -5.46
CA ARG C 54 -2.06 21.24 -6.65
C ARG C 54 -2.63 19.85 -6.33
N ILE C 55 -2.14 19.22 -5.26
CA ILE C 55 -2.54 17.85 -4.92
C ILE C 55 -3.93 17.78 -4.26
N TYR C 56 -4.26 18.77 -3.43
CA TYR C 56 -5.48 18.73 -2.62
C TYR C 56 -6.53 19.80 -2.97
N GLY C 57 -6.10 20.82 -3.71
CA GLY C 57 -6.94 21.99 -4.01
C GLY C 57 -6.77 23.05 -2.94
N ALA C 58 -6.75 24.32 -3.35
CA ALA C 58 -6.54 25.46 -2.43
C ALA C 58 -7.41 25.45 -1.15
N ASN C 59 -8.71 25.28 -1.31
CA ASN C 59 -9.62 25.19 -0.17
C ASN C 59 -9.30 24.13 0.88
N ASP C 60 -8.52 23.11 0.50
CA ASP C 60 -8.18 22.05 1.43
C ASP C 60 -6.74 22.12 1.91
N VAL C 61 -6.08 23.25 1.67
CA VAL C 61 -4.74 23.49 2.22
C VAL C 61 -4.66 24.88 2.88
N TRP C 62 -4.26 24.91 4.15
CA TRP C 62 -3.92 26.16 4.85
C TRP C 62 -2.40 26.40 4.86
N VAL C 63 -1.91 27.30 4.01
CA VAL C 63 -0.50 27.60 4.00
C VAL C 63 -0.14 28.72 4.98
N GLN C 64 0.80 28.45 5.86
CA GLN C 64 1.20 29.45 6.82
C GLN C 64 2.72 29.61 6.87
N GLY C 65 3.16 30.86 6.85
CA GLY C 65 4.56 31.16 7.11
C GLY C 65 4.76 31.50 8.58
N VAL C 66 5.98 31.27 9.07
CA VAL C 66 6.37 31.57 10.43
C VAL C 66 6.96 32.97 10.40
N GLY C 67 6.10 33.95 10.64
CA GLY C 67 6.48 35.37 10.55
C GLY C 67 6.62 35.98 11.93
N GLY C 68 6.12 37.21 12.09
CA GLY C 68 6.26 37.95 13.34
C GLY C 68 7.68 37.89 13.89
N PRO C 69 7.83 37.54 15.18
CA PRO C 69 9.12 37.43 15.90
C PRO C 69 10.27 36.80 15.11
N TYR C 70 9.99 35.79 14.28
CA TYR C 70 11.04 35.17 13.42
C TYR C 70 11.63 36.09 12.32
N LEU C 71 12.75 36.73 12.65
CA LEU C 71 13.39 37.77 11.83
C LEU C 71 14.24 37.21 10.69
N ALA C 72 14.70 35.96 10.85
CA ALA C 72 15.46 35.26 9.82
C ALA C 72 16.79 35.94 9.50
N ASP C 73 17.34 36.66 10.47
CA ASP C 73 18.66 37.31 10.31
C ASP C 73 19.81 36.29 10.46
N LEU C 74 20.92 36.61 9.81
CA LEU C 74 22.10 35.77 9.80
C LEU C 74 22.66 35.52 11.21
N ALA C 75 22.64 36.54 12.06
CA ALA C 75 23.25 36.46 13.40
C ALA C 75 22.78 35.28 14.24
N SER C 76 21.49 34.99 14.15
CA SER C 76 20.86 34.04 15.06
C SER C 76 21.24 32.58 14.78
N ASN C 77 21.99 32.35 13.70
CA ASN C 77 22.45 31.01 13.36
C ASN C 77 23.44 30.53 14.39
N PHE C 78 24.14 31.48 15.01
CA PHE C 78 25.19 31.21 15.97
C PHE C 78 24.77 30.92 17.41
N LEU C 79 23.49 31.12 17.75
CA LEU C 79 22.97 30.83 19.10
C LEU C 79 22.85 29.31 19.19
N PRO C 80 22.93 28.75 20.42
CA PRO C 80 23.17 27.30 20.55
C PRO C 80 22.19 26.40 19.80
N ASP C 81 20.95 26.85 19.62
CA ASP C 81 19.88 26.04 18.99
C ASP C 81 19.66 26.38 17.52
N GLY C 82 20.53 27.23 16.97
CA GLY C 82 20.51 27.51 15.53
C GLY C 82 19.62 28.65 15.13
N THR C 83 18.89 29.20 16.06
CA THR C 83 17.96 30.29 15.77
C THR C 83 17.47 30.97 17.05
N SER C 84 16.72 32.06 16.90
CA SER C 84 16.18 32.77 18.05
C SER C 84 15.18 31.94 18.80
N SER C 85 15.13 32.19 20.10
CA SER C 85 14.12 31.72 21.00
C SER C 85 12.74 32.20 20.55
N ALA C 86 12.61 33.50 20.30
CA ALA C 86 11.34 34.09 19.89
C ALA C 86 10.82 33.44 18.62
N ALA C 87 11.71 33.15 17.69
CA ALA C 87 11.36 32.46 16.44
C ALA C 87 10.83 31.06 16.71
N ILE C 88 11.44 30.37 17.68
CA ILE C 88 11.01 29.04 18.05
C ILE C 88 9.67 29.16 18.74
N ASN C 89 9.48 30.24 19.51
CA ASN C 89 8.18 30.50 20.13
C ASN C 89 7.12 30.69 19.08
N GLU C 90 7.43 31.45 18.04
CA GLU C 90 6.44 31.72 16.98
C GLU C 90 6.05 30.45 16.23
N ALA C 91 6.97 29.50 16.09
CA ALA C 91 6.62 28.22 15.48
C ALA C 91 5.69 27.45 16.41
N ARG C 92 6.07 27.30 17.68
CA ARG C 92 5.23 26.61 18.67
C ARG C 92 3.78 27.18 18.74
N ARG C 93 3.65 28.50 18.66
CA ARG C 93 2.35 29.14 18.80
C ARG C 93 1.45 28.82 17.60
N LEU C 94 2.03 28.93 16.41
CA LEU C 94 1.40 28.50 15.18
C LEU C 94 0.95 27.03 15.10
N PHE C 95 1.75 26.11 15.64
CA PHE C 95 1.41 24.69 15.70
C PHE C 95 0.25 24.46 16.64
N THR C 96 0.31 25.12 17.80
CA THR C 96 -0.74 25.13 18.81
C THR C 96 -2.00 25.80 18.26
N LEU C 97 -1.84 26.70 17.30
CA LEU C 97 -3.00 27.36 16.71
C LEU C 97 -3.75 26.37 15.80
N ALA C 98 -3.00 25.60 15.02
CA ALA C 98 -3.59 24.56 14.17
C ALA C 98 -4.35 23.51 14.98
N ASN C 99 -3.79 23.09 16.11
CA ASN C 99 -4.41 22.10 17.00
C ASN C 99 -5.69 22.55 17.71
N THR C 100 -5.76 23.82 18.10
CA THR C 100 -6.96 24.30 18.74
C THR C 100 -8.00 24.47 17.64
N LYS C 101 -7.59 25.17 16.58
CA LYS C 101 -8.46 25.58 15.51
C LYS C 101 -8.97 24.39 14.69
N CYS C 102 -8.10 23.42 14.40
CA CYS C 102 -8.46 22.29 13.53
C CYS C 102 -7.85 20.94 13.96
N PRO C 103 -8.34 20.37 15.06
CA PRO C 103 -7.64 19.19 15.57
C PRO C 103 -7.57 18.01 14.56
N ASN C 104 -8.52 17.95 13.64
CA ASN C 104 -8.63 16.84 12.69
C ASN C 104 -7.82 16.98 11.40
N ALA C 105 -7.45 18.21 11.07
CA ALA C 105 -6.62 18.47 9.91
C ALA C 105 -5.23 17.89 10.12
N ALA C 106 -4.61 17.43 9.02
CA ALA C 106 -3.24 16.94 9.07
C ALA C 106 -2.25 18.12 8.95
N ILE C 107 -1.28 18.14 9.85
CA ILE C 107 -0.29 19.21 9.83
C ILE C 107 0.95 18.69 9.12
N VAL C 108 1.45 19.49 8.19
CA VAL C 108 2.76 19.23 7.65
C VAL C 108 3.59 20.50 7.76
N SER C 109 4.89 20.36 7.97
CA SER C 109 5.73 21.53 7.99
C SER C 109 7.00 21.40 7.15
N GLY C 110 7.65 22.54 6.96
CA GLY C 110 8.86 22.68 6.15
C GLY C 110 9.74 23.80 6.70
N GLY C 111 11.05 23.63 6.56
CA GLY C 111 12.01 24.63 6.95
C GLY C 111 13.14 24.69 5.94
N TYR C 112 13.62 25.89 5.63
CA TYR C 112 14.80 26.04 4.81
C TYR C 112 15.91 26.74 5.60
N SER C 113 17.01 26.02 5.76
CA SER C 113 18.26 26.52 6.35
C SER C 113 18.12 26.94 7.82
N GLN C 114 18.10 28.23 8.14
CA GLN C 114 17.78 28.61 9.54
C GLN C 114 16.41 28.04 9.92
N GLY C 115 15.47 28.12 8.99
CA GLY C 115 14.12 27.61 9.18
C GLY C 115 14.09 26.21 9.75
N THR C 116 15.10 25.40 9.42
CA THR C 116 15.16 24.02 9.85
C THR C 116 15.38 23.95 11.35
N ALA C 117 16.10 24.91 11.88
CA ALA C 117 16.35 25.00 13.33
C ALA C 117 15.12 25.56 14.04
N VAL C 118 14.36 26.40 13.34
CA VAL C 118 13.05 26.80 13.84
C VAL C 118 12.18 25.54 13.98
N MET C 119 12.24 24.67 13.00
CA MET C 119 11.44 23.46 13.04
C MET C 119 11.90 22.46 14.11
N ALA C 120 13.20 22.18 14.17
CA ALA C 120 13.75 21.27 15.17
C ALA C 120 13.50 21.76 16.58
N GLY C 121 13.88 23.01 16.83
CA GLY C 121 13.69 23.62 18.14
C GLY C 121 12.24 23.56 18.61
N SER C 122 11.32 23.95 17.72
CA SER C 122 9.93 24.09 18.10
C SER C 122 9.21 22.75 18.26
N ILE C 123 9.25 21.92 17.22
CA ILE C 123 8.57 20.62 17.24
C ILE C 123 8.96 19.81 18.46
N SER C 124 10.24 19.80 18.79
CA SER C 124 10.75 18.89 19.82
C SER C 124 10.16 19.10 21.25
N GLY C 125 9.75 20.34 21.56
CA GLY C 125 9.16 20.66 22.87
C GLY C 125 7.64 20.72 22.85
N LEU C 126 7.02 20.35 21.73
CA LEU C 126 5.58 20.39 21.58
C LEU C 126 4.94 19.24 22.33
N SER C 127 3.64 19.34 22.59
CA SER C 127 2.95 18.27 23.32
C SER C 127 2.80 16.96 22.51
N THR C 128 2.82 15.85 23.25
CA THR C 128 2.52 14.54 22.73
C THR C 128 1.37 14.60 21.73
N THR C 129 0.26 15.23 22.12
CA THR C 129 -0.91 15.30 21.23
C THR C 129 -0.59 16.05 19.93
N ILE C 130 -0.03 17.27 20.02
CA ILE C 130 0.27 18.06 18.79
C ILE C 130 1.27 17.34 17.86
N LYS C 131 2.38 16.83 18.39
CA LYS C 131 3.34 16.10 17.55
C LYS C 131 2.62 15.00 16.78
N ASN C 132 1.60 14.39 17.38
CA ASN C 132 0.83 13.36 16.68
C ASN C 132 0.04 13.89 15.46
N GLN C 133 -0.44 15.13 15.55
CA GLN C 133 -1.11 15.82 14.42
C GLN C 133 -0.19 16.22 13.25
N ILE C 134 1.10 16.40 13.51
CA ILE C 134 2.07 16.68 12.45
C ILE C 134 2.35 15.37 11.72
N LYS C 135 1.82 15.24 10.52
CA LYS C 135 1.99 14.00 9.78
C LYS C 135 3.35 13.83 9.13
N GLY C 136 4.06 14.94 8.91
CA GLY C 136 5.26 14.92 8.10
C GLY C 136 5.99 16.25 8.10
N VAL C 137 7.31 16.18 8.28
CA VAL C 137 8.16 17.37 8.30
C VAL C 137 9.25 17.24 7.25
N VAL C 138 9.35 18.22 6.38
CA VAL C 138 10.43 18.23 5.42
C VAL C 138 11.44 19.28 5.81
N LEU C 139 12.71 18.90 5.78
CA LEU C 139 13.81 19.80 6.13
C LEU C 139 14.83 19.95 4.99
N PHE C 140 14.85 21.16 4.42
CA PHE C 140 15.77 21.50 3.33
C PHE C 140 17.00 22.25 3.85
N GLY C 141 18.17 21.63 3.78
CA GLY C 141 19.40 22.21 4.36
C GLY C 141 19.32 22.32 5.87
N TYR C 142 19.40 21.18 6.56
CA TYR C 142 19.32 21.14 8.02
C TYR C 142 20.64 21.61 8.68
N THR C 143 20.59 22.80 9.30
CA THR C 143 21.77 23.38 9.97
C THR C 143 22.15 22.65 11.27
N LYS C 144 21.29 21.75 11.72
CA LYS C 144 21.58 20.98 12.92
C LYS C 144 21.51 19.50 12.55
N ASN C 145 21.91 19.22 11.31
CA ASN C 145 21.92 17.86 10.78
C ASN C 145 22.95 16.99 11.47
N LEU C 146 24.20 17.46 11.49
CA LEU C 146 25.27 16.77 12.18
C LEU C 146 25.00 16.77 13.71
N GLN C 147 24.68 17.96 14.25
CA GLN C 147 24.44 18.14 15.69
C GLN C 147 23.22 17.39 16.25
N ASN C 148 22.16 17.20 15.45
CA ASN C 148 20.96 16.51 15.98
C ASN C 148 20.87 15.04 15.51
N LEU C 149 21.99 14.52 15.00
CA LEU C 149 22.10 13.14 14.53
C LEU C 149 21.16 12.86 13.38
N GLY C 150 21.01 13.80 12.45
CA GLY C 150 20.12 13.58 11.32
C GLY C 150 18.63 13.61 11.65
N ARG C 151 18.26 13.92 12.89
CA ARG C 151 16.84 13.97 13.27
C ARG C 151 16.37 15.23 14.04
N ILE C 152 15.07 15.25 14.32
CA ILE C 152 14.45 16.22 15.17
C ILE C 152 14.22 15.53 16.51
N PRO C 153 14.86 16.03 17.59
CA PRO C 153 14.84 15.33 18.88
C PRO C 153 13.43 15.18 19.43
N ASN C 154 13.13 14.01 19.99
CA ASN C 154 11.81 13.74 20.56
C ASN C 154 10.70 13.77 19.52
N PHE C 155 11.07 13.65 18.25
CA PHE C 155 10.09 13.59 17.14
C PHE C 155 10.39 12.39 16.27
N GLU C 156 9.34 11.70 15.86
CA GLU C 156 9.45 10.41 15.22
C GLU C 156 10.21 10.52 13.89
N THR C 157 11.25 9.72 13.72
CA THR C 157 12.11 9.80 12.53
C THR C 157 11.37 9.50 11.24
N SER C 158 10.48 8.49 11.29
CA SER C 158 9.68 8.09 10.12
C SER C 158 8.73 9.19 9.67
N LYS C 159 8.46 10.16 10.55
CA LYS C 159 7.67 11.32 10.18
C LYS C 159 8.51 12.53 9.67
N THR C 160 9.82 12.34 9.55
CA THR C 160 10.76 13.41 9.21
C THR C 160 11.58 13.01 8.00
N GLU C 161 11.64 13.86 6.99
CA GLU C 161 12.53 13.67 5.86
C GLU C 161 13.48 14.85 5.68
N VAL C 162 14.76 14.52 5.61
CA VAL C 162 15.81 15.51 5.58
C VAL C 162 16.53 15.50 4.23
N TYR C 163 16.49 16.63 3.53
CA TYR C 163 17.22 16.80 2.28
C TYR C 163 18.46 17.59 2.59
N CYS C 164 19.63 16.96 2.47
CA CYS C 164 20.93 17.65 2.62
C CYS C 164 21.83 17.38 1.43
N ASP C 165 22.03 18.39 0.59
CA ASP C 165 22.92 18.25 -0.56
C ASP C 165 24.34 18.32 -0.05
N ILE C 166 25.23 17.58 -0.70
CA ILE C 166 26.60 17.43 -0.19
C ILE C 166 27.50 18.67 -0.42
N ALA C 167 27.05 19.56 -1.30
CA ALA C 167 27.65 20.87 -1.39
C ALA C 167 27.11 21.86 -0.32
N ASP C 168 25.97 21.56 0.30
CA ASP C 168 25.43 22.45 1.35
C ASP C 168 26.15 22.32 2.71
N ALA C 169 27.03 23.27 3.00
CA ALA C 169 27.96 23.17 4.13
C ALA C 169 27.36 23.31 5.53
N VAL C 170 26.10 23.73 5.61
CA VAL C 170 25.44 23.88 6.91
C VAL C 170 25.08 22.49 7.44
N CYS C 171 25.10 21.52 6.55
CA CYS C 171 24.79 20.12 6.89
C CYS C 171 26.01 19.42 7.48
N TYR C 172 27.10 20.16 7.60
CA TYR C 172 28.39 19.60 7.94
C TYR C 172 28.85 20.06 9.33
N GLY C 173 27.86 20.47 10.15
CA GLY C 173 28.06 20.86 11.54
C GLY C 173 28.86 22.12 11.73
N THR C 174 29.00 22.87 10.64
CA THR C 174 29.56 24.22 10.63
C THR C 174 28.52 25.18 10.02
N LEU C 175 28.85 26.44 9.93
CA LEU C 175 28.09 27.28 9.04
C LEU C 175 28.93 28.29 8.22
N PHE C 176 28.58 28.38 6.94
CA PHE C 176 29.19 29.26 5.98
C PHE C 176 28.16 30.30 5.70
N ILE C 177 28.62 31.52 5.48
CA ILE C 177 27.76 32.64 5.10
C ILE C 177 28.37 33.27 3.85
N LEU C 178 27.55 33.40 2.82
CA LEU C 178 28.02 33.56 1.45
C LEU C 178 26.79 33.49 0.55
N PRO C 179 26.62 34.50 -0.34
CA PRO C 179 25.60 34.37 -1.38
C PRO C 179 25.81 33.08 -2.16
N ALA C 180 24.72 32.41 -2.51
CA ALA C 180 24.77 31.10 -3.14
C ALA C 180 23.44 30.73 -3.75
N HIS C 181 23.48 29.79 -4.67
CA HIS C 181 22.30 29.33 -5.35
C HIS C 181 21.51 28.37 -4.50
N PHE C 182 20.17 28.47 -4.60
CA PHE C 182 19.22 27.62 -3.90
C PHE C 182 19.46 26.17 -4.27
N LEU C 183 19.79 25.34 -3.31
CA LEU C 183 20.21 23.97 -3.63
C LEU C 183 19.09 22.91 -3.77
N TYR C 184 17.85 23.26 -3.43
CA TYR C 184 16.82 22.26 -3.20
C TYR C 184 15.56 22.43 -4.06
N GLN C 185 15.72 22.74 -5.33
CA GLN C 185 14.58 22.91 -6.24
C GLN C 185 13.80 21.60 -6.45
N THR C 186 14.50 20.52 -6.79
CA THR C 186 13.83 19.29 -7.22
C THR C 186 13.31 18.49 -6.03
N ASP C 187 14.01 18.56 -4.91
CA ASP C 187 13.55 17.91 -3.68
C ASP C 187 12.32 18.63 -3.16
N ALA C 188 12.31 19.95 -3.30
CA ALA C 188 11.17 20.73 -2.93
C ALA C 188 9.98 20.45 -3.86
N ALA C 189 10.20 20.45 -5.17
CA ALA C 189 9.09 20.31 -6.14
C ALA C 189 8.54 18.89 -6.26
N VAL C 190 9.43 17.90 -6.10
CA VAL C 190 9.08 16.52 -6.38
C VAL C 190 9.14 15.61 -5.16
N ALA C 191 10.32 15.51 -4.55
CA ALA C 191 10.56 14.50 -3.52
C ALA C 191 9.70 14.72 -2.27
N ALA C 192 9.58 15.99 -1.91
CA ALA C 192 8.99 16.40 -0.65
C ALA C 192 7.49 16.21 -0.63
N PRO C 193 6.78 16.65 -1.70
CA PRO C 193 5.34 16.32 -1.86
C PRO C 193 5.06 14.83 -1.89
N ARG C 194 5.99 14.04 -2.41
CA ARG C 194 5.87 12.57 -2.41
C ARG C 194 5.77 12.07 -0.99
N PHE C 195 6.67 12.58 -0.17
CA PHE C 195 6.78 12.19 1.20
C PHE C 195 5.57 12.72 1.96
N LEU C 196 5.37 14.03 1.91
CA LEU C 196 4.21 14.64 2.51
C LEU C 196 2.92 13.93 2.11
N GLN C 197 2.73 13.74 0.80
CA GLN C 197 1.52 13.07 0.31
C GLN C 197 1.31 11.70 0.91
N ALA C 198 2.40 10.97 1.08
CA ALA C 198 2.31 9.61 1.55
C ALA C 198 1.85 9.54 3.02
N ARG C 199 2.18 10.57 3.81
CA ARG C 199 1.85 10.55 5.24
C ARG C 199 0.45 11.10 5.53
N ILE C 200 0.00 12.05 4.70
CA ILE C 200 -1.24 12.78 4.94
C ILE C 200 -2.49 11.92 4.74
N GLY C 201 -2.57 11.27 3.56
CA GLY C 201 -3.58 10.25 3.27
C GLY C 201 -4.95 10.71 2.78
N GLN D 8 -18.61 -45.60 -24.99
CA GLN D 8 -19.10 -45.40 -23.58
C GLN D 8 -18.22 -44.43 -22.77
N SER D 9 -17.45 -43.61 -23.51
CA SER D 9 -17.00 -42.31 -23.01
C SER D 9 -18.19 -41.33 -23.10
N SER D 10 -19.40 -41.89 -23.17
CA SER D 10 -20.64 -41.13 -23.25
C SER D 10 -21.25 -40.81 -21.89
N THR D 11 -20.55 -41.23 -20.84
CA THR D 11 -20.93 -40.95 -19.44
C THR D 11 -19.77 -40.23 -18.74
N ARG D 12 -19.95 -38.94 -18.51
CA ARG D 12 -18.97 -38.15 -17.81
C ARG D 12 -19.56 -37.67 -16.49
N ASN D 13 -18.82 -37.87 -15.39
CA ASN D 13 -19.32 -37.46 -14.09
C ASN D 13 -18.27 -36.74 -13.27
N GLU D 14 -17.53 -35.82 -13.90
CA GLU D 14 -16.30 -35.31 -13.26
C GLU D 14 -16.60 -34.26 -12.20
N LEU D 15 -17.78 -33.65 -12.32
CA LEU D 15 -18.32 -32.80 -11.27
C LEU D 15 -18.87 -33.59 -10.08
N GLU D 16 -19.63 -34.67 -10.35
CA GLU D 16 -20.18 -35.52 -9.27
C GLU D 16 -19.10 -36.10 -8.43
N THR D 17 -18.02 -36.58 -9.07
CA THR D 17 -16.94 -37.29 -8.34
C THR D 17 -15.70 -36.45 -8.07
N GLY D 18 -15.68 -35.20 -8.54
CA GLY D 18 -14.50 -34.33 -8.36
C GLY D 18 -14.44 -33.81 -6.94
N SER D 19 -13.23 -33.71 -6.38
CA SER D 19 -13.11 -33.22 -5.01
C SER D 19 -13.07 -31.69 -4.89
N SER D 20 -13.69 -31.20 -3.81
CA SER D 20 -13.79 -29.78 -3.51
C SER D 20 -12.45 -29.10 -3.34
N SER D 21 -11.41 -29.88 -3.08
CA SER D 21 -10.08 -29.33 -2.83
C SER D 21 -9.11 -29.52 -4.01
N ALA D 22 -9.63 -30.06 -5.11
CA ALA D 22 -8.93 -30.04 -6.39
C ALA D 22 -9.86 -29.44 -7.46
N CYS D 23 -10.22 -28.16 -7.30
CA CYS D 23 -11.11 -27.47 -8.24
C CYS D 23 -10.43 -27.05 -9.55
N PRO D 24 -11.02 -27.45 -10.69
CA PRO D 24 -10.42 -27.18 -11.98
C PRO D 24 -10.69 -25.74 -12.41
N LYS D 25 -10.04 -25.34 -13.50
CA LYS D 25 -10.27 -24.03 -14.09
C LYS D 25 -11.68 -23.98 -14.62
N VAL D 26 -12.17 -25.11 -15.14
CA VAL D 26 -13.41 -25.12 -15.91
C VAL D 26 -14.36 -26.23 -15.50
N ILE D 27 -15.64 -25.90 -15.39
CA ILE D 27 -16.67 -26.92 -15.23
C ILE D 27 -17.64 -26.84 -16.40
N TYR D 28 -17.77 -27.94 -17.12
CA TYR D 28 -18.57 -27.99 -18.32
C TYR D 28 -19.69 -28.99 -18.15
N ILE D 29 -20.92 -28.46 -18.17
CA ILE D 29 -22.15 -29.22 -17.98
C ILE D 29 -22.93 -29.24 -19.29
N PHE D 30 -23.34 -30.43 -19.73
CA PHE D 30 -23.99 -30.59 -21.04
C PHE D 30 -25.23 -31.49 -20.95
N ALA D 31 -26.24 -31.17 -21.75
CA ALA D 31 -27.48 -31.96 -21.83
C ALA D 31 -27.79 -32.37 -23.28
N ARG D 32 -27.94 -33.68 -23.47
CA ARG D 32 -27.93 -34.31 -24.78
C ARG D 32 -29.28 -34.26 -25.47
N ALA D 33 -29.30 -34.68 -26.74
CA ALA D 33 -30.53 -34.79 -27.53
C ALA D 33 -31.34 -36.02 -27.14
N SER D 34 -32.58 -36.09 -27.61
CA SER D 34 -33.44 -37.25 -27.35
C SER D 34 -32.83 -38.56 -27.82
N THR D 35 -33.10 -39.63 -27.05
CA THR D 35 -32.69 -41.00 -27.38
C THR D 35 -31.22 -41.27 -27.16
N GLU D 36 -30.39 -40.22 -27.20
CA GLU D 36 -28.93 -40.36 -27.04
C GLU D 36 -28.53 -41.17 -25.79
N PRO D 37 -27.43 -41.95 -25.89
CA PRO D 37 -26.92 -42.77 -24.76
C PRO D 37 -26.16 -41.99 -23.69
N GLY D 38 -25.98 -42.59 -22.51
CA GLY D 38 -25.20 -41.98 -21.43
C GLY D 38 -25.79 -40.70 -20.90
N ASN D 39 -24.95 -39.79 -20.44
CA ASN D 39 -25.38 -38.46 -20.04
C ASN D 39 -24.90 -37.35 -20.97
N MET D 40 -23.96 -37.72 -21.85
CA MET D 40 -23.27 -36.80 -22.74
C MET D 40 -23.72 -36.96 -24.19
N GLY D 41 -24.24 -38.13 -24.52
CA GLY D 41 -24.60 -38.47 -25.90
C GLY D 41 -23.33 -38.69 -26.71
N ILE D 42 -23.47 -38.69 -28.04
CA ILE D 42 -22.37 -39.01 -28.96
C ILE D 42 -22.13 -37.97 -30.07
N SER D 43 -22.88 -36.88 -30.02
CA SER D 43 -22.77 -35.81 -31.02
C SER D 43 -22.16 -34.55 -30.39
N ALA D 44 -22.99 -33.54 -30.15
CA ALA D 44 -22.55 -32.24 -29.63
C ALA D 44 -21.71 -32.31 -28.36
N GLY D 45 -22.16 -33.12 -27.40
CA GLY D 45 -21.50 -33.28 -26.11
C GLY D 45 -20.02 -33.58 -26.14
N PRO D 46 -19.64 -34.79 -26.56
CA PRO D 46 -18.22 -35.16 -26.60
C PRO D 46 -17.36 -34.25 -27.49
N ILE D 47 -17.95 -33.63 -28.49
CA ILE D 47 -17.17 -32.79 -29.39
C ILE D 47 -16.69 -31.56 -28.60
N VAL D 48 -17.61 -30.91 -27.90
CA VAL D 48 -17.29 -29.72 -27.10
C VAL D 48 -16.41 -30.12 -25.91
N ALA D 49 -16.74 -31.24 -25.29
CA ALA D 49 -15.92 -31.86 -24.25
C ALA D 49 -14.46 -31.95 -24.64
N ASP D 50 -14.22 -32.49 -25.84
CA ASP D 50 -12.89 -32.67 -26.39
C ASP D 50 -12.20 -31.37 -26.67
N ALA D 51 -12.92 -30.41 -27.27
CA ALA D 51 -12.36 -29.11 -27.52
C ALA D 51 -11.80 -28.47 -26.25
N LEU D 52 -12.63 -28.38 -25.21
CA LEU D 52 -12.19 -27.78 -23.94
C LEU D 52 -10.99 -28.49 -23.31
N GLU D 53 -11.01 -29.81 -23.33
CA GLU D 53 -9.91 -30.59 -22.75
C GLU D 53 -8.60 -30.42 -23.53
N ARG D 54 -8.71 -30.18 -24.83
CA ARG D 54 -7.54 -29.91 -25.70
C ARG D 54 -6.99 -28.50 -25.53
N ILE D 55 -7.88 -27.52 -25.33
CA ILE D 55 -7.50 -26.14 -25.07
C ILE D 55 -6.90 -25.92 -23.68
N TYR D 56 -7.46 -26.56 -22.64
CA TYR D 56 -7.08 -26.28 -21.24
C TYR D 56 -6.35 -27.41 -20.53
N GLY D 57 -6.46 -28.62 -21.09
CA GLY D 57 -5.89 -29.81 -20.48
C GLY D 57 -6.98 -30.58 -19.77
N ALA D 58 -6.93 -31.91 -19.93
CA ALA D 58 -7.87 -32.84 -19.30
C ALA D 58 -8.00 -32.65 -17.77
N ASN D 59 -6.87 -32.38 -17.12
CA ASN D 59 -6.81 -32.20 -15.67
C ASN D 59 -7.50 -30.91 -15.24
N ASP D 60 -7.66 -29.98 -16.18
CA ASP D 60 -8.15 -28.66 -15.84
C ASP D 60 -9.61 -28.38 -16.24
N VAL D 61 -10.32 -29.40 -16.74
CA VAL D 61 -11.74 -29.29 -17.05
C VAL D 61 -12.51 -30.42 -16.34
N TRP D 62 -13.64 -30.09 -15.73
CA TRP D 62 -14.61 -31.12 -15.33
C TRP D 62 -15.75 -31.24 -16.36
N VAL D 63 -15.81 -32.39 -17.02
CA VAL D 63 -16.88 -32.68 -17.96
C VAL D 63 -18.02 -33.40 -17.21
N GLN D 64 -19.25 -32.91 -17.41
CA GLN D 64 -20.39 -33.44 -16.68
C GLN D 64 -21.66 -33.46 -17.55
N GLY D 65 -22.32 -34.60 -17.66
CA GLY D 65 -23.59 -34.64 -18.38
C GLY D 65 -24.74 -34.51 -17.40
N VAL D 66 -25.92 -34.11 -17.89
CA VAL D 66 -27.15 -34.13 -17.11
C VAL D 66 -27.85 -35.47 -17.29
N GLY D 67 -27.56 -36.42 -16.40
CA GLY D 67 -28.15 -37.76 -16.47
C GLY D 67 -29.21 -37.97 -15.40
N GLY D 68 -29.13 -39.13 -14.74
CA GLY D 68 -30.04 -39.49 -13.66
C GLY D 68 -31.49 -39.52 -14.12
N PRO D 69 -32.29 -38.54 -13.66
CA PRO D 69 -33.68 -38.39 -14.08
C PRO D 69 -33.87 -37.86 -15.50
N TYR D 70 -32.90 -37.14 -16.06
CA TYR D 70 -33.09 -36.70 -17.45
C TYR D 70 -32.97 -37.93 -18.34
N LEU D 71 -34.13 -38.43 -18.80
CA LEU D 71 -34.20 -39.71 -19.52
C LEU D 71 -34.00 -39.55 -21.03
N ALA D 72 -34.25 -38.34 -21.52
CA ALA D 72 -34.17 -37.98 -22.95
C ALA D 72 -35.11 -38.74 -23.89
N ASP D 73 -36.31 -39.05 -23.40
CA ASP D 73 -37.35 -39.73 -24.17
C ASP D 73 -38.03 -38.73 -25.09
N LEU D 74 -38.48 -39.20 -26.24
CA LEU D 74 -39.12 -38.32 -27.22
C LEU D 74 -40.47 -37.69 -26.74
N ALA D 75 -41.15 -38.35 -25.80
CA ALA D 75 -42.39 -37.83 -25.27
C ALA D 75 -42.21 -36.40 -24.78
N SER D 76 -41.18 -36.17 -23.98
CA SER D 76 -41.06 -34.95 -23.19
C SER D 76 -40.88 -33.66 -24.01
N ASN D 77 -40.47 -33.74 -25.28
CA ASN D 77 -40.31 -32.53 -26.09
C ASN D 77 -41.64 -31.83 -26.21
N PHE D 78 -42.72 -32.54 -25.85
CA PHE D 78 -44.08 -32.01 -25.97
C PHE D 78 -44.59 -31.29 -24.74
N LEU D 79 -44.12 -31.69 -23.56
CA LEU D 79 -44.45 -31.00 -22.31
C LEU D 79 -44.25 -29.51 -22.54
N PRO D 80 -45.14 -28.65 -21.98
CA PRO D 80 -45.18 -27.20 -22.30
C PRO D 80 -43.82 -26.50 -22.29
N ASP D 81 -42.89 -27.02 -21.49
CA ASP D 81 -41.56 -26.43 -21.34
C ASP D 81 -40.50 -27.02 -22.28
N GLY D 82 -40.91 -28.01 -23.08
CA GLY D 82 -40.06 -28.66 -24.06
C GLY D 82 -39.16 -29.72 -23.45
N THR D 83 -39.42 -30.03 -22.17
CA THR D 83 -38.71 -31.12 -21.46
C THR D 83 -39.35 -31.50 -20.12
N SER D 84 -38.82 -32.54 -19.48
CA SER D 84 -39.28 -32.98 -18.16
C SER D 84 -38.85 -32.02 -17.04
N SER D 85 -39.78 -31.71 -16.13
CA SER D 85 -39.44 -30.88 -14.96
C SER D 85 -38.39 -31.54 -14.05
N ALA D 86 -38.45 -32.86 -13.93
CA ALA D 86 -37.41 -33.60 -13.23
C ALA D 86 -36.02 -33.22 -13.77
N ALA D 87 -35.91 -33.26 -15.11
CA ALA D 87 -34.70 -32.96 -15.89
C ALA D 87 -34.18 -31.55 -15.71
N ILE D 88 -35.07 -30.56 -15.76
CA ILE D 88 -34.72 -29.20 -15.40
C ILE D 88 -34.14 -29.14 -13.96
N ASN D 89 -34.72 -29.89 -13.04
CA ASN D 89 -34.25 -29.84 -11.65
C ASN D 89 -32.91 -30.51 -11.48
N GLU D 90 -32.65 -31.54 -12.30
CA GLU D 90 -31.35 -32.23 -12.29
C GLU D 90 -30.24 -31.32 -12.82
N ALA D 91 -30.58 -30.52 -13.81
CA ALA D 91 -29.64 -29.51 -14.28
C ALA D 91 -29.43 -28.43 -13.21
N ARG D 92 -30.50 -27.93 -12.60
CA ARG D 92 -30.37 -26.99 -11.48
C ARG D 92 -29.52 -27.53 -10.34
N ARG D 93 -29.60 -28.83 -10.12
CA ARG D 93 -28.83 -29.52 -9.11
C ARG D 93 -27.33 -29.51 -9.43
N LEU D 94 -26.98 -29.67 -10.71
CA LEU D 94 -25.58 -29.71 -11.15
C LEU D 94 -24.91 -28.33 -11.23
N PHE D 95 -25.63 -27.31 -11.64
CA PHE D 95 -25.10 -25.97 -11.59
C PHE D 95 -24.86 -25.57 -10.12
N THR D 96 -25.82 -25.87 -9.24
CA THR D 96 -25.73 -25.58 -7.82
C THR D 96 -24.54 -26.31 -7.15
N LEU D 97 -24.38 -27.59 -7.50
CA LEU D 97 -23.30 -28.40 -6.98
C LEU D 97 -22.01 -27.75 -7.46
N ALA D 98 -22.00 -27.30 -8.72
CA ALA D 98 -20.81 -26.64 -9.28
C ALA D 98 -20.43 -25.36 -8.53
N ASN D 99 -21.44 -24.62 -8.07
CA ASN D 99 -21.26 -23.38 -7.32
C ASN D 99 -20.81 -23.60 -5.87
N THR D 100 -21.22 -24.71 -5.27
CA THR D 100 -20.87 -25.02 -3.86
C THR D 100 -19.50 -25.69 -3.73
N LYS D 101 -19.26 -26.69 -4.56
CA LYS D 101 -17.99 -27.41 -4.57
C LYS D 101 -16.82 -26.52 -5.05
N CYS D 102 -17.05 -25.80 -6.16
CA CYS D 102 -16.06 -24.90 -6.76
C CYS D 102 -16.56 -23.50 -7.15
N PRO D 103 -16.72 -22.62 -6.15
CA PRO D 103 -17.25 -21.27 -6.43
C PRO D 103 -16.30 -20.33 -7.23
N ASN D 104 -15.06 -20.76 -7.48
CA ASN D 104 -14.08 -19.93 -8.18
C ASN D 104 -13.82 -20.41 -9.62
N ALA D 105 -14.32 -21.60 -9.93
CA ALA D 105 -14.28 -22.15 -11.28
C ALA D 105 -15.17 -21.36 -12.23
N ALA D 106 -14.71 -21.27 -13.48
CA ALA D 106 -15.53 -20.79 -14.57
C ALA D 106 -16.41 -21.93 -15.07
N ILE D 107 -17.69 -21.64 -15.24
CA ILE D 107 -18.65 -22.62 -15.72
C ILE D 107 -19.10 -22.30 -17.13
N VAL D 108 -19.09 -23.30 -18.01
CA VAL D 108 -19.70 -23.12 -19.31
C VAL D 108 -20.55 -24.34 -19.51
N SER D 109 -21.66 -24.18 -20.23
CA SER D 109 -22.57 -25.30 -20.44
C SER D 109 -23.03 -25.43 -21.88
N GLY D 110 -23.57 -26.60 -22.24
CA GLY D 110 -24.08 -26.85 -23.58
C GLY D 110 -25.41 -27.59 -23.58
N GLY D 111 -26.04 -27.66 -24.75
CA GLY D 111 -27.34 -28.33 -24.89
C GLY D 111 -27.65 -28.62 -26.34
N TYR D 112 -28.17 -29.81 -26.63
CA TYR D 112 -28.48 -30.21 -28.00
C TYR D 112 -29.92 -30.71 -28.15
N SER D 113 -30.73 -29.95 -28.89
CA SER D 113 -32.12 -30.32 -29.15
C SER D 113 -32.98 -30.25 -27.88
N GLN D 114 -33.44 -31.39 -27.33
CA GLN D 114 -34.12 -31.38 -26.04
C GLN D 114 -33.22 -30.81 -24.96
N GLY D 115 -31.93 -31.17 -25.01
CA GLY D 115 -30.94 -30.64 -24.09
C GLY D 115 -30.97 -29.14 -23.94
N THR D 116 -31.19 -28.42 -25.04
CA THR D 116 -31.33 -26.96 -25.02
C THR D 116 -32.50 -26.50 -24.16
N ALA D 117 -33.54 -27.32 -24.10
CA ALA D 117 -34.69 -27.00 -23.26
C ALA D 117 -34.41 -27.31 -21.79
N VAL D 118 -33.66 -28.39 -21.53
CA VAL D 118 -33.08 -28.64 -20.22
C VAL D 118 -32.23 -27.46 -19.77
N MET D 119 -31.49 -26.85 -20.70
CA MET D 119 -30.68 -25.65 -20.39
C MET D 119 -31.55 -24.40 -20.25
N ALA D 120 -32.37 -24.11 -21.24
CA ALA D 120 -33.24 -22.93 -21.16
C ALA D 120 -34.00 -22.94 -19.83
N GLY D 121 -34.58 -24.09 -19.51
CA GLY D 121 -35.39 -24.25 -18.30
C GLY D 121 -34.65 -24.06 -16.99
N SER D 122 -33.44 -24.63 -16.90
CA SER D 122 -32.71 -24.65 -15.63
C SER D 122 -32.09 -23.31 -15.36
N ILE D 123 -31.43 -22.78 -16.38
CA ILE D 123 -30.68 -21.55 -16.24
C ILE D 123 -31.61 -20.39 -15.87
N SER D 124 -32.76 -20.28 -16.54
CA SER D 124 -33.70 -19.18 -16.28
C SER D 124 -34.02 -19.00 -14.78
N GLY D 125 -34.29 -20.10 -14.08
CA GLY D 125 -34.61 -20.06 -12.64
C GLY D 125 -33.46 -20.25 -11.64
N LEU D 126 -32.26 -19.79 -12.00
CA LEU D 126 -31.08 -19.88 -11.13
C LEU D 126 -30.78 -18.50 -10.55
N SER D 127 -30.19 -18.45 -9.35
CA SER D 127 -29.98 -17.19 -8.67
C SER D 127 -28.92 -16.33 -9.39
N THR D 128 -28.86 -15.04 -9.04
CA THR D 128 -27.96 -14.10 -9.72
C THR D 128 -26.52 -14.60 -9.59
N THR D 129 -26.15 -15.00 -8.39
CA THR D 129 -24.78 -15.39 -8.14
C THR D 129 -24.34 -16.61 -8.96
N ILE D 130 -25.25 -17.56 -9.18
CA ILE D 130 -24.94 -18.76 -9.98
C ILE D 130 -24.87 -18.44 -11.47
N LYS D 131 -25.81 -17.63 -11.94
CA LYS D 131 -25.83 -17.24 -13.35
C LYS D 131 -24.57 -16.47 -13.74
N ASN D 132 -23.99 -15.76 -12.78
CA ASN D 132 -22.78 -15.00 -13.05
C ASN D 132 -21.52 -15.88 -13.21
N GLN D 133 -21.60 -17.09 -12.66
CA GLN D 133 -20.49 -18.06 -12.70
C GLN D 133 -20.52 -18.90 -13.99
N ILE D 134 -21.68 -18.97 -14.61
CA ILE D 134 -21.82 -19.61 -15.92
C ILE D 134 -21.36 -18.60 -16.94
N LYS D 135 -20.18 -18.83 -17.50
CA LYS D 135 -19.55 -17.82 -18.34
C LYS D 135 -20.05 -17.83 -19.76
N GLY D 136 -20.56 -18.99 -20.18
CA GLY D 136 -20.99 -19.18 -21.56
C GLY D 136 -21.90 -20.39 -21.76
N VAL D 137 -22.94 -20.21 -22.58
CA VAL D 137 -23.84 -21.29 -22.86
C VAL D 137 -24.00 -21.39 -24.36
N VAL D 138 -23.91 -22.63 -24.85
CA VAL D 138 -24.06 -22.93 -26.27
C VAL D 138 -25.21 -23.91 -26.50
N LEU D 139 -26.14 -23.52 -27.39
CA LEU D 139 -27.30 -24.33 -27.69
C LEU D 139 -27.34 -24.76 -29.16
N PHE D 140 -27.29 -26.06 -29.40
CA PHE D 140 -27.36 -26.58 -30.74
C PHE D 140 -28.75 -27.10 -31.03
N GLY D 141 -29.43 -26.53 -32.01
CA GLY D 141 -30.76 -26.98 -32.37
C GLY D 141 -31.79 -26.68 -31.29
N TYR D 142 -31.90 -25.40 -30.95
CA TYR D 142 -32.75 -24.91 -29.86
C TYR D 142 -34.26 -25.12 -30.08
N THR D 143 -34.80 -26.14 -29.41
CA THR D 143 -36.23 -26.52 -29.51
C THR D 143 -37.21 -25.40 -29.20
N LYS D 144 -36.72 -24.35 -28.56
CA LYS D 144 -37.51 -23.16 -28.26
C LYS D 144 -36.89 -21.87 -28.82
N ASN D 145 -36.38 -21.92 -30.05
CA ASN D 145 -35.92 -20.70 -30.75
C ASN D 145 -36.99 -19.60 -30.72
N LEU D 146 -38.16 -19.92 -31.27
CA LEU D 146 -39.30 -19.01 -31.32
C LEU D 146 -40.02 -18.74 -29.98
N GLN D 147 -40.33 -19.80 -29.24
CA GLN D 147 -41.03 -19.66 -27.97
C GLN D 147 -40.27 -18.81 -26.96
N ASN D 148 -38.94 -18.81 -27.06
CA ASN D 148 -38.09 -18.01 -26.16
C ASN D 148 -37.35 -16.87 -26.82
N LEU D 149 -37.71 -16.56 -28.07
CA LEU D 149 -37.17 -15.40 -28.79
C LEU D 149 -35.67 -15.47 -29.02
N GLY D 150 -35.15 -16.67 -29.25
CA GLY D 150 -33.73 -16.78 -29.63
C GLY D 150 -32.75 -16.76 -28.49
N ARG D 151 -33.25 -16.65 -27.28
CA ARG D 151 -32.37 -16.59 -26.11
C ARG D 151 -32.86 -17.50 -24.98
N ILE D 152 -32.15 -17.42 -23.87
CA ILE D 152 -32.56 -18.02 -22.59
C ILE D 152 -33.19 -16.91 -21.74
N PRO D 153 -34.42 -17.14 -21.26
CA PRO D 153 -35.03 -16.03 -20.52
C PRO D 153 -34.28 -15.86 -19.19
N ASN D 154 -34.03 -14.61 -18.80
CA ASN D 154 -33.28 -14.25 -17.57
C ASN D 154 -31.81 -14.60 -17.55
N PHE D 155 -31.22 -14.71 -18.72
CA PHE D 155 -29.80 -14.98 -18.79
C PHE D 155 -29.34 -14.12 -19.91
N GLU D 156 -28.16 -13.53 -19.74
CA GLU D 156 -27.67 -12.55 -20.67
C GLU D 156 -27.50 -13.20 -22.05
N THR D 157 -27.80 -12.44 -23.11
CA THR D 157 -27.68 -12.95 -24.47
C THR D 157 -26.27 -12.88 -25.02
N SER D 158 -25.43 -12.02 -24.46
CA SER D 158 -24.02 -11.94 -24.91
C SER D 158 -23.19 -13.07 -24.27
N LYS D 159 -23.79 -13.72 -23.28
CA LYS D 159 -23.27 -14.92 -22.66
C LYS D 159 -23.89 -16.18 -23.32
N THR D 160 -24.62 -15.98 -24.42
CA THR D 160 -25.40 -17.07 -25.03
C THR D 160 -25.20 -17.14 -26.52
N GLU D 161 -25.02 -18.35 -27.01
CA GLU D 161 -24.83 -18.57 -28.44
C GLU D 161 -25.74 -19.66 -28.89
N VAL D 162 -26.61 -19.33 -29.83
CA VAL D 162 -27.60 -20.27 -30.28
C VAL D 162 -27.31 -20.69 -31.72
N TYR D 163 -26.94 -21.94 -31.93
CA TYR D 163 -26.86 -22.44 -33.30
C TYR D 163 -28.18 -23.11 -33.73
N CYS D 164 -28.77 -22.60 -34.80
CA CYS D 164 -29.94 -23.21 -35.41
C CYS D 164 -29.73 -23.28 -36.89
N ASP D 165 -29.74 -24.49 -37.43
CA ASP D 165 -29.68 -24.63 -38.87
C ASP D 165 -31.06 -24.33 -39.51
N ILE D 166 -31.03 -23.74 -40.71
CA ILE D 166 -32.24 -23.53 -41.53
C ILE D 166 -33.00 -24.84 -41.79
N ALA D 167 -32.27 -25.96 -41.83
CA ALA D 167 -32.89 -27.27 -42.02
C ALA D 167 -33.49 -27.89 -40.73
N ASP D 168 -33.09 -27.38 -39.57
CA ASP D 168 -33.51 -27.91 -38.29
C ASP D 168 -34.91 -27.48 -37.94
N ALA D 169 -35.87 -28.40 -38.02
CA ALA D 169 -37.27 -27.99 -37.93
C ALA D 169 -37.66 -27.57 -36.53
N VAL D 170 -36.98 -28.12 -35.52
CA VAL D 170 -37.30 -27.81 -34.11
C VAL D 170 -36.97 -26.37 -33.76
N CYS D 171 -36.31 -25.66 -34.66
CA CYS D 171 -36.01 -24.25 -34.44
C CYS D 171 -37.17 -23.34 -34.92
N TYR D 172 -38.28 -23.95 -35.29
CA TYR D 172 -39.39 -23.22 -35.93
C TYR D 172 -40.68 -23.26 -35.11
N GLY D 173 -40.57 -23.65 -33.84
CA GLY D 173 -41.72 -23.69 -32.95
C GLY D 173 -42.58 -24.93 -33.03
N THR D 174 -42.13 -25.93 -33.80
CA THR D 174 -42.86 -27.20 -33.98
C THR D 174 -41.91 -28.39 -33.72
N LEU D 175 -42.31 -29.62 -34.09
CA LEU D 175 -41.50 -30.81 -33.78
C LEU D 175 -41.63 -31.98 -34.73
N PHE D 176 -40.47 -32.47 -35.18
CA PHE D 176 -40.24 -33.84 -35.70
C PHE D 176 -38.91 -34.19 -35.07
N ILE D 177 -38.51 -35.43 -34.80
CA ILE D 177 -39.20 -36.74 -34.86
C ILE D 177 -39.20 -37.43 -36.24
N LEU D 178 -37.98 -37.88 -36.55
CA LEU D 178 -37.55 -38.47 -37.82
C LEU D 178 -36.05 -38.61 -37.69
N PRO D 179 -35.53 -39.86 -37.71
CA PRO D 179 -34.07 -40.03 -37.75
C PRO D 179 -33.48 -39.17 -38.85
N ALA D 180 -32.43 -38.42 -38.52
CA ALA D 180 -31.83 -37.45 -39.44
C ALA D 180 -30.40 -37.16 -39.03
N HIS D 181 -29.55 -36.78 -40.00
CA HIS D 181 -28.15 -36.44 -39.72
C HIS D 181 -28.01 -35.25 -38.79
N PHE D 182 -27.19 -35.47 -37.74
CA PHE D 182 -26.69 -34.41 -36.83
C PHE D 182 -26.19 -33.17 -37.59
N LEU D 183 -26.80 -32.02 -37.30
CA LEU D 183 -26.58 -30.79 -38.10
C LEU D 183 -25.48 -29.83 -37.60
N TYR D 184 -24.84 -30.14 -36.48
CA TYR D 184 -24.02 -29.15 -35.80
C TYR D 184 -22.54 -29.54 -35.59
N GLN D 185 -22.00 -30.24 -36.57
CA GLN D 185 -20.66 -30.80 -36.51
C GLN D 185 -19.59 -29.71 -36.43
N THR D 186 -19.55 -28.87 -37.45
CA THR D 186 -18.53 -27.84 -37.52
C THR D 186 -18.84 -26.78 -36.47
N ASP D 187 -20.12 -26.47 -36.27
CA ASP D 187 -20.55 -25.64 -35.13
C ASP D 187 -20.01 -26.14 -33.78
N ALA D 188 -20.12 -27.44 -33.54
CA ALA D 188 -19.63 -28.05 -32.31
C ALA D 188 -18.10 -28.13 -32.23
N ALA D 189 -17.41 -28.30 -33.36
CA ALA D 189 -15.95 -28.44 -33.32
C ALA D 189 -15.23 -27.09 -33.33
N VAL D 190 -15.82 -26.11 -33.99
CA VAL D 190 -15.16 -24.83 -34.19
C VAL D 190 -15.83 -23.69 -33.42
N ALA D 191 -17.06 -23.35 -33.81
CA ALA D 191 -17.73 -22.13 -33.34
C ALA D 191 -17.94 -22.06 -31.82
N ALA D 192 -18.52 -23.10 -31.24
CA ALA D 192 -18.76 -23.17 -29.81
C ALA D 192 -17.48 -23.13 -28.93
N PRO D 193 -16.47 -23.98 -29.18
CA PRO D 193 -15.24 -23.83 -28.40
C PRO D 193 -14.60 -22.45 -28.50
N ARG D 194 -14.81 -21.78 -29.62
CA ARG D 194 -14.25 -20.45 -29.84
C ARG D 194 -14.95 -19.43 -28.95
N PHE D 195 -16.28 -19.48 -28.96
CA PHE D 195 -17.12 -18.65 -28.11
C PHE D 195 -16.76 -18.92 -26.64
N LEU D 196 -16.86 -20.19 -26.24
CA LEU D 196 -16.59 -20.60 -24.87
C LEU D 196 -15.21 -20.16 -24.37
N GLN D 197 -14.18 -20.43 -25.16
CA GLN D 197 -12.84 -19.91 -24.87
C GLN D 197 -12.78 -18.39 -24.67
N ALA D 198 -13.42 -17.61 -25.53
CA ALA D 198 -13.44 -16.17 -25.34
C ALA D 198 -14.12 -15.74 -24.02
N ARG D 199 -15.27 -16.35 -23.69
CA ARG D 199 -16.02 -15.97 -22.49
C ARG D 199 -15.33 -16.38 -21.19
N ILE D 200 -14.54 -17.46 -21.22
CA ILE D 200 -13.80 -17.96 -20.04
C ILE D 200 -12.62 -17.07 -19.57
N GLY D 201 -11.79 -16.60 -20.51
CA GLY D 201 -10.58 -15.83 -20.19
C GLY D 201 -9.39 -16.65 -19.62
N SER E 9 27.65 18.43 -8.99
CA SER E 9 26.74 17.48 -9.74
C SER E 9 27.32 17.10 -11.12
N SER E 10 28.55 17.53 -11.36
CA SER E 10 29.42 16.97 -12.40
C SER E 10 30.11 15.72 -11.86
N THR E 11 30.12 15.56 -10.53
CA THR E 11 30.70 14.37 -9.93
C THR E 11 29.69 13.58 -9.11
N ARG E 12 29.43 12.35 -9.52
CA ARG E 12 28.49 11.48 -8.82
C ARG E 12 29.15 10.13 -8.54
N ASN E 13 29.23 9.75 -7.26
CA ASN E 13 29.89 8.48 -6.87
C ASN E 13 29.04 7.57 -6.05
N GLU E 14 27.74 7.61 -6.30
CA GLU E 14 26.81 6.92 -5.44
C GLU E 14 26.93 5.40 -5.49
N LEU E 15 27.38 4.85 -6.62
CA LEU E 15 27.69 3.43 -6.68
C LEU E 15 28.99 3.12 -5.96
N GLU E 16 30.01 3.95 -6.17
CA GLU E 16 31.25 3.79 -5.42
C GLU E 16 31.06 3.73 -3.88
N THR E 17 29.97 4.31 -3.36
CA THR E 17 29.82 4.56 -1.92
C THR E 17 28.58 4.00 -1.29
N GLY E 18 27.64 3.52 -2.11
CA GLY E 18 26.43 2.91 -1.60
C GLY E 18 26.64 1.60 -0.84
N SER E 19 25.84 1.40 0.19
CA SER E 19 25.90 0.24 1.06
C SER E 19 25.24 -0.93 0.37
N SER E 20 25.78 -2.14 0.48
CA SER E 20 25.02 -3.27 -0.12
C SER E 20 23.77 -3.65 0.68
N SER E 21 23.53 -2.93 1.78
CA SER E 21 22.37 -3.16 2.64
C SER E 21 21.25 -2.13 2.38
N ALA E 22 21.31 -1.47 1.24
CA ALA E 22 20.30 -0.50 0.88
C ALA E 22 20.25 -0.39 -0.64
N CYS E 23 19.93 -1.52 -1.29
CA CYS E 23 20.07 -1.59 -2.73
C CYS E 23 18.95 -0.86 -3.50
N PRO E 24 19.34 -0.04 -4.48
CA PRO E 24 18.33 0.73 -5.20
C PRO E 24 17.63 -0.13 -6.26
N LYS E 25 16.48 0.31 -6.76
CA LYS E 25 15.93 -0.28 -7.98
C LYS E 25 16.96 -0.19 -9.11
N VAL E 26 17.43 1.05 -9.36
CA VAL E 26 18.25 1.35 -10.51
C VAL E 26 19.63 1.84 -10.15
N ILE E 27 20.60 1.38 -10.94
CA ILE E 27 21.95 1.85 -10.87
C ILE E 27 22.30 2.37 -12.26
N TYR E 28 22.70 3.63 -12.31
CA TYR E 28 22.95 4.32 -13.54
C TYR E 28 24.41 4.75 -13.59
N ILE E 29 25.08 4.26 -14.62
CA ILE E 29 26.48 4.49 -14.86
C ILE E 29 26.55 5.33 -16.15
N PHE E 30 27.28 6.43 -16.11
CA PHE E 30 27.45 7.26 -17.29
C PHE E 30 28.90 7.65 -17.57
N ALA E 31 29.25 7.67 -18.85
CA ALA E 31 30.54 8.20 -19.30
C ALA E 31 30.42 9.48 -20.15
N ARG E 32 31.10 10.53 -19.69
CA ARG E 32 31.00 11.87 -20.26
C ARG E 32 31.69 11.97 -21.63
N ALA E 33 31.48 13.11 -22.30
CA ALA E 33 32.14 13.42 -23.57
C ALA E 33 33.52 14.01 -23.33
N SER E 34 34.31 14.16 -24.39
CA SER E 34 35.66 14.76 -24.28
C SER E 34 35.60 16.08 -23.54
N THR E 35 36.50 16.26 -22.57
CA THR E 35 36.73 17.54 -21.82
C THR E 35 35.54 18.06 -21.00
N GLU E 36 34.49 17.25 -20.85
CA GLU E 36 33.44 17.58 -19.91
C GLU E 36 33.98 17.38 -18.50
N PRO E 37 33.66 18.29 -17.55
CA PRO E 37 34.13 18.27 -16.14
C PRO E 37 33.65 17.07 -15.35
N GLY E 38 34.35 16.78 -14.25
CA GLY E 38 33.95 15.73 -13.28
C GLY E 38 33.99 14.31 -13.82
N ASN E 39 32.99 13.52 -13.42
CA ASN E 39 32.79 12.19 -13.99
C ASN E 39 31.44 12.06 -14.67
N MET E 40 30.62 13.10 -14.55
CA MET E 40 29.27 13.11 -15.14
C MET E 40 29.08 14.12 -16.27
N GLY E 41 29.99 15.07 -16.42
CA GLY E 41 29.87 16.09 -17.45
C GLY E 41 28.88 17.17 -17.06
N ILE E 42 28.53 18.02 -18.03
CA ILE E 42 27.58 19.11 -17.78
C ILE E 42 26.36 19.05 -18.72
N SER E 43 26.09 17.90 -19.32
CA SER E 43 24.99 17.87 -20.29
C SER E 43 24.14 16.58 -20.29
N ALA E 44 24.38 15.68 -21.24
CA ALA E 44 23.57 14.44 -21.34
C ALA E 44 23.60 13.55 -20.11
N GLY E 45 24.72 13.49 -19.40
CA GLY E 45 24.79 12.74 -18.14
C GLY E 45 23.81 13.15 -17.04
N PRO E 46 23.94 14.38 -16.52
CA PRO E 46 23.04 14.94 -15.50
C PRO E 46 21.59 15.06 -15.92
N ILE E 47 21.34 15.16 -17.22
CA ILE E 47 19.98 15.26 -17.72
C ILE E 47 19.23 13.95 -17.49
N VAL E 48 19.88 12.85 -17.89
CA VAL E 48 19.37 11.49 -17.67
C VAL E 48 19.29 11.17 -16.17
N ALA E 49 20.33 11.49 -15.41
CA ALA E 49 20.31 11.33 -13.95
C ALA E 49 19.11 12.00 -13.27
N ASP E 50 18.82 13.23 -13.66
CA ASP E 50 17.65 13.96 -13.18
C ASP E 50 16.30 13.33 -13.49
N ALA E 51 16.14 12.84 -14.71
CA ALA E 51 14.93 12.16 -15.14
C ALA E 51 14.73 10.84 -14.39
N LEU E 52 15.80 10.08 -14.21
CA LEU E 52 15.69 8.84 -13.46
C LEU E 52 15.35 9.16 -12.02
N GLU E 53 15.93 10.26 -11.51
CA GLU E 53 15.64 10.79 -10.18
C GLU E 53 14.19 11.23 -10.04
N ARG E 54 13.66 11.92 -11.04
CA ARG E 54 12.26 12.36 -11.01
C ARG E 54 11.29 11.18 -11.07
N ILE E 55 11.66 10.13 -11.79
CA ILE E 55 10.76 9.01 -11.98
C ILE E 55 10.75 8.06 -10.80
N TYR E 56 11.92 7.75 -10.25
CA TYR E 56 12.02 6.71 -9.22
C TYR E 56 12.31 7.22 -7.81
N GLY E 57 12.91 8.41 -7.72
CA GLY E 57 13.27 9.04 -6.42
C GLY E 57 14.74 8.83 -6.11
N ALA E 58 15.38 9.82 -5.50
CA ALA E 58 16.82 9.72 -5.24
C ALA E 58 17.18 8.54 -4.36
N ASN E 59 16.38 8.30 -3.33
CA ASN E 59 16.53 7.16 -2.41
C ASN E 59 16.31 5.78 -3.07
N ASP E 60 16.47 5.76 -4.39
CA ASP E 60 16.29 4.54 -5.19
C ASP E 60 17.00 4.51 -6.53
N VAL E 61 17.91 5.46 -6.75
CA VAL E 61 18.79 5.43 -7.90
C VAL E 61 20.18 5.78 -7.41
N TRP E 62 21.13 4.95 -7.83
CA TRP E 62 22.53 5.27 -7.71
C TRP E 62 23.04 5.84 -9.03
N VAL E 63 23.55 7.06 -8.92
CA VAL E 63 24.09 7.77 -10.07
C VAL E 63 25.60 7.68 -9.94
N GLN E 64 26.25 7.18 -10.98
CA GLN E 64 27.70 7.00 -10.98
C GLN E 64 28.32 7.42 -12.30
N GLY E 65 29.28 8.34 -12.21
CA GLY E 65 30.13 8.69 -13.33
C GLY E 65 31.30 7.74 -13.49
N VAL E 66 31.69 7.51 -14.74
CA VAL E 66 32.91 6.78 -15.02
C VAL E 66 34.04 7.77 -14.93
N GLY E 67 34.63 7.90 -13.75
CA GLY E 67 35.77 8.78 -13.55
C GLY E 67 37.07 8.03 -13.49
N GLY E 68 37.96 8.46 -12.59
CA GLY E 68 39.25 7.80 -12.39
C GLY E 68 40.14 7.98 -13.61
N PRO E 69 40.71 6.86 -14.12
CA PRO E 69 41.54 6.78 -15.34
C PRO E 69 40.95 7.50 -16.57
N TYR E 70 39.63 7.41 -16.76
CA TYR E 70 38.95 8.08 -17.88
C TYR E 70 39.08 9.59 -17.77
N LEU E 71 39.96 10.15 -18.57
CA LEU E 71 40.24 11.57 -18.56
C LEU E 71 39.38 12.37 -19.52
N ALA E 72 38.69 11.70 -20.44
CA ALA E 72 37.91 12.38 -21.46
C ALA E 72 38.77 13.35 -22.26
N ASP E 73 40.02 12.94 -22.46
CA ASP E 73 40.99 13.72 -23.18
C ASP E 73 40.71 13.54 -24.67
N LEU E 74 41.09 14.55 -25.46
CA LEU E 74 40.77 14.60 -26.89
C LEU E 74 41.53 13.59 -27.73
N ALA E 75 42.81 13.41 -27.41
CA ALA E 75 43.65 12.44 -28.10
C ALA E 75 43.02 11.04 -28.09
N SER E 76 42.44 10.67 -26.97
CA SER E 76 42.06 9.29 -26.72
C SER E 76 41.00 8.75 -27.64
N ASN E 77 40.24 9.64 -28.28
CA ASN E 77 39.25 9.23 -29.24
C ASN E 77 39.88 8.48 -30.40
N PHE E 78 41.16 8.74 -30.67
CA PHE E 78 41.82 8.35 -31.93
C PHE E 78 42.48 6.99 -31.88
N LEU E 79 42.39 6.37 -30.73
CA LEU E 79 42.86 5.03 -30.56
C LEU E 79 41.83 4.11 -31.19
N PRO E 80 42.24 2.88 -31.56
CA PRO E 80 41.34 1.92 -32.24
C PRO E 80 40.00 1.71 -31.52
N ASP E 81 40.03 1.52 -30.20
CA ASP E 81 38.76 1.33 -29.49
C ASP E 81 38.04 2.63 -29.15
N GLY E 82 38.57 3.76 -29.63
CA GLY E 82 37.84 5.02 -29.58
C GLY E 82 37.87 5.73 -28.24
N THR E 83 38.68 5.20 -27.34
CA THR E 83 39.03 5.83 -26.07
C THR E 83 40.24 5.10 -25.48
N SER E 84 40.75 5.58 -24.35
CA SER E 84 41.89 4.91 -23.69
C SER E 84 41.51 3.51 -23.21
N SER E 85 42.50 2.62 -23.15
CA SER E 85 42.27 1.28 -22.62
C SER E 85 41.85 1.31 -21.15
N ALA E 86 42.54 2.11 -20.34
CA ALA E 86 42.24 2.20 -18.92
C ALA E 86 40.84 2.79 -18.62
N ALA E 87 40.29 3.54 -19.57
CA ALA E 87 38.93 4.06 -19.48
C ALA E 87 37.92 2.93 -19.53
N ILE E 88 38.06 2.08 -20.54
CA ILE E 88 37.32 0.82 -20.67
C ILE E 88 37.38 -0.05 -19.40
N ASN E 89 38.56 -0.27 -18.84
CA ASN E 89 38.70 -1.13 -17.65
C ASN E 89 37.95 -0.64 -16.40
N GLU E 90 37.97 0.68 -16.22
CA GLU E 90 37.27 1.35 -15.15
C GLU E 90 35.77 1.12 -15.26
N ALA E 91 35.19 1.49 -16.39
CA ALA E 91 33.79 1.18 -16.64
C ALA E 91 33.42 -0.27 -16.24
N ARG E 92 34.25 -1.23 -16.66
CA ARG E 92 34.10 -2.65 -16.29
C ARG E 92 34.15 -2.88 -14.78
N ARG E 93 34.99 -2.10 -14.10
CA ARG E 93 35.14 -2.20 -12.65
C ARG E 93 33.88 -1.71 -11.96
N LEU E 94 33.24 -0.69 -12.56
CA LEU E 94 32.01 -0.13 -12.02
C LEU E 94 30.82 -1.02 -12.32
N PHE E 95 30.74 -1.51 -13.56
CA PHE E 95 29.74 -2.50 -13.90
C PHE E 95 29.84 -3.74 -13.00
N THR E 96 31.07 -4.13 -12.64
CA THR E 96 31.27 -5.30 -11.78
C THR E 96 30.95 -4.97 -10.34
N LEU E 97 31.33 -3.79 -9.88
CA LEU E 97 30.98 -3.36 -8.53
C LEU E 97 29.46 -3.40 -8.38
N ALA E 98 28.74 -2.93 -9.39
CA ALA E 98 27.28 -3.04 -9.42
C ALA E 98 26.77 -4.49 -9.30
N ASN E 99 27.29 -5.38 -10.15
CA ASN E 99 26.95 -6.80 -10.06
C ASN E 99 27.30 -7.44 -8.71
N THR E 100 28.44 -7.03 -8.15
CA THR E 100 28.91 -7.52 -6.84
C THR E 100 28.05 -7.02 -5.70
N LYS E 101 27.77 -5.71 -5.72
CA LYS E 101 27.01 -5.03 -4.67
C LYS E 101 25.51 -5.35 -4.70
N CYS E 102 24.87 -5.25 -5.87
CA CYS E 102 23.43 -5.53 -5.97
C CYS E 102 23.11 -6.32 -7.24
N PRO E 103 23.16 -7.66 -7.16
CA PRO E 103 23.03 -8.44 -8.38
C PRO E 103 21.58 -8.46 -8.89
N ASN E 104 20.66 -7.92 -8.11
CA ASN E 104 19.23 -7.94 -8.44
C ASN E 104 18.68 -6.55 -8.72
N ALA E 105 19.59 -5.59 -8.89
CA ALA E 105 19.26 -4.24 -9.31
C ALA E 105 19.47 -4.07 -10.82
N ALA E 106 18.49 -3.43 -11.47
CA ALA E 106 18.60 -3.04 -12.87
C ALA E 106 19.75 -2.04 -13.05
N ILE E 107 20.70 -2.38 -13.89
CA ILE E 107 21.76 -1.47 -14.26
C ILE E 107 21.32 -0.80 -15.55
N VAL E 108 21.51 0.53 -15.62
CA VAL E 108 21.39 1.26 -16.88
C VAL E 108 22.64 2.10 -17.11
N SER E 109 23.04 2.24 -18.36
CA SER E 109 24.16 3.13 -18.65
C SER E 109 23.92 4.12 -19.78
N GLY E 110 24.89 5.01 -19.97
CA GLY E 110 24.79 6.01 -20.99
C GLY E 110 26.18 6.42 -21.37
N GLY E 111 26.29 6.91 -22.59
CA GLY E 111 27.51 7.54 -23.04
C GLY E 111 27.13 8.81 -23.79
N TYR E 112 28.01 9.80 -23.72
CA TYR E 112 27.88 10.90 -24.62
C TYR E 112 29.21 10.96 -25.36
N SER E 113 29.14 10.78 -26.68
CA SER E 113 30.29 11.01 -27.56
C SER E 113 31.45 10.06 -27.19
N GLN E 114 32.61 10.58 -26.82
CA GLN E 114 33.70 9.66 -26.37
C GLN E 114 33.18 8.64 -25.36
N GLY E 115 32.40 9.10 -24.38
CA GLY E 115 31.75 8.23 -23.41
C GLY E 115 31.03 7.03 -23.99
N THR E 116 30.45 7.18 -25.18
CA THR E 116 29.77 6.05 -25.85
C THR E 116 30.76 4.94 -26.31
N ALA E 117 32.01 5.32 -26.51
CA ALA E 117 33.05 4.35 -26.84
C ALA E 117 33.42 3.58 -25.58
N VAL E 118 33.50 4.30 -24.48
CA VAL E 118 33.71 3.68 -23.16
C VAL E 118 32.66 2.61 -22.85
N MET E 119 31.40 2.90 -23.17
CA MET E 119 30.30 1.97 -22.94
C MET E 119 30.35 0.73 -23.85
N ALA E 120 30.52 0.95 -25.15
CA ALA E 120 30.65 -0.15 -26.12
C ALA E 120 31.90 -0.94 -25.85
N GLY E 121 32.97 -0.23 -25.56
CA GLY E 121 34.27 -0.84 -25.34
C GLY E 121 34.17 -1.79 -24.18
N SER E 122 33.69 -1.29 -23.05
CA SER E 122 33.68 -2.04 -21.78
C SER E 122 32.60 -3.11 -21.71
N ILE E 123 31.39 -2.78 -22.14
CA ILE E 123 30.27 -3.68 -22.05
C ILE E 123 30.51 -4.91 -22.90
N SER E 124 30.80 -4.71 -24.18
CA SER E 124 31.01 -5.83 -25.12
C SER E 124 31.92 -6.95 -24.56
N GLY E 125 32.64 -6.67 -23.48
CA GLY E 125 33.59 -7.63 -22.96
C GLY E 125 33.21 -8.24 -21.64
N LEU E 126 32.06 -7.84 -21.12
CA LEU E 126 31.58 -8.27 -19.80
C LEU E 126 30.96 -9.67 -19.86
N SER E 127 31.07 -10.41 -18.75
CA SER E 127 30.37 -11.70 -18.58
C SER E 127 28.89 -11.63 -18.96
N THR E 128 28.31 -12.80 -19.19
CA THR E 128 26.87 -12.94 -19.50
C THR E 128 25.97 -12.49 -18.33
N THR E 129 26.35 -12.82 -17.11
CA THR E 129 25.51 -12.44 -15.98
C THR E 129 25.39 -10.93 -15.88
N ILE E 130 26.53 -10.26 -15.88
CA ILE E 130 26.56 -8.79 -15.81
C ILE E 130 25.86 -8.15 -17.03
N LYS E 131 26.15 -8.65 -18.23
CA LYS E 131 25.46 -8.17 -19.41
C LYS E 131 23.95 -8.25 -19.25
N ASN E 132 23.44 -9.33 -18.65
CA ASN E 132 22.00 -9.48 -18.40
C ASN E 132 21.46 -8.54 -17.35
N GLN E 133 22.36 -7.95 -16.55
CA GLN E 133 21.92 -7.09 -15.46
C GLN E 133 21.67 -5.69 -15.99
N ILE E 134 22.43 -5.32 -17.02
CA ILE E 134 22.27 -4.05 -17.70
C ILE E 134 21.02 -4.15 -18.55
N LYS E 135 19.98 -3.36 -18.23
CA LYS E 135 18.69 -3.49 -18.93
C LYS E 135 18.57 -2.56 -20.15
N GLY E 136 19.41 -1.53 -20.17
CA GLY E 136 19.24 -0.42 -21.08
C GLY E 136 20.49 0.42 -21.14
N VAL E 137 21.01 0.60 -22.34
CA VAL E 137 22.15 1.46 -22.54
C VAL E 137 21.72 2.49 -23.55
N VAL E 138 22.01 3.77 -23.24
CA VAL E 138 21.72 4.87 -24.15
C VAL E 138 22.99 5.58 -24.59
N LEU E 139 23.15 5.75 -25.90
CA LEU E 139 24.37 6.31 -26.44
C LEU E 139 24.10 7.61 -27.19
N PHE E 140 24.45 8.75 -26.58
CA PHE E 140 24.32 10.04 -27.23
C PHE E 140 25.55 10.40 -28.06
N GLY E 141 25.41 10.35 -29.38
CA GLY E 141 26.49 10.68 -30.30
C GLY E 141 27.54 9.59 -30.36
N TYR E 142 27.13 8.38 -30.74
CA TYR E 142 27.99 7.19 -30.74
C TYR E 142 29.15 7.29 -31.73
N THR E 143 30.35 7.49 -31.19
CA THR E 143 31.52 7.81 -32.02
C THR E 143 31.96 6.62 -32.82
N LYS E 144 31.53 5.44 -32.38
CA LYS E 144 31.80 4.22 -33.11
C LYS E 144 30.58 3.77 -33.88
N ASN E 145 29.58 4.64 -34.00
CA ASN E 145 28.39 4.29 -34.74
C ASN E 145 28.69 3.58 -36.05
N LEU E 146 29.57 4.16 -36.86
CA LEU E 146 29.93 3.59 -38.17
C LEU E 146 30.69 2.25 -38.05
N GLN E 147 31.73 2.19 -37.22
CA GLN E 147 32.56 0.99 -37.09
C GLN E 147 31.79 -0.21 -36.49
N ASN E 148 30.95 0.06 -35.51
CA ASN E 148 30.20 -1.03 -34.87
C ASN E 148 28.82 -1.24 -35.44
N LEU E 149 28.63 -0.82 -36.68
CA LEU E 149 27.35 -1.01 -37.39
C LEU E 149 26.13 -0.71 -36.49
N GLY E 150 26.15 0.47 -35.86
CA GLY E 150 25.03 0.94 -35.03
C GLY E 150 24.67 0.13 -33.79
N ARG E 151 25.58 -0.68 -33.29
CA ARG E 151 25.30 -1.49 -32.10
C ARG E 151 26.49 -1.59 -31.13
N ILE E 152 26.35 -2.35 -30.06
CA ILE E 152 27.49 -2.65 -29.21
C ILE E 152 27.85 -4.12 -29.43
N PRO E 153 29.07 -4.40 -29.93
CA PRO E 153 29.52 -5.79 -30.12
C PRO E 153 28.96 -6.72 -29.01
N ASN E 154 28.38 -7.85 -29.44
CA ASN E 154 27.97 -8.90 -28.51
C ASN E 154 27.05 -8.36 -27.40
N PHE E 155 26.19 -7.41 -27.74
CA PHE E 155 25.19 -6.97 -26.79
C PHE E 155 23.85 -6.79 -27.47
N GLU E 156 22.79 -7.31 -26.87
CA GLU E 156 21.45 -7.30 -27.49
C GLU E 156 21.16 -5.92 -27.99
N THR E 157 20.63 -5.84 -29.20
CA THR E 157 20.36 -4.52 -29.79
C THR E 157 19.08 -3.96 -29.22
N SER E 158 18.24 -4.83 -28.67
CA SER E 158 16.99 -4.42 -28.06
C SER E 158 17.19 -3.78 -26.69
N LYS E 159 18.40 -3.86 -26.14
CA LYS E 159 18.71 -3.13 -24.90
C LYS E 159 19.53 -1.88 -25.19
N THR E 160 19.63 -1.51 -26.46
CA THR E 160 20.46 -0.41 -26.89
C THR E 160 19.66 0.58 -27.71
N GLU E 161 19.71 1.86 -27.33
CA GLU E 161 19.12 2.91 -28.13
C GLU E 161 20.22 3.88 -28.48
N VAL E 162 20.46 4.05 -29.78
CA VAL E 162 21.47 4.97 -30.27
C VAL E 162 20.79 6.25 -30.74
N TYR E 163 21.32 7.36 -30.26
CA TYR E 163 20.82 8.65 -30.64
C TYR E 163 21.90 9.35 -31.43
N CYS E 164 21.94 9.10 -32.72
CA CYS E 164 22.86 9.79 -33.58
C CYS E 164 22.10 10.83 -34.39
N ASP E 165 22.55 12.08 -34.33
CA ASP E 165 21.98 13.23 -35.05
C ASP E 165 22.69 13.41 -36.39
N ILE E 166 21.99 13.94 -37.41
CA ILE E 166 22.60 14.01 -38.75
C ILE E 166 23.70 15.04 -38.92
N ALA E 167 23.77 15.98 -37.98
CA ALA E 167 24.76 17.04 -37.99
C ALA E 167 25.95 16.76 -37.07
N ASP E 168 26.03 15.55 -36.50
CA ASP E 168 27.16 15.14 -35.65
C ASP E 168 28.15 14.25 -36.39
N ALA E 169 29.34 14.79 -36.63
CA ALA E 169 30.41 14.11 -37.36
C ALA E 169 30.87 12.79 -36.78
N VAL E 170 30.81 12.66 -35.46
CA VAL E 170 31.33 11.48 -34.76
C VAL E 170 30.56 10.25 -35.19
N CYS E 171 29.31 10.47 -35.57
CA CYS E 171 28.39 9.40 -35.92
C CYS E 171 28.72 8.81 -37.27
N TYR E 172 29.53 9.54 -38.03
CA TYR E 172 30.02 9.14 -39.33
C TYR E 172 31.51 8.80 -39.28
N GLY E 173 32.01 8.31 -38.16
CA GLY E 173 33.43 7.88 -38.06
C GLY E 173 34.48 8.95 -38.32
N THR E 174 34.22 10.17 -37.85
CA THR E 174 35.06 11.32 -38.13
C THR E 174 35.13 12.18 -36.89
N LEU E 175 36.28 12.83 -36.64
CA LEU E 175 36.51 13.42 -35.31
C LEU E 175 36.89 14.90 -35.14
N PHE E 176 36.96 15.69 -36.22
CA PHE E 176 37.41 17.11 -36.10
C PHE E 176 36.32 18.21 -35.99
N ILE E 177 35.31 18.10 -36.83
CA ILE E 177 34.27 19.11 -36.89
C ILE E 177 33.23 18.69 -35.87
N LEU E 178 33.14 19.39 -34.78
CA LEU E 178 32.21 19.03 -33.77
C LEU E 178 30.93 19.82 -33.99
N PRO E 179 29.82 19.27 -33.51
CA PRO E 179 28.70 20.07 -33.16
C PRO E 179 28.94 21.38 -32.54
N ALA E 180 28.23 22.28 -33.14
CA ALA E 180 28.24 23.71 -32.84
C ALA E 180 27.63 24.01 -31.49
N HIS E 181 26.66 23.17 -31.10
CA HIS E 181 25.97 23.22 -29.80
C HIS E 181 25.57 21.79 -29.35
N PHE E 182 25.16 21.64 -28.10
CA PHE E 182 24.69 20.34 -27.62
C PHE E 182 23.51 19.86 -28.47
N LEU E 183 23.69 18.70 -29.09
CA LEU E 183 22.72 18.21 -30.04
C LEU E 183 21.62 17.30 -29.50
N TYR E 184 21.58 17.06 -28.18
CA TYR E 184 20.72 15.97 -27.63
C TYR E 184 19.79 16.28 -26.41
N GLN E 185 19.44 17.54 -26.22
CA GLN E 185 18.57 17.91 -25.11
C GLN E 185 17.33 17.03 -25.08
N THR E 186 16.58 16.97 -26.16
CA THR E 186 15.28 16.34 -26.06
C THR E 186 15.36 14.81 -26.05
N ASP E 187 16.47 14.28 -26.56
CA ASP E 187 16.74 12.84 -26.51
C ASP E 187 17.07 12.43 -25.09
N ALA E 188 17.93 13.22 -24.45
CA ALA E 188 18.32 12.91 -23.10
C ALA E 188 17.17 13.12 -22.13
N ALA E 189 16.46 14.25 -22.22
CA ALA E 189 15.38 14.51 -21.26
C ALA E 189 14.11 13.72 -21.53
N VAL E 190 13.86 13.36 -22.78
CA VAL E 190 12.53 12.83 -23.11
C VAL E 190 12.57 11.39 -23.61
N ALA E 191 13.39 11.11 -24.62
CA ALA E 191 13.41 9.80 -25.29
C ALA E 191 14.10 8.73 -24.46
N ALA E 192 15.33 9.01 -24.05
CA ALA E 192 16.14 8.05 -23.30
C ALA E 192 15.44 7.56 -22.03
N PRO E 193 14.85 8.47 -21.25
CA PRO E 193 14.17 7.99 -20.06
C PRO E 193 12.96 7.12 -20.39
N ARG E 194 12.27 7.39 -21.51
CA ARG E 194 11.19 6.50 -21.97
C ARG E 194 11.74 5.09 -22.23
N PHE E 195 12.73 4.97 -23.10
CA PHE E 195 13.37 3.70 -23.38
C PHE E 195 13.88 3.02 -22.10
N LEU E 196 14.37 3.80 -21.15
CA LEU E 196 14.92 3.26 -19.92
C LEU E 196 13.83 2.82 -18.92
N GLN E 197 12.78 3.60 -18.81
CA GLN E 197 11.69 3.23 -17.93
C GLN E 197 11.01 1.96 -18.41
N ALA E 198 11.03 1.73 -19.73
CA ALA E 198 10.30 0.61 -20.34
C ALA E 198 11.01 -0.75 -20.13
N ARG E 199 12.32 -0.74 -19.91
CA ARG E 199 12.97 -2.01 -19.63
C ARG E 199 13.55 -2.10 -18.23
N ILE E 200 13.21 -1.13 -17.39
CA ILE E 200 13.57 -1.22 -15.98
C ILE E 200 12.59 -2.12 -15.22
N GLY E 201 11.30 -2.03 -15.57
CA GLY E 201 10.23 -2.73 -14.86
C GLY E 201 10.04 -2.15 -13.46
N SER F 9 14.06 -14.59 48.32
CA SER F 9 15.21 -13.63 48.20
C SER F 9 16.00 -13.76 46.87
N SER F 10 15.32 -14.16 45.81
CA SER F 10 15.82 -13.94 44.46
C SER F 10 15.10 -12.69 43.90
N THR F 11 14.35 -12.05 44.81
CA THR F 11 13.64 -10.81 44.55
C THR F 11 13.88 -9.78 45.66
N ARG F 12 14.53 -8.67 45.31
CA ARG F 12 14.80 -7.58 46.24
C ARG F 12 14.34 -6.23 45.67
N ASN F 13 13.61 -5.45 46.47
CA ASN F 13 13.13 -4.16 45.99
C ASN F 13 13.36 -2.97 46.91
N GLU F 14 14.50 -3.00 47.60
CA GLU F 14 14.81 -2.06 48.69
C GLU F 14 14.97 -0.60 48.23
N LEU F 15 15.41 -0.42 46.99
CA LEU F 15 15.47 0.92 46.40
C LEU F 15 14.07 1.48 46.15
N GLU F 16 13.17 0.64 45.65
CA GLU F 16 11.82 1.05 45.29
C GLU F 16 10.98 1.31 46.52
N THR F 17 11.19 0.51 47.55
CA THR F 17 10.54 0.71 48.85
C THR F 17 11.20 1.81 49.70
N GLY F 18 12.53 1.94 49.58
CA GLY F 18 13.35 2.89 50.37
C GLY F 18 12.83 4.32 50.52
N SER F 19 13.11 4.93 51.67
CA SER F 19 12.53 6.21 51.98
C SER F 19 13.55 7.33 51.90
N SER F 20 13.23 8.34 51.09
CA SER F 20 14.17 9.42 50.77
C SER F 20 14.83 10.05 51.99
N SER F 21 14.17 9.92 53.14
CA SER F 21 14.68 10.45 54.40
C SER F 21 15.34 9.39 55.29
N ALA F 22 15.93 8.37 54.66
CA ALA F 22 16.66 7.32 55.37
C ALA F 22 17.69 6.66 54.43
N CYS F 23 18.50 7.46 53.74
CA CYS F 23 19.49 6.92 52.82
C CYS F 23 20.57 6.03 53.46
N PRO F 24 20.86 4.89 52.83
CA PRO F 24 21.92 3.98 53.22
C PRO F 24 23.25 4.58 52.82
N LYS F 25 24.35 3.93 53.18
CA LYS F 25 25.66 4.35 52.65
C LYS F 25 25.68 3.94 51.18
N VAL F 26 25.19 2.73 50.93
CA VAL F 26 25.36 2.09 49.64
C VAL F 26 24.03 1.63 49.05
N ILE F 27 23.86 1.96 47.77
CA ILE F 27 22.77 1.45 46.95
C ILE F 27 23.37 0.46 45.95
N TYR F 28 22.76 -0.72 45.89
CA TYR F 28 23.21 -1.80 45.02
C TYR F 28 22.10 -2.26 44.08
N ILE F 29 22.36 -2.17 42.80
CA ILE F 29 21.40 -2.41 41.76
C ILE F 29 22.03 -3.42 40.83
N PHE F 30 21.41 -4.59 40.73
CA PHE F 30 22.00 -5.71 40.04
C PHE F 30 21.09 -6.27 38.96
N ALA F 31 21.71 -6.64 37.84
CA ALA F 31 21.05 -7.23 36.67
C ALA F 31 21.47 -8.68 36.50
N ARG F 32 20.44 -9.54 36.49
CA ARG F 32 20.57 -10.99 36.54
C ARG F 32 20.82 -11.58 35.16
N ALA F 33 21.40 -12.78 35.14
CA ALA F 33 21.64 -13.56 33.93
C ALA F 33 20.33 -14.07 33.33
N SER F 34 20.41 -14.57 32.10
CA SER F 34 19.24 -15.05 31.38
C SER F 34 18.63 -16.28 32.02
N THR F 35 17.31 -16.22 32.19
CA THR F 35 16.49 -17.31 32.74
C THR F 35 16.61 -17.42 34.27
N GLU F 36 17.35 -16.49 34.88
CA GLU F 36 17.49 -16.50 36.34
C GLU F 36 16.16 -16.04 36.92
N PRO F 37 15.71 -16.64 38.02
CA PRO F 37 14.42 -16.19 38.58
C PRO F 37 14.43 -14.81 39.28
N GLY F 38 13.26 -14.17 39.35
CA GLY F 38 13.07 -12.95 40.13
C GLY F 38 13.74 -11.74 39.52
N ASN F 39 14.33 -10.89 40.37
CA ASN F 39 15.13 -9.76 39.88
C ASN F 39 16.58 -9.75 40.38
N MET F 40 17.02 -10.85 40.99
CA MET F 40 18.39 -10.93 41.50
C MET F 40 19.13 -12.15 41.00
N GLY F 41 18.38 -13.12 40.50
CA GLY F 41 18.97 -14.40 40.15
C GLY F 41 19.24 -15.21 41.40
N ILE F 42 20.10 -16.21 41.25
CA ILE F 42 20.45 -17.10 42.35
C ILE F 42 21.96 -17.39 42.37
N SER F 43 22.70 -16.64 41.55
CA SER F 43 24.14 -16.78 41.49
C SER F 43 24.81 -15.47 41.92
N ALA F 44 25.66 -14.93 41.08
CA ALA F 44 26.38 -13.71 41.39
C ALA F 44 25.58 -12.74 42.27
N GLY F 45 24.38 -12.37 41.83
CA GLY F 45 23.56 -11.35 42.49
C GLY F 45 23.52 -11.36 44.02
N PRO F 46 22.82 -12.36 44.61
CA PRO F 46 22.74 -12.48 46.08
C PRO F 46 24.07 -12.68 46.82
N ILE F 47 25.08 -13.25 46.17
CA ILE F 47 26.40 -13.42 46.79
C ILE F 47 27.03 -12.05 47.09
N VAL F 48 27.12 -11.22 46.05
CA VAL F 48 27.71 -9.90 46.14
C VAL F 48 26.90 -9.06 47.14
N ALA F 49 25.58 -9.25 47.17
CA ALA F 49 24.67 -8.55 48.10
C ALA F 49 25.00 -8.87 49.54
N ASP F 50 24.94 -10.16 49.87
CA ASP F 50 25.33 -10.68 51.17
C ASP F 50 26.63 -10.07 51.62
N ALA F 51 27.63 -10.10 50.76
CA ALA F 51 28.95 -9.56 51.07
C ALA F 51 28.81 -8.14 51.59
N LEU F 52 28.10 -7.32 50.82
CA LEU F 52 27.95 -5.90 51.17
C LEU F 52 27.28 -5.68 52.54
N GLU F 53 26.18 -6.37 52.80
CA GLU F 53 25.43 -6.26 54.08
C GLU F 53 26.21 -6.88 55.24
N ARG F 54 27.21 -7.70 54.88
CA ARG F 54 28.12 -8.29 55.86
C ARG F 54 29.12 -7.20 56.20
N ILE F 55 29.60 -6.49 55.19
CA ILE F 55 30.58 -5.44 55.41
C ILE F 55 29.95 -4.22 56.08
N TYR F 56 28.76 -3.82 55.63
CA TYR F 56 28.14 -2.51 55.98
C TYR F 56 26.91 -2.57 56.91
N GLY F 57 26.28 -3.75 57.03
CA GLY F 57 24.97 -3.87 57.71
C GLY F 57 23.78 -3.65 56.78
N ALA F 58 22.71 -4.41 56.99
CA ALA F 58 21.48 -4.23 56.24
C ALA F 58 20.80 -2.83 56.33
N ASN F 59 20.94 -2.13 57.46
CA ASN F 59 20.40 -0.76 57.60
C ASN F 59 21.04 0.15 56.54
N ASP F 60 22.32 -0.12 56.22
CA ASP F 60 23.09 0.79 55.38
C ASP F 60 23.21 0.38 53.90
N VAL F 61 22.55 -0.70 53.55
CA VAL F 61 22.50 -1.14 52.18
C VAL F 61 21.06 -1.37 51.69
N TRP F 62 20.77 -0.67 50.59
CA TRP F 62 19.65 -0.97 49.74
C TRP F 62 20.09 -1.89 48.61
N VAL F 63 19.34 -2.97 48.45
CA VAL F 63 19.58 -3.99 47.46
C VAL F 63 18.36 -4.00 46.54
N GLN F 64 18.59 -3.66 45.27
CA GLN F 64 17.55 -3.60 44.28
C GLN F 64 17.93 -4.48 43.09
N GLY F 65 16.94 -5.20 42.56
CA GLY F 65 17.14 -5.98 41.34
C GLY F 65 16.43 -5.38 40.14
N VAL F 66 17.10 -5.37 38.99
CA VAL F 66 16.46 -4.86 37.77
C VAL F 66 15.34 -5.83 37.29
N GLY F 67 14.13 -5.54 37.72
CA GLY F 67 12.96 -6.38 37.40
C GLY F 67 12.05 -5.78 36.35
N GLY F 68 10.74 -5.94 36.55
CA GLY F 68 9.74 -5.40 35.63
C GLY F 68 10.05 -5.75 34.19
N PRO F 69 10.03 -4.76 33.28
CA PRO F 69 10.13 -5.08 31.85
C PRO F 69 11.40 -5.84 31.43
N TYR F 70 12.37 -6.02 32.34
CA TYR F 70 13.53 -6.93 32.10
C TYR F 70 13.24 -8.39 32.45
N LEU F 71 13.16 -9.20 31.41
CA LEU F 71 12.66 -10.57 31.52
C LEU F 71 13.77 -11.62 31.59
N ALA F 72 14.99 -11.23 31.21
CA ALA F 72 16.16 -12.11 31.19
C ALA F 72 15.93 -13.33 30.29
N ASP F 73 15.23 -13.09 29.17
CA ASP F 73 14.99 -14.09 28.17
C ASP F 73 16.17 -14.20 27.21
N LEU F 74 16.36 -15.38 26.61
CA LEU F 74 17.54 -15.65 25.76
C LEU F 74 17.63 -14.80 24.49
N ALA F 75 16.48 -14.64 23.83
CA ALA F 75 16.35 -13.88 22.59
C ALA F 75 16.92 -12.49 22.66
N SER F 76 16.66 -11.79 23.77
CA SER F 76 17.07 -10.40 23.91
C SER F 76 18.57 -10.22 23.81
N ASN F 77 19.32 -11.29 24.08
CA ASN F 77 20.77 -11.28 23.96
C ASN F 77 21.23 -10.90 22.56
N PHE F 78 20.37 -11.14 21.57
CA PHE F 78 20.78 -11.06 20.17
C PHE F 78 20.63 -9.70 19.50
N LEU F 79 20.01 -8.77 20.22
CA LEU F 79 19.87 -7.37 19.82
C LEU F 79 21.23 -6.68 19.86
N PRO F 80 21.38 -5.54 19.17
CA PRO F 80 22.75 -4.99 19.09
C PRO F 80 23.31 -4.40 20.40
N ASP F 81 22.45 -4.23 21.39
CA ASP F 81 22.84 -3.76 22.74
C ASP F 81 23.13 -4.89 23.72
N GLY F 82 22.70 -6.10 23.37
CA GLY F 82 22.89 -7.29 24.21
C GLY F 82 21.69 -7.64 25.05
N THR F 83 20.65 -6.81 24.94
CA THR F 83 19.41 -6.94 25.72
C THR F 83 18.35 -6.02 25.14
N SER F 84 17.09 -6.25 25.50
CA SER F 84 15.98 -5.35 25.12
C SER F 84 16.22 -3.90 25.53
N SER F 85 15.80 -2.99 24.67
CA SER F 85 15.73 -1.58 24.99
C SER F 85 14.97 -1.32 26.32
N ALA F 86 13.87 -2.04 26.53
CA ALA F 86 13.07 -1.92 27.76
C ALA F 86 13.84 -2.21 29.06
N ALA F 87 14.80 -3.13 28.98
CA ALA F 87 15.62 -3.52 30.12
C ALA F 87 16.67 -2.45 30.38
N ILE F 88 17.13 -1.81 29.31
CA ILE F 88 18.07 -0.72 29.43
C ILE F 88 17.39 0.41 30.18
N ASN F 89 16.19 0.73 29.75
CA ASN F 89 15.43 1.82 30.37
C ASN F 89 14.95 1.60 31.78
N GLU F 90 14.66 0.35 32.14
CA GLU F 90 14.24 0.08 33.50
C GLU F 90 15.47 0.17 34.43
N ALA F 91 16.59 -0.42 34.04
CA ALA F 91 17.86 -0.16 34.73
C ALA F 91 18.11 1.35 34.85
N ARG F 92 17.93 2.07 33.75
CA ARG F 92 18.06 3.52 33.68
C ARG F 92 17.10 4.22 34.65
N ARG F 93 15.86 3.72 34.75
CA ARG F 93 14.89 4.30 35.69
C ARG F 93 15.35 4.16 37.15
N LEU F 94 15.79 2.95 37.52
CA LEU F 94 16.25 2.70 38.88
C LEU F 94 17.46 3.58 39.27
N PHE F 95 18.48 3.61 38.43
CA PHE F 95 19.67 4.43 38.71
C PHE F 95 19.27 5.88 38.95
N THR F 96 18.16 6.29 38.34
CA THR F 96 17.69 7.68 38.36
C THR F 96 16.99 7.95 39.67
N LEU F 97 16.18 7.00 40.09
CA LEU F 97 15.49 7.06 41.37
C LEU F 97 16.50 7.16 42.53
N ALA F 98 17.61 6.42 42.42
CA ALA F 98 18.65 6.43 43.44
C ALA F 98 19.29 7.81 43.53
N ASN F 99 19.44 8.47 42.37
CA ASN F 99 19.87 9.87 42.36
C ASN F 99 18.82 10.83 42.96
N THR F 100 17.54 10.53 42.74
CA THR F 100 16.43 11.34 43.26
C THR F 100 16.25 11.17 44.78
N LYS F 101 16.03 9.94 45.22
CA LYS F 101 15.95 9.66 46.66
C LYS F 101 17.21 10.07 47.45
N CYS F 102 18.39 9.78 46.91
CA CYS F 102 19.65 9.87 47.67
C CYS F 102 20.82 10.45 46.86
N PRO F 103 20.78 11.75 46.54
CA PRO F 103 21.81 12.32 45.67
C PRO F 103 23.20 11.83 46.04
N ASN F 104 23.42 11.59 47.34
CA ASN F 104 24.76 11.40 47.91
C ASN F 104 25.15 9.98 48.32
N ALA F 105 24.25 9.02 48.11
CA ALA F 105 24.56 7.64 48.41
C ALA F 105 25.52 7.08 47.34
N ALA F 106 26.49 6.30 47.78
CA ALA F 106 27.40 5.62 46.88
C ALA F 106 26.65 4.52 46.11
N ILE F 107 26.45 4.74 44.81
CA ILE F 107 25.82 3.71 43.98
C ILE F 107 26.89 2.75 43.49
N VAL F 108 26.64 1.46 43.70
CA VAL F 108 27.43 0.41 43.09
C VAL F 108 26.50 -0.52 42.35
N SER F 109 26.92 -1.02 41.19
CA SER F 109 26.10 -1.97 40.43
C SER F 109 26.80 -3.24 39.92
N GLY F 110 25.99 -4.23 39.61
CA GLY F 110 26.50 -5.52 39.17
C GLY F 110 25.66 -6.06 38.05
N GLY F 111 26.32 -6.81 37.18
CA GLY F 111 25.65 -7.55 36.13
C GLY F 111 26.28 -8.91 35.97
N TYR F 112 25.54 -9.83 35.40
CA TYR F 112 26.06 -11.15 35.11
C TYR F 112 25.47 -11.62 33.79
N SER F 113 26.34 -11.78 32.80
CA SER F 113 25.95 -12.24 31.48
C SER F 113 25.00 -11.22 30.78
N GLN F 114 23.75 -11.58 30.51
CA GLN F 114 22.85 -10.56 29.91
C GLN F 114 22.78 -9.30 30.76
N GLY F 115 22.70 -9.49 32.08
CA GLY F 115 22.78 -8.37 33.04
C GLY F 115 23.88 -7.34 32.75
N THR F 116 25.06 -7.81 32.39
CA THR F 116 26.18 -6.92 32.01
C THR F 116 25.84 -6.02 30.82
N ALA F 117 24.99 -6.52 29.91
CA ALA F 117 24.52 -5.74 28.79
C ALA F 117 23.54 -4.65 29.23
N VAL F 118 22.61 -5.04 30.11
CA VAL F 118 21.69 -4.12 30.79
C VAL F 118 22.50 -3.05 31.50
N MET F 119 23.54 -3.50 32.21
CA MET F 119 24.44 -2.60 32.92
C MET F 119 25.29 -1.67 32.05
N ALA F 120 25.92 -2.21 31.02
CA ALA F 120 26.67 -1.42 30.06
C ALA F 120 25.81 -0.52 29.22
N GLY F 121 24.65 -1.03 28.82
CA GLY F 121 23.75 -0.32 27.94
C GLY F 121 23.06 0.82 28.64
N SER F 122 22.70 0.63 29.91
CA SER F 122 21.97 1.69 30.61
C SER F 122 22.92 2.74 31.09
N ILE F 123 24.11 2.32 31.51
CA ILE F 123 25.07 3.28 32.05
C ILE F 123 25.53 4.27 30.98
N SER F 124 26.06 3.76 29.85
CA SER F 124 26.61 4.62 28.78
C SER F 124 25.81 5.92 28.53
N GLY F 125 24.48 5.84 28.68
CA GLY F 125 23.58 7.00 28.50
C GLY F 125 23.12 7.83 29.72
N LEU F 126 23.64 7.56 30.91
CA LEU F 126 23.23 8.35 32.08
C LEU F 126 23.92 9.72 32.13
N SER F 127 23.26 10.72 32.72
CA SER F 127 23.83 12.07 32.86
C SER F 127 25.22 12.03 33.49
N THR F 128 25.99 13.10 33.31
CA THR F 128 27.32 13.16 33.97
C THR F 128 27.25 13.08 35.51
N THR F 129 26.19 13.60 36.13
CA THR F 129 26.20 13.65 37.59
C THR F 129 25.94 12.28 38.18
N ILE F 130 25.00 11.57 37.57
CA ILE F 130 24.62 10.23 38.06
C ILE F 130 25.83 9.24 37.98
N LYS F 131 26.61 9.35 36.91
CA LYS F 131 27.84 8.56 36.80
C LYS F 131 28.85 8.86 37.92
N ASN F 132 28.90 10.10 38.41
CA ASN F 132 29.77 10.41 39.57
C ASN F 132 29.32 9.69 40.83
N GLN F 133 28.05 9.27 40.85
CA GLN F 133 27.47 8.60 41.99
C GLN F 133 27.71 7.08 41.93
N ILE F 134 27.80 6.53 40.73
CA ILE F 134 28.19 5.13 40.58
C ILE F 134 29.69 4.97 40.78
N LYS F 135 30.08 4.40 41.90
CA LYS F 135 31.48 4.39 42.26
C LYS F 135 32.15 3.13 41.77
N GLY F 136 31.33 2.10 41.50
CA GLY F 136 31.85 0.76 41.21
C GLY F 136 30.85 -0.16 40.53
N VAL F 137 31.25 -0.67 39.36
CA VAL F 137 30.46 -1.60 38.59
C VAL F 137 31.21 -2.92 38.49
N VAL F 138 30.50 -4.01 38.73
CA VAL F 138 31.05 -5.37 38.67
C VAL F 138 30.38 -6.20 37.58
N LEU F 139 31.19 -6.70 36.65
CA LEU F 139 30.68 -7.36 35.46
C LEU F 139 31.20 -8.79 35.29
N PHE F 140 30.37 -9.76 35.65
CA PHE F 140 30.74 -11.17 35.58
C PHE F 140 30.26 -11.75 34.25
N GLY F 141 31.17 -12.33 33.47
CA GLY F 141 30.78 -12.94 32.19
C GLY F 141 30.21 -11.92 31.24
N TYR F 142 30.99 -10.89 30.97
CA TYR F 142 30.61 -9.74 30.19
C TYR F 142 30.28 -10.08 28.73
N THR F 143 29.00 -10.06 28.40
CA THR F 143 28.54 -10.45 27.07
C THR F 143 29.09 -9.56 25.95
N LYS F 144 29.10 -8.24 26.18
CA LYS F 144 29.73 -7.30 25.27
C LYS F 144 31.20 -6.98 25.64
N ASN F 145 31.95 -7.97 26.14
CA ASN F 145 33.38 -7.77 26.43
C ASN F 145 34.22 -7.48 25.19
N LEU F 146 34.07 -8.32 24.17
CA LEU F 146 34.84 -8.21 22.93
C LEU F 146 34.45 -7.03 22.09
N GLN F 147 33.15 -6.71 22.09
CA GLN F 147 32.65 -5.56 21.34
C GLN F 147 33.04 -4.22 21.98
N ASN F 148 32.84 -4.08 23.29
CA ASN F 148 33.09 -2.81 23.98
C ASN F 148 34.51 -2.71 24.53
N LEU F 149 35.37 -3.60 24.03
CA LEU F 149 36.77 -3.74 24.52
C LEU F 149 36.87 -3.79 26.05
N GLY F 150 35.95 -4.51 26.68
CA GLY F 150 36.06 -4.78 28.12
C GLY F 150 35.83 -3.60 29.04
N ARG F 151 35.22 -2.55 28.51
CA ARG F 151 34.82 -1.44 29.35
C ARG F 151 33.38 -1.00 29.04
N ILE F 152 32.93 0.06 29.70
CA ILE F 152 31.61 0.62 29.44
C ILE F 152 31.76 1.98 28.76
N PRO F 153 31.19 2.13 27.55
CA PRO F 153 31.40 3.40 26.80
C PRO F 153 31.04 4.64 27.66
N ASN F 154 31.85 5.69 27.57
CA ASN F 154 31.67 6.90 28.43
C ASN F 154 31.42 6.55 29.91
N PHE F 155 32.28 5.67 30.46
CA PHE F 155 32.32 5.39 31.89
C PHE F 155 33.75 4.99 32.31
N GLU F 156 34.38 5.80 33.16
CA GLU F 156 35.81 5.63 33.43
C GLU F 156 36.11 4.17 33.73
N THR F 157 37.08 3.63 32.98
CA THR F 157 37.55 2.27 33.19
C THR F 157 37.93 2.01 34.66
N SER F 158 38.45 3.02 35.36
CA SER F 158 38.89 2.87 36.78
C SER F 158 37.80 2.38 37.72
N LYS F 159 36.55 2.84 37.53
CA LYS F 159 35.42 2.44 38.40
C LYS F 159 34.78 1.14 37.94
N THR F 160 35.36 0.49 36.93
CA THR F 160 34.78 -0.72 36.34
C THR F 160 35.65 -1.93 36.64
N GLU F 161 35.06 -2.99 37.17
CA GLU F 161 35.79 -4.27 37.16
C GLU F 161 35.02 -5.28 36.32
N VAL F 162 35.74 -6.04 35.50
CA VAL F 162 35.17 -6.97 34.53
C VAL F 162 35.78 -8.34 34.72
N TYR F 163 34.94 -9.32 35.03
CA TYR F 163 35.40 -10.67 35.32
C TYR F 163 35.07 -11.57 34.18
N CYS F 164 36.09 -12.04 33.47
CA CYS F 164 35.88 -12.95 32.34
C CYS F 164 36.77 -14.16 32.41
N ASP F 165 36.12 -15.31 32.63
CA ASP F 165 36.75 -16.61 32.55
C ASP F 165 37.16 -17.00 31.11
N ILE F 166 38.16 -17.87 31.01
CA ILE F 166 38.63 -18.35 29.70
C ILE F 166 37.80 -19.53 29.18
N ALA F 167 36.93 -20.07 30.01
CA ALA F 167 35.95 -21.06 29.53
C ALA F 167 34.58 -20.41 29.28
N ASP F 168 34.49 -19.08 29.41
CA ASP F 168 33.21 -18.37 29.21
C ASP F 168 33.00 -17.76 27.79
N ALA F 169 32.27 -18.49 26.94
CA ALA F 169 32.08 -18.08 25.55
C ALA F 169 31.46 -16.69 25.40
N VAL F 170 30.50 -16.31 26.25
CA VAL F 170 29.91 -14.96 26.15
C VAL F 170 30.94 -13.82 26.08
N CYS F 171 32.14 -14.06 26.64
CA CYS F 171 33.19 -13.06 26.75
C CYS F 171 34.02 -12.95 25.48
N TYR F 172 33.73 -13.83 24.50
CA TYR F 172 34.42 -13.85 23.22
C TYR F 172 33.47 -13.59 22.08
N GLY F 173 32.39 -12.85 22.33
CA GLY F 173 31.52 -12.37 21.24
C GLY F 173 30.46 -13.35 20.75
N THR F 174 30.58 -14.62 21.17
CA THR F 174 29.59 -15.68 20.84
C THR F 174 28.56 -15.87 22.00
N LEU F 175 27.48 -16.63 21.75
CA LEU F 175 26.37 -16.75 22.68
C LEU F 175 25.67 -18.10 22.76
N PHE F 176 26.16 -19.13 22.07
CA PHE F 176 25.45 -20.44 22.06
C PHE F 176 26.00 -21.56 22.98
N ILE F 177 27.27 -21.46 23.35
CA ILE F 177 27.96 -22.44 24.16
C ILE F 177 28.19 -21.89 25.59
N LEU F 178 27.23 -22.09 26.48
CA LEU F 178 27.31 -21.51 27.83
C LEU F 178 28.02 -22.45 28.82
N PRO F 179 28.63 -21.91 29.84
CA PRO F 179 29.43 -22.70 30.74
C PRO F 179 28.74 -23.84 31.44
N ALA F 180 29.51 -24.75 31.98
CA ALA F 180 29.02 -25.98 32.51
C ALA F 180 28.32 -25.77 33.81
N HIS F 181 28.75 -24.76 34.50
CA HIS F 181 28.45 -24.47 35.88
C HIS F 181 28.86 -23.03 35.99
N PHE F 182 28.51 -22.41 37.10
CA PHE F 182 28.73 -21.01 37.44
C PHE F 182 30.19 -20.75 37.76
N LEU F 183 30.78 -19.78 37.05
CA LEU F 183 32.25 -19.65 36.97
C LEU F 183 32.83 -18.56 37.88
N TYR F 184 31.96 -17.75 38.46
CA TYR F 184 32.40 -16.53 39.16
C TYR F 184 32.21 -16.56 40.69
N GLN F 185 32.29 -17.74 41.29
CA GLN F 185 32.01 -17.95 42.72
C GLN F 185 32.94 -17.15 43.62
N THR F 186 34.25 -17.28 43.42
CA THR F 186 35.22 -16.58 44.27
C THR F 186 35.32 -15.12 43.85
N ASP F 187 35.12 -14.86 42.56
CA ASP F 187 35.07 -13.52 42.04
C ASP F 187 33.94 -12.78 42.71
N ALA F 188 32.79 -13.47 42.86
CA ALA F 188 31.59 -12.84 43.41
C ALA F 188 31.76 -12.59 44.89
N ALA F 189 32.26 -13.58 45.62
CA ALA F 189 32.29 -13.47 47.08
C ALA F 189 33.44 -12.65 47.65
N VAL F 190 34.57 -12.63 46.95
CA VAL F 190 35.81 -12.10 47.53
C VAL F 190 36.27 -10.82 46.80
N ALA F 191 36.51 -10.98 45.49
CA ALA F 191 37.12 -9.97 44.63
C ALA F 191 36.23 -8.76 44.29
N ALA F 192 34.96 -9.03 43.98
CA ALA F 192 33.98 -7.97 43.78
C ALA F 192 33.76 -7.13 45.05
N PRO F 193 33.45 -7.77 46.21
CA PRO F 193 33.27 -6.95 47.42
C PRO F 193 34.53 -6.20 47.75
N ARG F 194 35.68 -6.85 47.58
CA ARG F 194 36.99 -6.21 47.81
C ARG F 194 37.14 -4.98 46.94
N PHE F 195 36.84 -5.11 45.65
CA PHE F 195 36.93 -3.99 44.72
C PHE F 195 35.89 -2.89 44.96
N LEU F 196 34.66 -3.28 45.29
CA LEU F 196 33.60 -2.29 45.54
C LEU F 196 33.80 -1.51 46.85
N GLN F 197 34.31 -2.19 47.90
CA GLN F 197 34.51 -1.54 49.20
C GLN F 197 35.58 -0.42 49.12
N ALA F 198 36.59 -0.63 48.26
CA ALA F 198 37.66 0.35 48.04
C ALA F 198 37.25 1.56 47.18
N ARG F 199 36.13 1.45 46.43
CA ARG F 199 35.56 2.58 45.68
C ARG F 199 34.46 3.32 46.46
N ILE F 200 33.99 2.70 47.55
CA ILE F 200 32.94 3.26 48.40
C ILE F 200 33.52 4.15 49.52
N GLY F 201 34.58 3.65 50.18
CA GLY F 201 35.16 4.29 51.37
C GLY F 201 34.39 5.48 51.96
N SER G 9 3.01 -14.30 29.12
CA SER G 9 1.58 -13.85 29.23
C SER G 9 1.17 -13.63 30.69
N SER G 10 2.03 -14.10 31.60
CA SER G 10 1.90 -13.83 33.04
C SER G 10 2.60 -12.54 33.46
N THR G 11 3.47 -12.05 32.60
CA THR G 11 4.13 -10.79 32.81
C THR G 11 3.78 -9.93 31.62
N ARG G 12 3.19 -8.78 31.87
CA ARG G 12 2.87 -7.80 30.82
C ARG G 12 3.17 -6.41 31.38
N ASN G 13 3.92 -5.61 30.64
CA ASN G 13 4.32 -4.28 31.14
C ASN G 13 4.12 -3.17 30.11
N GLU G 14 2.98 -3.21 29.42
CA GLU G 14 2.79 -2.42 28.21
C GLU G 14 2.67 -0.95 28.52
N LEU G 15 2.45 -0.66 29.79
CA LEU G 15 2.32 0.71 30.30
C LEU G 15 3.67 1.28 30.69
N GLU G 16 4.57 0.42 31.11
CA GLU G 16 5.92 0.83 31.47
C GLU G 16 6.83 0.88 30.25
N THR G 17 6.58 0.04 29.25
CA THR G 17 7.41 0.08 28.04
C THR G 17 6.84 0.99 26.97
N GLY G 18 5.61 1.47 27.19
CA GLY G 18 4.84 2.19 26.16
C GLY G 18 5.25 3.64 25.96
N SER G 19 5.13 4.12 24.73
CA SER G 19 5.34 5.54 24.40
C SER G 19 4.01 6.28 24.36
N SER G 20 4.01 7.54 24.86
CA SER G 20 2.84 8.42 24.74
C SER G 20 2.59 8.77 23.28
N SER G 21 3.65 8.97 22.51
CA SER G 21 3.45 9.42 21.14
C SER G 21 2.79 8.32 20.26
N ALA G 22 2.04 7.41 20.90
CA ALA G 22 1.41 6.23 20.29
C ALA G 22 0.47 5.61 21.34
N CYS G 23 -0.44 6.44 21.82
CA CYS G 23 -1.16 6.20 23.06
C CYS G 23 -2.55 5.57 22.84
N PRO G 24 -3.00 4.67 23.74
CA PRO G 24 -4.19 3.90 23.39
C PRO G 24 -5.46 4.45 24.01
N LYS G 25 -6.60 3.89 23.59
CA LYS G 25 -7.91 4.28 24.12
C LYS G 25 -8.04 3.85 25.58
N VAL G 26 -7.47 2.67 25.88
CA VAL G 26 -7.63 2.01 27.18
C VAL G 26 -6.31 1.52 27.76
N ILE G 27 -6.05 1.87 29.03
CA ILE G 27 -4.97 1.23 29.81
C ILE G 27 -5.55 0.43 30.97
N TYR G 28 -5.15 -0.85 31.02
CA TYR G 28 -5.62 -1.80 32.00
C TYR G 28 -4.50 -2.25 32.97
N ILE G 29 -4.69 -1.96 34.26
CA ILE G 29 -3.79 -2.39 35.32
C ILE G 29 -4.42 -3.48 36.20
N PHE G 30 -3.79 -4.62 36.27
CA PHE G 30 -4.32 -5.72 37.04
C PHE G 30 -3.41 -6.13 38.21
N ALA G 31 -4.01 -6.52 39.33
CA ALA G 31 -3.27 -7.11 40.42
C ALA G 31 -3.77 -8.53 40.72
N ARG G 32 -2.85 -9.48 40.62
CA ARG G 32 -3.10 -10.92 40.75
C ARG G 32 -3.45 -11.34 42.16
N ALA G 33 -3.83 -12.61 42.32
CA ALA G 33 -4.03 -13.24 43.62
C ALA G 33 -2.69 -13.73 44.15
N SER G 34 -2.68 -14.14 45.41
CA SER G 34 -1.48 -14.57 46.09
C SER G 34 -0.95 -15.82 45.43
N THR G 35 0.36 -16.02 45.49
CA THR G 35 1.05 -17.18 44.88
C THR G 35 1.05 -17.16 43.35
N GLU G 36 0.09 -16.47 42.73
CA GLU G 36 0.05 -16.34 41.27
C GLU G 36 1.38 -15.85 40.67
N PRO G 37 1.79 -16.47 39.54
CA PRO G 37 3.04 -16.13 38.87
C PRO G 37 3.03 -14.81 38.09
N GLY G 38 4.22 -14.19 38.00
CA GLY G 38 4.41 -12.95 37.24
C GLY G 38 3.77 -11.73 37.88
N ASN G 39 3.20 -10.86 37.04
CA ASN G 39 2.46 -9.69 37.53
C ASN G 39 1.00 -9.73 37.10
N MET G 40 0.65 -10.70 36.26
CA MET G 40 -0.70 -10.84 35.72
C MET G 40 -1.46 -12.05 36.22
N GLY G 41 -0.75 -13.10 36.62
CA GLY G 41 -1.42 -14.32 37.06
C GLY G 41 -1.80 -15.22 35.90
N ILE G 42 -2.70 -16.16 36.16
CA ILE G 42 -3.08 -17.18 35.15
C ILE G 42 -4.59 -17.36 35.05
N SER G 43 -5.34 -16.53 35.76
CA SER G 43 -6.79 -16.63 35.71
C SER G 43 -7.41 -15.30 35.34
N ALA G 44 -7.86 -14.56 36.35
CA ALA G 44 -8.62 -13.33 36.13
C ALA G 44 -7.92 -12.35 35.19
N GLY G 45 -6.66 -12.04 35.50
CA GLY G 45 -5.92 -11.04 34.75
C GLY G 45 -5.97 -11.28 33.28
N PRO G 46 -5.37 -12.39 32.81
CA PRO G 46 -5.34 -12.81 31.41
C PRO G 46 -6.69 -12.74 30.71
N ILE G 47 -7.73 -13.26 31.37
CA ILE G 47 -9.06 -13.39 30.79
C ILE G 47 -9.71 -12.04 30.47
N VAL G 48 -9.68 -11.09 31.42
CA VAL G 48 -10.21 -9.76 31.14
C VAL G 48 -9.31 -9.08 30.09
N ALA G 49 -8.00 -9.10 30.29
CA ALA G 49 -7.07 -8.51 29.33
C ALA G 49 -7.25 -9.01 27.88
N ASP G 50 -7.84 -10.19 27.70
CA ASP G 50 -8.00 -10.73 26.35
C ASP G 50 -9.32 -10.26 25.72
N ALA G 51 -10.35 -10.08 26.56
CA ALA G 51 -11.59 -9.47 26.13
C ALA G 51 -11.36 -8.03 25.61
N LEU G 52 -10.69 -7.20 26.41
CA LEU G 52 -10.45 -5.81 26.05
C LEU G 52 -9.69 -5.74 24.70
N GLU G 53 -8.64 -6.54 24.56
CA GLU G 53 -7.94 -6.69 23.28
C GLU G 53 -8.90 -7.11 22.15
N ARG G 54 -9.77 -8.06 22.46
CA ARG G 54 -10.72 -8.59 21.50
C ARG G 54 -11.71 -7.51 21.09
N ILE G 55 -12.08 -6.63 22.04
CA ILE G 55 -13.12 -5.63 21.77
C ILE G 55 -12.56 -4.37 21.17
N TYR G 56 -11.33 -4.01 21.52
CA TYR G 56 -10.75 -2.71 21.14
C TYR G 56 -9.49 -2.85 20.31
N GLY G 57 -8.96 -4.08 20.20
CA GLY G 57 -7.72 -4.35 19.45
C GLY G 57 -6.47 -3.97 20.23
N ALA G 58 -5.46 -4.83 20.14
CA ALA G 58 -4.19 -4.67 20.89
C ALA G 58 -3.58 -3.27 20.78
N ASN G 59 -3.63 -2.66 19.58
CA ASN G 59 -3.33 -1.22 19.40
C ASN G 59 -3.95 -0.33 20.48
N ASP G 60 -5.23 -0.57 20.82
CA ASP G 60 -6.00 0.30 21.72
C ASP G 60 -5.96 -0.08 23.22
N VAL G 61 -5.30 -1.18 23.57
CA VAL G 61 -5.17 -1.55 24.99
C VAL G 61 -3.72 -1.75 25.43
N TRP G 62 -3.33 -1.06 26.51
CA TRP G 62 -2.09 -1.34 27.22
C TRP G 62 -2.32 -2.21 28.45
N VAL G 63 -1.83 -3.45 28.43
CA VAL G 63 -2.04 -4.38 29.55
C VAL G 63 -0.83 -4.31 30.48
N GLN G 64 -1.06 -4.00 31.75
CA GLN G 64 0.06 -3.85 32.69
C GLN G 64 -0.37 -4.50 33.98
N GLY G 65 0.55 -5.27 34.57
CA GLY G 65 0.32 -5.91 35.86
C GLY G 65 1.07 -5.15 36.95
N VAL G 66 0.51 -5.16 38.17
CA VAL G 66 1.17 -4.58 39.34
C VAL G 66 2.30 -5.53 39.73
N GLY G 67 3.51 -5.18 39.33
CA GLY G 67 4.67 -6.03 39.58
C GLY G 67 5.57 -5.55 40.68
N GLY G 68 6.87 -5.46 40.37
CA GLY G 68 7.91 -5.07 41.31
C GLY G 68 7.71 -5.55 42.73
N PRO G 69 7.58 -4.62 43.68
CA PRO G 69 7.58 -5.00 45.09
C PRO G 69 6.32 -5.72 45.59
N TYR G 70 5.28 -5.82 44.75
CA TYR G 70 4.07 -6.61 45.11
C TYR G 70 4.37 -8.09 44.85
N LEU G 71 4.73 -8.79 45.91
CA LEU G 71 5.11 -10.20 45.83
C LEU G 71 3.92 -11.14 45.77
N ALA G 72 2.74 -10.67 46.18
CA ALA G 72 1.55 -11.52 46.32
C ALA G 72 1.87 -12.79 47.12
N ASP G 73 2.71 -12.62 48.15
CA ASP G 73 2.89 -13.56 49.25
C ASP G 73 1.60 -13.63 50.06
N LEU G 74 1.41 -14.78 50.70
CA LEU G 74 0.25 -15.05 51.50
C LEU G 74 0.16 -14.11 52.71
N ALA G 75 1.32 -13.78 53.28
CA ALA G 75 1.33 -13.14 54.61
C ALA G 75 0.87 -11.70 54.61
N SER G 76 0.94 -11.06 53.44
CA SER G 76 0.48 -9.67 53.30
C SER G 76 -1.02 -9.54 53.51
N ASN G 77 -1.76 -10.61 53.26
CA ASN G 77 -3.22 -10.60 53.41
C ASN G 77 -3.77 -10.24 54.79
N PHE G 78 -2.91 -10.36 55.82
CA PHE G 78 -3.31 -10.16 57.23
C PHE G 78 -3.00 -8.78 57.80
N LEU G 79 -2.10 -8.08 57.13
CA LEU G 79 -1.89 -6.65 57.38
C LEU G 79 -3.26 -5.92 57.33
N PRO G 80 -3.43 -4.88 58.18
CA PRO G 80 -4.79 -4.33 58.36
C PRO G 80 -5.47 -3.99 57.03
N ASP G 81 -4.71 -3.45 56.07
CA ASP G 81 -5.28 -3.06 54.75
C ASP G 81 -5.34 -4.18 53.67
N GLY G 82 -5.14 -5.44 54.08
CA GLY G 82 -5.23 -6.60 53.21
C GLY G 82 -4.04 -6.88 52.31
N THR G 83 -2.98 -6.07 52.42
CA THR G 83 -1.79 -6.19 51.56
C THR G 83 -0.71 -5.25 52.11
N SER G 84 0.34 -4.99 51.33
CA SER G 84 1.48 -4.25 51.85
C SER G 84 1.62 -2.82 51.35
N SER G 85 2.06 -1.94 52.23
CA SER G 85 2.40 -0.56 51.90
C SER G 85 3.04 -0.49 50.50
N ALA G 86 4.10 -1.26 50.31
CA ALA G 86 4.87 -1.32 49.07
C ALA G 86 4.01 -1.73 47.87
N ALA G 87 3.10 -2.68 48.10
CA ALA G 87 2.14 -3.12 47.07
C ALA G 87 1.18 -1.99 46.65
N ILE G 88 0.43 -1.48 47.62
CA ILE G 88 -0.41 -0.29 47.45
C ILE G 88 0.34 0.83 46.72
N ASN G 89 1.56 1.15 47.19
CA ASN G 89 2.39 2.19 46.55
C ASN G 89 2.77 1.90 45.10
N GLU G 90 2.92 0.62 44.77
CA GLU G 90 3.32 0.27 43.42
C GLU G 90 2.14 0.42 42.49
N ALA G 91 0.93 0.08 42.96
CA ALA G 91 -0.30 0.37 42.22
C ALA G 91 -0.48 1.87 41.96
N ARG G 92 -0.40 2.69 43.00
CA ARG G 92 -0.37 4.16 42.86
C ARG G 92 0.56 4.63 41.74
N ARG G 93 1.81 4.20 41.81
CA ARG G 93 2.83 4.63 40.84
C ARG G 93 2.47 4.29 39.36
N LEU G 94 1.89 3.11 39.13
CA LEU G 94 1.42 2.78 37.78
C LEU G 94 0.24 3.66 37.37
N PHE G 95 -0.76 3.76 38.24
CA PHE G 95 -1.85 4.67 37.98
C PHE G 95 -1.32 6.04 37.56
N THR G 96 -0.50 6.66 38.41
CA THR G 96 0.14 7.93 38.14
C THR G 96 1.02 7.95 36.87
N LEU G 97 1.66 6.83 36.56
CA LEU G 97 2.47 6.71 35.33
C LEU G 97 1.57 6.82 34.11
N ALA G 98 0.51 6.01 34.10
CA ALA G 98 -0.64 6.15 33.15
C ALA G 98 -1.19 7.59 33.06
N ASN G 99 -1.34 8.26 34.20
CA ASN G 99 -1.88 9.60 34.18
C ASN G 99 -0.93 10.63 33.56
N THR G 100 0.36 10.56 33.87
CA THR G 100 1.26 11.55 33.29
C THR G 100 1.61 11.21 31.84
N LYS G 101 1.50 9.94 31.47
CA LYS G 101 1.93 9.50 30.15
C LYS G 101 0.78 9.51 29.14
N CYS G 102 -0.43 9.24 29.63
CA CYS G 102 -1.60 9.20 28.75
C CYS G 102 -2.87 9.76 29.43
N PRO G 103 -2.97 11.09 29.55
CA PRO G 103 -4.06 11.66 30.39
C PRO G 103 -5.46 11.57 29.78
N ASN G 104 -5.53 11.22 28.51
CA ASN G 104 -6.84 11.15 27.84
C ASN G 104 -7.29 9.71 27.63
N ALA G 105 -6.38 8.79 27.93
CA ALA G 105 -6.71 7.37 27.94
C ALA G 105 -7.68 7.04 29.06
N ALA G 106 -8.60 6.11 28.78
CA ALA G 106 -9.47 5.58 29.82
C ALA G 106 -8.69 4.53 30.63
N ILE G 107 -8.83 4.53 31.96
CA ILE G 107 -8.13 3.56 32.78
C ILE G 107 -9.10 2.58 33.39
N VAL G 108 -8.92 1.31 33.06
CA VAL G 108 -9.62 0.24 33.78
C VAL G 108 -8.64 -0.60 34.63
N SER G 109 -9.17 -1.13 35.73
CA SER G 109 -8.34 -1.95 36.59
C SER G 109 -9.14 -3.11 37.18
N GLY G 110 -8.41 -4.15 37.55
CA GLY G 110 -8.98 -5.33 38.14
C GLY G 110 -8.07 -5.90 39.22
N GLY G 111 -8.71 -6.50 40.22
CA GLY G 111 -8.03 -7.30 41.23
C GLY G 111 -8.69 -8.66 41.35
N TYR G 112 -7.89 -9.66 41.66
CA TYR G 112 -8.40 -10.97 42.00
C TYR G 112 -7.86 -11.26 43.37
N SER G 113 -8.77 -11.31 44.32
CA SER G 113 -8.50 -11.76 45.67
C SER G 113 -7.54 -10.84 46.41
N GLN G 114 -6.33 -11.27 46.76
CA GLN G 114 -5.39 -10.30 47.38
C GLN G 114 -5.19 -9.01 46.57
N GLY G 115 -5.06 -9.12 45.23
CA GLY G 115 -4.86 -7.96 44.37
C GLY G 115 -6.01 -6.96 44.42
N THR G 116 -7.10 -7.42 45.02
CA THR G 116 -8.27 -6.65 45.31
C THR G 116 -7.98 -5.58 46.41
N ALA G 117 -7.17 -5.96 47.38
CA ALA G 117 -6.76 -5.08 48.47
C ALA G 117 -5.74 -4.06 47.97
N VAL G 118 -4.87 -4.51 47.06
CA VAL G 118 -3.93 -3.64 46.36
C VAL G 118 -4.68 -2.48 45.74
N MET G 119 -5.64 -2.80 44.88
CA MET G 119 -6.57 -1.85 44.27
C MET G 119 -7.34 -0.99 45.29
N ALA G 120 -8.16 -1.65 46.11
CA ALA G 120 -8.96 -0.95 47.13
C ALA G 120 -8.12 0.06 47.88
N GLY G 121 -6.97 -0.40 48.39
CA GLY G 121 -6.05 0.47 49.10
C GLY G 121 -5.48 1.59 48.23
N SER G 122 -4.97 1.24 47.05
CA SER G 122 -4.25 2.24 46.27
C SER G 122 -5.17 3.34 45.74
N ILE G 123 -6.25 2.93 45.07
CA ILE G 123 -7.21 3.85 44.50
C ILE G 123 -7.83 4.83 45.52
N SER G 124 -8.18 4.35 46.71
CA SER G 124 -8.76 5.21 47.77
C SER G 124 -7.91 6.44 48.15
N GLY G 125 -6.63 6.45 47.80
CA GLY G 125 -5.77 7.57 48.12
C GLY G 125 -5.27 8.38 46.93
N LEU G 126 -5.64 7.99 45.71
CA LEU G 126 -5.26 8.74 44.50
C LEU G 126 -6.00 10.10 44.39
N SER G 127 -5.34 11.10 43.80
CA SER G 127 -5.97 12.42 43.58
C SER G 127 -7.35 12.35 42.90
N THR G 128 -8.26 13.23 43.32
CA THR G 128 -9.54 13.40 42.63
C THR G 128 -9.37 13.39 41.10
N THR G 129 -8.32 14.02 40.59
CA THR G 129 -8.22 14.10 39.16
C THR G 129 -7.85 12.73 38.56
N ILE G 130 -6.92 12.02 39.20
CA ILE G 130 -6.54 10.66 38.76
C ILE G 130 -7.74 9.71 38.84
N LYS G 131 -8.46 9.68 39.96
CA LYS G 131 -9.64 8.81 40.08
C LYS G 131 -10.70 9.03 38.97
N ASN G 132 -10.73 10.24 38.41
CA ASN G 132 -11.67 10.57 37.32
C ASN G 132 -11.30 9.85 36.06
N GLN G 133 -9.99 9.67 35.85
CA GLN G 133 -9.46 8.95 34.71
C GLN G 133 -9.81 7.47 34.73
N ILE G 134 -9.89 6.90 35.93
CA ILE G 134 -10.27 5.50 36.12
C ILE G 134 -11.78 5.39 35.96
N LYS G 135 -12.21 4.81 34.85
CA LYS G 135 -13.61 4.71 34.52
C LYS G 135 -14.25 3.46 35.10
N GLY G 136 -13.45 2.41 35.24
CA GLY G 136 -13.95 1.12 35.69
C GLY G 136 -12.97 0.26 36.46
N VAL G 137 -13.44 -0.23 37.61
CA VAL G 137 -12.73 -1.21 38.41
C VAL G 137 -13.57 -2.47 38.58
N VAL G 138 -12.96 -3.64 38.35
CA VAL G 138 -13.58 -4.95 38.63
C VAL G 138 -12.84 -5.75 39.69
N LEU G 139 -13.52 -6.07 40.77
CA LEU G 139 -12.91 -6.84 41.87
C LEU G 139 -13.46 -8.27 41.96
N PHE G 140 -12.57 -9.23 41.78
CA PHE G 140 -12.98 -10.61 41.93
C PHE G 140 -12.55 -11.14 43.26
N GLY G 141 -13.49 -11.69 44.03
CA GLY G 141 -13.14 -12.29 45.32
C GLY G 141 -12.54 -11.23 46.22
N TYR G 142 -13.30 -10.16 46.45
CA TYR G 142 -12.90 -9.02 47.24
C TYR G 142 -12.66 -9.42 48.68
N THR G 143 -11.39 -9.42 49.09
CA THR G 143 -11.00 -9.81 50.46
C THR G 143 -11.53 -8.85 51.54
N LYS G 144 -11.34 -7.57 51.31
CA LYS G 144 -11.87 -6.56 52.23
C LYS G 144 -13.37 -6.26 51.98
N ASN G 145 -14.12 -7.24 51.45
CA ASN G 145 -15.54 -7.02 51.12
C ASN G 145 -16.44 -6.78 52.33
N LEU G 146 -16.32 -7.59 53.37
CA LEU G 146 -17.00 -7.29 54.61
C LEU G 146 -16.46 -5.96 55.19
N GLN G 147 -15.20 -5.93 55.66
CA GLN G 147 -14.58 -4.71 56.21
C GLN G 147 -14.97 -3.43 55.46
N ASN G 148 -14.70 -3.38 54.16
CA ASN G 148 -14.89 -2.17 53.35
C ASN G 148 -16.31 -1.96 52.77
N LEU G 149 -17.19 -2.93 53.00
CA LEU G 149 -18.62 -2.74 52.81
C LEU G 149 -19.04 -2.76 51.33
N GLY G 150 -18.34 -3.60 50.57
CA GLY G 150 -18.64 -3.81 49.16
C GLY G 150 -18.26 -2.66 48.25
N ARG G 151 -17.31 -1.82 48.70
CA ARG G 151 -16.86 -0.66 47.90
C ARG G 151 -15.38 -0.40 48.14
N ILE G 152 -14.72 0.22 47.16
CA ILE G 152 -13.46 0.94 47.41
C ILE G 152 -13.83 2.25 48.11
N PRO G 153 -13.26 2.50 49.30
CA PRO G 153 -13.56 3.80 49.94
C PRO G 153 -13.11 4.95 49.05
N ASN G 154 -13.80 6.09 49.13
CA ASN G 154 -13.47 7.33 48.39
C ASN G 154 -13.50 7.18 46.87
N PHE G 155 -14.17 6.14 46.41
CA PHE G 155 -14.31 5.90 44.98
C PHE G 155 -15.71 5.44 44.59
N GLU G 156 -16.29 6.20 43.65
CA GLU G 156 -17.66 6.02 43.17
C GLU G 156 -18.06 4.54 42.98
N THR G 157 -19.10 4.15 43.70
CA THR G 157 -19.58 2.78 43.64
C THR G 157 -20.10 2.36 42.24
N SER G 158 -20.55 3.32 41.45
CA SER G 158 -20.94 3.06 40.05
C SER G 158 -19.77 2.75 39.11
N LYS G 159 -18.55 2.90 39.60
CA LYS G 159 -17.38 2.55 38.82
C LYS G 159 -16.73 1.24 39.34
N THR G 160 -17.00 0.96 40.61
CA THR G 160 -16.74 -0.32 41.24
C THR G 160 -17.70 -1.40 40.71
N GLU G 161 -17.19 -2.60 40.45
CA GLU G 161 -18.07 -3.75 40.33
C GLU G 161 -17.46 -4.90 41.11
N VAL G 162 -18.18 -5.38 42.09
CA VAL G 162 -17.67 -6.41 42.95
C VAL G 162 -18.30 -7.75 42.63
N TYR G 163 -17.49 -8.66 42.07
CA TYR G 163 -17.90 -10.05 41.94
C TYR G 163 -17.54 -10.89 43.18
N CYS G 164 -18.55 -11.38 43.87
CA CYS G 164 -18.36 -12.20 45.07
C CYS G 164 -19.21 -13.45 44.98
N ASP G 165 -18.57 -14.59 45.29
CA ASP G 165 -19.20 -15.90 45.24
C ASP G 165 -19.51 -16.37 46.66
N ILE G 166 -20.59 -17.14 46.82
CA ILE G 166 -21.01 -17.51 48.16
C ILE G 166 -20.10 -18.57 48.73
N ALA G 167 -19.39 -19.26 47.83
CA ALA G 167 -18.46 -20.33 48.21
C ALA G 167 -17.05 -19.79 48.50
N ASP G 168 -16.85 -18.50 48.28
CA ASP G 168 -15.56 -17.85 48.47
C ASP G 168 -15.44 -17.25 49.87
N ALA G 169 -14.64 -17.89 50.71
CA ALA G 169 -14.45 -17.45 52.08
C ALA G 169 -13.77 -16.08 52.26
N VAL G 170 -13.17 -15.54 51.21
CA VAL G 170 -12.48 -14.28 51.42
C VAL G 170 -13.45 -13.11 51.36
N CYS G 171 -14.61 -13.34 50.73
CA CYS G 171 -15.66 -12.34 50.67
C CYS G 171 -16.35 -12.16 52.04
N TYR G 172 -15.84 -12.86 53.06
CA TYR G 172 -16.59 -13.10 54.30
C TYR G 172 -16.20 -12.47 55.69
N GLY G 173 -14.98 -11.98 55.96
CA GLY G 173 -13.74 -12.20 55.24
C GLY G 173 -12.75 -12.93 56.17
N THR G 174 -12.58 -14.21 55.87
CA THR G 174 -11.66 -15.11 56.55
C THR G 174 -10.58 -15.35 55.52
N LEU G 175 -9.44 -15.91 55.92
CA LEU G 175 -8.39 -16.09 54.94
C LEU G 175 -7.79 -17.49 54.81
N PHE G 176 -8.38 -18.49 55.48
CA PHE G 176 -7.79 -19.86 55.49
C PHE G 176 -8.32 -20.83 54.45
N ILE G 177 -9.62 -21.01 54.35
CA ILE G 177 -10.14 -21.91 53.33
C ILE G 177 -10.47 -21.21 51.96
N LEU G 178 -9.51 -21.30 51.04
CA LEU G 178 -9.68 -20.79 49.69
C LEU G 178 -10.46 -21.83 48.85
N PRO G 179 -11.08 -21.44 47.76
CA PRO G 179 -11.85 -22.38 47.00
C PRO G 179 -11.04 -23.41 46.29
N ALA G 180 -11.72 -24.32 45.63
CA ALA G 180 -11.16 -25.51 45.10
C ALA G 180 -10.38 -25.18 43.90
N HIS G 181 -10.80 -24.13 43.26
CA HIS G 181 -10.69 -23.91 41.87
C HIS G 181 -11.18 -22.50 41.69
N PHE G 182 -11.01 -22.01 40.49
CA PHE G 182 -11.36 -20.65 40.11
C PHE G 182 -12.88 -20.50 39.93
N LEU G 183 -13.44 -19.44 40.52
CA LEU G 183 -14.90 -19.26 40.60
C LEU G 183 -15.47 -18.20 39.65
N TYR G 184 -14.59 -17.34 39.13
CA TYR G 184 -15.03 -16.17 38.43
C TYR G 184 -14.84 -16.25 36.92
N GLN G 185 -14.90 -17.47 36.37
CA GLN G 185 -14.62 -17.65 34.95
C GLN G 185 -15.60 -16.87 34.07
N THR G 186 -16.91 -17.06 34.27
CA THR G 186 -17.89 -16.29 33.49
C THR G 186 -17.79 -14.80 33.82
N ASP G 187 -17.63 -14.49 35.11
CA ASP G 187 -17.52 -13.08 35.54
C ASP G 187 -16.37 -12.35 34.88
N ALA G 188 -15.20 -12.99 34.81
CA ALA G 188 -14.07 -12.38 34.15
C ALA G 188 -14.26 -12.40 32.61
N ALA G 189 -14.70 -13.53 32.08
CA ALA G 189 -14.80 -13.71 30.61
C ALA G 189 -15.91 -12.86 29.94
N VAL G 190 -17.02 -12.66 30.64
CA VAL G 190 -18.24 -12.09 30.07
C VAL G 190 -18.66 -10.81 30.79
N ALA G 191 -19.13 -10.91 32.04
CA ALA G 191 -19.74 -9.77 32.78
C ALA G 191 -18.82 -8.57 33.08
N ALA G 192 -17.60 -8.82 33.54
CA ALA G 192 -16.62 -7.75 33.77
C ALA G 192 -16.36 -6.86 32.52
N PRO G 193 -16.01 -7.47 31.37
CA PRO G 193 -15.85 -6.65 30.18
C PRO G 193 -17.15 -5.92 29.81
N ARG G 194 -18.30 -6.58 29.97
CA ARG G 194 -19.59 -5.92 29.77
C ARG G 194 -19.71 -4.64 30.58
N PHE G 195 -19.35 -4.73 31.87
CA PHE G 195 -19.36 -3.60 32.79
C PHE G 195 -18.31 -2.57 32.38
N LEU G 196 -17.06 -2.98 32.24
CA LEU G 196 -16.01 -2.05 31.81
C LEU G 196 -16.33 -1.34 30.50
N GLN G 197 -16.65 -2.12 29.46
CA GLN G 197 -16.98 -1.58 28.11
C GLN G 197 -17.96 -0.38 28.11
N ALA G 198 -19.00 -0.51 28.94
CA ALA G 198 -19.95 0.57 29.14
C ALA G 198 -19.23 1.80 29.67
N ARG G 199 -18.42 1.65 30.74
CA ARG G 199 -17.68 2.80 31.36
C ARG G 199 -16.60 3.43 30.47
N ILE G 200 -16.07 2.68 29.50
CA ILE G 200 -15.12 3.28 28.56
C ILE G 200 -15.82 4.15 27.52
N GLY G 201 -17.04 3.77 27.12
CA GLY G 201 -17.86 4.53 26.12
C GLY G 201 -17.64 4.22 24.62
N SER H 9 1.17 26.52 -37.10
CA SER H 9 0.83 25.07 -36.82
C SER H 9 -0.38 24.51 -37.62
N SER H 10 -1.00 25.36 -38.41
CA SER H 10 -1.98 24.93 -39.39
C SER H 10 -1.34 24.17 -40.57
N THR H 11 -0.06 24.42 -40.84
CA THR H 11 0.64 23.65 -41.87
C THR H 11 1.87 22.89 -41.36
N ARG H 12 1.79 21.56 -41.42
CA ARG H 12 2.95 20.72 -41.10
C ARG H 12 3.26 19.87 -42.30
N ASN H 13 4.51 19.94 -42.73
CA ASN H 13 4.93 19.20 -43.90
C ASN H 13 6.22 18.44 -43.60
N GLU H 14 6.40 18.03 -42.34
CA GLU H 14 7.66 17.42 -41.87
C GLU H 14 8.04 16.10 -42.58
N LEU H 15 7.05 15.40 -43.12
CA LEU H 15 7.31 14.19 -43.92
C LEU H 15 7.66 14.57 -45.35
N GLU H 16 6.98 15.59 -45.87
CA GLU H 16 7.25 16.12 -47.20
C GLU H 16 8.72 16.46 -47.39
N THR H 17 9.30 17.08 -46.37
CA THR H 17 10.61 17.73 -46.50
C THR H 17 11.75 17.03 -45.74
N GLY H 18 11.40 16.22 -44.74
CA GLY H 18 12.39 15.51 -43.94
C GLY H 18 13.16 14.53 -44.81
N SER H 19 14.22 13.94 -44.25
CA SER H 19 15.20 13.13 -44.99
C SER H 19 15.10 11.66 -44.65
N SER H 20 15.54 10.81 -45.57
CA SER H 20 15.53 9.37 -45.31
C SER H 20 16.71 8.89 -44.46
N SER H 21 17.70 9.76 -44.21
CA SER H 21 18.71 9.40 -43.21
C SER H 21 18.58 10.24 -41.95
N ALA H 22 17.35 10.63 -41.63
CA ALA H 22 17.03 11.18 -40.31
C ALA H 22 15.65 10.68 -39.87
N CYS H 23 15.48 9.37 -39.80
CA CYS H 23 14.14 8.81 -39.63
C CYS H 23 13.63 8.87 -38.20
N PRO H 24 12.39 9.35 -38.01
CA PRO H 24 11.76 9.45 -36.69
C PRO H 24 11.35 8.08 -36.17
N LYS H 25 11.18 7.97 -34.86
CA LYS H 25 10.54 6.81 -34.25
C LYS H 25 9.08 6.74 -34.72
N VAL H 26 8.49 7.90 -35.07
CA VAL H 26 7.05 8.02 -35.34
C VAL H 26 6.74 9.01 -36.46
N ILE H 27 5.96 8.56 -37.45
CA ILE H 27 5.42 9.50 -38.44
C ILE H 27 3.94 9.69 -38.20
N TYR H 28 3.50 10.94 -38.13
CA TYR H 28 2.10 11.23 -37.88
C TYR H 28 1.40 11.98 -39.02
N ILE H 29 0.36 11.36 -39.59
CA ILE H 29 -0.36 11.94 -40.70
C ILE H 29 -1.82 12.28 -40.36
N PHE H 30 -2.24 13.52 -40.63
CA PHE H 30 -3.57 13.96 -40.24
C PHE H 30 -4.36 14.67 -41.36
N ALA H 31 -5.60 14.22 -41.54
CA ALA H 31 -6.54 14.86 -42.45
C ALA H 31 -7.59 15.64 -41.66
N ARG H 32 -7.77 16.90 -42.02
CA ARG H 32 -8.64 17.82 -41.28
C ARG H 32 -10.12 17.67 -41.59
N ALA H 33 -10.93 18.39 -40.83
CA ALA H 33 -12.36 18.55 -41.06
C ALA H 33 -12.59 19.66 -42.08
N SER H 34 -13.81 19.72 -42.61
CA SER H 34 -14.16 20.65 -43.65
C SER H 34 -13.95 22.10 -43.20
N THR H 35 -13.61 22.97 -44.15
CA THR H 35 -13.38 24.40 -43.88
C THR H 35 -12.05 24.77 -43.18
N GLU H 36 -11.40 23.80 -42.55
CA GLU H 36 -10.24 24.06 -41.70
C GLU H 36 -9.04 24.53 -42.54
N PRO H 37 -8.24 25.47 -42.02
CA PRO H 37 -7.15 26.02 -42.83
C PRO H 37 -5.91 25.11 -42.84
N GLY H 38 -4.90 25.48 -43.64
CA GLY H 38 -3.65 24.73 -43.69
C GLY H 38 -3.93 23.28 -44.04
N ASN H 39 -3.11 22.35 -43.57
CA ASN H 39 -3.37 20.92 -43.77
C ASN H 39 -3.61 20.15 -42.48
N MET H 40 -3.45 20.84 -41.34
CA MET H 40 -3.70 20.29 -40.00
C MET H 40 -5.01 20.77 -39.33
N GLY H 41 -5.45 21.97 -39.69
CA GLY H 41 -6.61 22.58 -39.04
C GLY H 41 -6.24 23.20 -37.70
N ILE H 42 -7.25 23.59 -36.93
CA ILE H 42 -7.01 24.22 -35.63
C ILE H 42 -7.68 23.52 -34.44
N SER H 43 -8.08 22.27 -34.65
CA SER H 43 -8.74 21.52 -33.58
C SER H 43 -8.03 20.19 -33.26
N ALA H 44 -8.53 19.07 -33.79
CA ALA H 44 -7.99 17.75 -33.42
C ALA H 44 -6.51 17.55 -33.76
N GLY H 45 -6.10 17.95 -34.96
CA GLY H 45 -4.75 17.68 -35.44
C GLY H 45 -3.60 18.31 -34.65
N PRO H 46 -3.58 19.65 -34.52
CA PRO H 46 -2.54 20.23 -33.68
C PRO H 46 -2.52 19.66 -32.26
N ILE H 47 -3.67 19.25 -31.72
CA ILE H 47 -3.71 18.70 -30.36
C ILE H 47 -2.96 17.36 -30.29
N VAL H 48 -3.35 16.42 -31.14
CA VAL H 48 -2.63 15.15 -31.25
C VAL H 48 -1.13 15.39 -31.55
N ALA H 49 -0.84 16.30 -32.48
CA ALA H 49 0.51 16.69 -32.85
C ALA H 49 1.31 17.21 -31.65
N ASP H 50 0.82 18.29 -31.04
CA ASP H 50 1.43 18.85 -29.84
C ASP H 50 1.66 17.72 -28.78
N ALA H 51 0.67 16.85 -28.56
CA ALA H 51 0.78 15.77 -27.55
C ALA H 51 1.82 14.68 -27.88
N LEU H 52 1.89 14.30 -29.16
CA LEU H 52 2.88 13.34 -29.61
C LEU H 52 4.32 13.83 -29.46
N GLU H 53 4.53 15.09 -29.81
CA GLU H 53 5.86 15.71 -29.72
C GLU H 53 6.32 15.87 -28.27
N ARG H 54 5.37 16.14 -27.38
CA ARG H 54 5.58 16.20 -25.92
C ARG H 54 6.06 14.85 -25.34
N ILE H 55 5.38 13.78 -25.74
CA ILE H 55 5.63 12.44 -25.22
C ILE H 55 6.95 11.88 -25.78
N TYR H 56 7.19 12.07 -27.08
CA TYR H 56 8.36 11.44 -27.72
C TYR H 56 9.54 12.37 -27.91
N GLY H 57 9.28 13.65 -28.10
CA GLY H 57 10.32 14.61 -28.42
C GLY H 57 10.02 15.09 -29.82
N ALA H 58 10.02 16.40 -30.02
CA ALA H 58 9.64 16.96 -31.31
C ALA H 58 10.47 16.41 -32.52
N ASN H 59 11.76 16.17 -32.31
CA ASN H 59 12.67 15.58 -33.33
C ASN H 59 12.33 14.14 -33.67
N ASP H 60 11.72 13.41 -32.74
CA ASP H 60 11.38 12.01 -32.94
C ASP H 60 9.96 11.82 -33.54
N VAL H 61 9.32 12.93 -33.90
CA VAL H 61 7.96 12.93 -34.44
C VAL H 61 7.91 13.77 -35.72
N TRP H 62 7.57 13.14 -36.84
CA TRP H 62 7.26 13.86 -38.06
C TRP H 62 5.76 14.07 -38.16
N VAL H 63 5.33 15.33 -38.07
CA VAL H 63 3.94 15.68 -38.23
C VAL H 63 3.65 16.08 -39.67
N GLN H 64 2.56 15.58 -40.24
CA GLN H 64 2.25 15.82 -41.64
C GLN H 64 0.75 15.87 -41.95
N GLY H 65 0.25 17.05 -42.26
CA GLY H 65 -1.14 17.18 -42.67
C GLY H 65 -1.34 16.67 -44.08
N VAL H 66 -2.59 16.38 -44.44
CA VAL H 66 -2.94 16.04 -45.83
C VAL H 66 -3.35 17.32 -46.57
N GLY H 67 -2.41 17.85 -47.36
CA GLY H 67 -2.61 19.13 -48.05
C GLY H 67 -2.98 18.87 -49.49
N GLY H 68 -2.30 19.56 -50.41
CA GLY H 68 -2.44 19.30 -51.84
C GLY H 68 -3.89 19.29 -52.27
N PRO H 69 -4.24 18.39 -53.20
CA PRO H 69 -5.61 18.29 -53.71
C PRO H 69 -6.71 17.96 -52.68
N TYR H 70 -6.39 17.91 -51.38
CA TYR H 70 -7.45 17.81 -50.35
C TYR H 70 -7.89 19.20 -49.89
N LEU H 71 -8.95 19.71 -50.52
CA LEU H 71 -9.46 21.05 -50.22
C LEU H 71 -10.40 21.08 -48.99
N ALA H 72 -10.82 19.90 -48.51
CA ALA H 72 -11.75 19.80 -47.39
C ALA H 72 -12.95 20.75 -47.52
N ASP H 73 -13.63 20.67 -48.65
CA ASP H 73 -14.78 21.52 -48.89
C ASP H 73 -16.07 20.79 -48.55
N LEU H 74 -17.10 21.55 -48.21
CA LEU H 74 -18.35 20.99 -47.74
C LEU H 74 -19.03 20.02 -48.73
N ALA H 75 -19.06 20.36 -50.01
CA ALA H 75 -19.79 19.54 -50.99
C ALA H 75 -19.28 18.09 -51.20
N SER H 76 -18.02 17.82 -50.86
CA SER H 76 -17.40 16.49 -51.02
C SER H 76 -17.93 15.44 -50.05
N ASN H 77 -18.36 15.92 -48.87
CA ASN H 77 -18.94 15.08 -47.83
C ASN H 77 -20.06 14.22 -48.41
N PHE H 78 -20.74 14.80 -49.40
CA PHE H 78 -21.87 14.15 -50.06
C PHE H 78 -21.51 13.11 -51.11
N LEU H 79 -20.26 13.03 -51.53
CA LEU H 79 -19.86 12.00 -52.51
C LEU H 79 -20.05 10.57 -51.91
N PRO H 80 -19.91 9.51 -52.75
CA PRO H 80 -20.06 8.11 -52.29
C PRO H 80 -19.07 7.68 -51.23
N ASP H 81 -17.84 8.19 -51.30
CA ASP H 81 -16.84 7.81 -50.30
C ASP H 81 -16.84 8.76 -49.10
N GLY H 82 -17.58 9.86 -49.22
CA GLY H 82 -17.65 10.89 -48.19
C GLY H 82 -16.55 11.94 -48.32
N THR H 83 -15.80 11.87 -49.43
CA THR H 83 -14.77 12.84 -49.82
C THR H 83 -14.28 12.59 -51.25
N SER H 84 -13.62 13.61 -51.80
CA SER H 84 -13.05 13.56 -53.14
C SER H 84 -12.07 12.41 -53.24
N SER H 85 -12.00 11.80 -54.42
CA SER H 85 -11.08 10.69 -54.64
C SER H 85 -9.61 11.15 -54.73
N ALA H 86 -9.40 12.44 -54.99
CA ALA H 86 -8.05 13.04 -55.02
C ALA H 86 -7.46 13.13 -53.61
N ALA H 87 -8.28 13.51 -52.61
CA ALA H 87 -7.82 13.61 -51.22
C ALA H 87 -7.40 12.23 -50.76
N ILE H 88 -8.27 11.25 -50.99
CA ILE H 88 -7.91 9.85 -50.76
C ILE H 88 -6.53 9.54 -51.40
N ASN H 89 -6.29 9.96 -52.65
CA ASN H 89 -5.02 9.67 -53.33
C ASN H 89 -3.79 10.46 -52.87
N GLU H 90 -4.02 11.68 -52.36
CA GLU H 90 -2.97 12.40 -51.67
C GLU H 90 -2.66 11.67 -50.37
N ALA H 91 -3.68 11.37 -49.56
CA ALA H 91 -3.49 10.58 -48.33
C ALA H 91 -2.66 9.32 -48.60
N ARG H 92 -3.08 8.55 -49.62
CA ARG H 92 -2.43 7.35 -50.12
C ARG H 92 -0.98 7.66 -50.55
N ARG H 93 -0.78 8.81 -51.20
CA ARG H 93 0.53 9.24 -51.64
C ARG H 93 1.49 9.39 -50.44
N LEU H 94 1.00 9.95 -49.34
CA LEU H 94 1.81 10.20 -48.13
C LEU H 94 2.10 8.96 -47.31
N PHE H 95 1.11 8.07 -47.18
CA PHE H 95 1.34 6.82 -46.48
C PHE H 95 2.45 6.08 -47.19
N THR H 96 2.35 6.07 -48.51
CA THR H 96 3.39 5.45 -49.34
C THR H 96 4.75 6.11 -49.09
N LEU H 97 4.81 7.43 -49.19
CA LEU H 97 6.08 8.13 -48.95
C LEU H 97 6.70 7.75 -47.59
N ALA H 98 5.87 7.68 -46.54
CA ALA H 98 6.33 7.38 -45.19
C ALA H 98 6.97 6.01 -45.16
N ASN H 99 6.52 5.14 -46.06
CA ASN H 99 7.12 3.84 -46.17
C ASN H 99 8.50 3.87 -46.86
N THR H 100 8.57 4.35 -48.09
CA THR H 100 9.83 4.35 -48.81
C THR H 100 10.89 5.22 -48.11
N LYS H 101 10.46 6.38 -47.60
CA LYS H 101 11.36 7.26 -46.86
C LYS H 101 11.92 6.57 -45.61
N CYS H 102 11.02 6.11 -44.74
CA CYS H 102 11.36 5.45 -43.47
C CYS H 102 10.53 4.21 -43.28
N PRO H 103 11.01 3.07 -43.77
CA PRO H 103 10.20 1.87 -43.61
C PRO H 103 10.04 1.40 -42.15
N ASN H 104 10.90 1.85 -41.25
CA ASN H 104 10.96 1.31 -39.87
C ASN H 104 10.24 2.12 -38.80
N ALA H 105 9.90 3.34 -39.17
CA ALA H 105 9.28 4.27 -38.27
C ALA H 105 7.81 3.88 -38.04
N ALA H 106 7.31 4.18 -36.85
CA ALA H 106 5.94 3.88 -36.48
C ALA H 106 5.04 4.94 -37.08
N ILE H 107 4.15 4.50 -37.96
CA ILE H 107 3.16 5.38 -38.54
C ILE H 107 1.90 5.40 -37.69
N VAL H 108 1.43 6.61 -37.40
CA VAL H 108 0.12 6.77 -36.78
C VAL H 108 -0.58 7.91 -37.49
N SER H 109 -1.85 7.72 -37.77
CA SER H 109 -2.61 8.72 -38.47
C SER H 109 -3.92 9.05 -37.76
N GLY H 110 -4.41 10.24 -38.00
CA GLY H 110 -5.67 10.66 -37.42
C GLY H 110 -6.49 11.38 -38.46
N GLY H 111 -7.73 11.72 -38.09
CA GLY H 111 -8.64 12.44 -38.96
C GLY H 111 -9.86 12.93 -38.21
N TYR H 112 -10.32 14.10 -38.59
CA TYR H 112 -11.48 14.70 -37.96
C TYR H 112 -12.54 15.01 -39.01
N SER H 113 -13.67 14.34 -38.91
CA SER H 113 -14.86 14.66 -39.70
C SER H 113 -14.76 14.29 -41.20
N GLN H 114 -14.65 15.25 -42.11
CA GLN H 114 -14.45 14.86 -43.53
C GLN H 114 -13.10 14.12 -43.70
N GLY H 115 -12.12 14.41 -42.85
CA GLY H 115 -10.78 13.80 -42.96
C GLY H 115 -10.75 12.39 -42.42
N THR H 116 -11.82 12.05 -41.75
CA THR H 116 -11.98 10.77 -41.15
C THR H 116 -12.32 9.84 -42.29
N ALA H 117 -12.99 10.39 -43.29
CA ALA H 117 -13.34 9.71 -44.51
C ALA H 117 -12.10 9.61 -45.40
N VAL H 118 -11.15 10.53 -45.22
CA VAL H 118 -9.90 10.52 -45.97
C VAL H 118 -9.01 9.37 -45.46
N MET H 119 -8.94 9.20 -44.15
CA MET H 119 -8.21 8.07 -43.58
C MET H 119 -8.87 6.73 -43.89
N ALA H 120 -10.19 6.62 -43.72
CA ALA H 120 -10.85 5.34 -44.02
C ALA H 120 -10.79 5.06 -45.52
N GLY H 121 -10.99 6.09 -46.31
CA GLY H 121 -10.82 5.95 -47.76
C GLY H 121 -9.42 5.50 -48.12
N SER H 122 -8.39 6.24 -47.71
CA SER H 122 -7.06 5.93 -48.19
C SER H 122 -6.51 4.65 -47.61
N ILE H 123 -6.64 4.46 -46.31
CA ILE H 123 -6.07 3.27 -45.65
C ILE H 123 -6.58 1.96 -46.26
N SER H 124 -7.88 1.85 -46.47
CA SER H 124 -8.45 0.59 -46.95
C SER H 124 -7.86 0.15 -48.29
N GLY H 125 -7.22 1.07 -49.01
CA GLY H 125 -6.61 0.78 -50.30
C GLY H 125 -5.15 0.38 -50.19
N LEU H 126 -4.52 0.72 -49.06
CA LEU H 126 -3.07 0.51 -48.91
C LEU H 126 -2.69 -0.96 -48.86
N SER H 127 -1.47 -1.26 -49.32
CA SER H 127 -0.94 -2.63 -49.38
C SER H 127 -0.71 -3.20 -47.99
N THR H 128 -0.41 -4.49 -47.94
CA THR H 128 -0.21 -5.19 -46.66
C THR H 128 1.06 -4.70 -45.98
N THR H 129 2.12 -4.56 -46.77
CA THR H 129 3.39 -4.08 -46.24
C THR H 129 3.20 -2.76 -45.50
N ILE H 130 2.50 -1.82 -46.14
CA ILE H 130 2.27 -0.46 -45.60
C ILE H 130 1.25 -0.43 -44.46
N LYS H 131 0.12 -1.10 -44.64
CA LYS H 131 -0.90 -1.19 -43.58
C LYS H 131 -0.28 -1.70 -42.30
N ASN H 132 0.75 -2.53 -42.42
CA ASN H 132 1.42 -3.08 -41.26
C ASN H 132 2.33 -2.11 -40.51
N GLN H 133 2.81 -1.11 -41.23
CA GLN H 133 3.56 0.00 -40.63
C GLN H 133 2.65 0.97 -39.85
N ILE H 134 1.37 1.08 -40.23
CA ILE H 134 0.43 1.93 -39.47
C ILE H 134 -0.02 1.25 -38.18
N LYS H 135 0.45 1.80 -37.06
CA LYS H 135 0.37 1.12 -35.79
C LYS H 135 -0.93 1.44 -35.10
N GLY H 136 -1.43 2.64 -35.35
CA GLY H 136 -2.66 3.14 -34.75
C GLY H 136 -3.27 4.27 -35.56
N VAL H 137 -4.60 4.32 -35.59
CA VAL H 137 -5.34 5.33 -36.34
C VAL H 137 -6.51 5.76 -35.47
N VAL H 138 -6.53 7.04 -35.10
CA VAL H 138 -7.62 7.61 -34.33
C VAL H 138 -8.52 8.41 -35.27
N LEU H 139 -9.83 8.28 -35.08
CA LEU H 139 -10.80 8.96 -35.94
C LEU H 139 -11.82 9.75 -35.12
N PHE H 140 -11.80 11.07 -35.28
CA PHE H 140 -12.67 11.97 -34.51
C PHE H 140 -13.86 12.38 -35.37
N GLY H 141 -15.07 12.03 -34.91
CA GLY H 141 -16.31 12.34 -35.64
C GLY H 141 -16.37 11.60 -36.97
N TYR H 142 -16.38 10.27 -36.88
CA TYR H 142 -16.32 9.41 -38.06
C TYR H 142 -17.63 9.50 -38.88
N THR H 143 -17.51 10.04 -40.10
CA THR H 143 -18.67 10.31 -40.97
C THR H 143 -19.24 9.06 -41.66
N LYS H 144 -18.53 7.94 -41.52
CA LYS H 144 -18.99 6.65 -42.06
C LYS H 144 -18.97 5.61 -40.94
N ASN H 145 -19.13 6.10 -39.71
CA ASN H 145 -19.27 5.28 -38.51
C ASN H 145 -20.44 4.29 -38.58
N LEU H 146 -21.64 4.76 -38.96
CA LEU H 146 -22.78 3.86 -39.20
C LEU H 146 -22.65 3.05 -40.49
N GLN H 147 -22.10 3.65 -41.54
CA GLN H 147 -21.92 2.95 -42.82
C GLN H 147 -20.86 1.87 -42.72
N ASN H 148 -19.86 2.07 -41.86
CA ASN H 148 -18.75 1.13 -41.76
C ASN H 148 -18.71 0.36 -40.45
N LEU H 149 -19.80 0.38 -39.71
CA LEU H 149 -19.90 -0.27 -38.39
C LEU H 149 -18.67 -0.06 -37.52
N GLY H 150 -18.26 1.20 -37.37
CA GLY H 150 -17.22 1.59 -36.42
C GLY H 150 -15.79 1.21 -36.78
N ARG H 151 -15.55 0.85 -38.03
CA ARG H 151 -14.21 0.45 -38.40
C ARG H 151 -13.78 0.94 -39.77
N ILE H 152 -12.49 0.74 -40.04
CA ILE H 152 -11.92 0.96 -41.37
C ILE H 152 -11.83 -0.39 -42.12
N PRO H 153 -12.55 -0.49 -43.25
CA PRO H 153 -12.55 -1.69 -44.07
C PRO H 153 -11.14 -2.05 -44.48
N ASN H 154 -10.82 -3.34 -44.34
CA ASN H 154 -9.52 -3.93 -44.70
C ASN H 154 -8.38 -3.48 -43.78
N PHE H 155 -8.73 -3.15 -42.54
CA PHE H 155 -7.74 -2.65 -41.59
C PHE H 155 -8.07 -3.05 -40.16
N GLU H 156 -7.20 -3.87 -39.58
CA GLU H 156 -7.31 -4.30 -38.16
C GLU H 156 -8.04 -3.31 -37.21
N THR H 157 -9.13 -3.77 -36.63
CA THR H 157 -9.87 -2.96 -35.66
C THR H 157 -9.06 -2.70 -34.39
N SER H 158 -8.16 -3.60 -34.04
CA SER H 158 -7.33 -3.37 -32.84
C SER H 158 -6.32 -2.21 -33.03
N LYS H 159 -6.10 -1.77 -34.25
CA LYS H 159 -5.24 -0.61 -34.47
C LYS H 159 -6.08 0.66 -34.63
N THR H 160 -7.39 0.52 -34.45
CA THR H 160 -8.31 1.64 -34.70
C THR H 160 -9.10 2.06 -33.48
N GLU H 161 -9.30 3.37 -33.33
CA GLU H 161 -10.24 3.85 -32.34
C GLU H 161 -11.08 5.02 -32.81
N VAL H 162 -12.40 4.81 -32.79
CA VAL H 162 -13.39 5.84 -33.12
C VAL H 162 -13.82 6.68 -31.91
N TYR H 163 -13.81 8.00 -32.12
CA TYR H 163 -14.34 8.95 -31.18
C TYR H 163 -15.56 9.60 -31.80
N CYS H 164 -16.73 9.12 -31.37
CA CYS H 164 -18.04 9.61 -31.81
C CYS H 164 -18.86 10.01 -30.60
N ASP H 165 -19.11 11.30 -30.49
CA ASP H 165 -19.95 11.84 -29.44
C ASP H 165 -21.39 11.39 -29.73
N ILE H 166 -22.12 10.99 -28.69
CA ILE H 166 -23.54 10.67 -28.85
C ILE H 166 -24.33 11.81 -29.54
N ALA H 167 -23.84 13.04 -29.42
CA ALA H 167 -24.49 14.19 -30.06
C ALA H 167 -24.23 14.26 -31.58
N ASP H 168 -22.98 13.96 -31.97
CA ASP H 168 -22.45 14.16 -33.33
C ASP H 168 -23.22 13.50 -34.49
N ALA H 169 -24.16 14.22 -35.08
CA ALA H 169 -24.98 13.66 -36.16
C ALA H 169 -24.22 12.85 -37.23
N VAL H 170 -22.98 13.26 -37.56
CA VAL H 170 -22.18 12.63 -38.62
C VAL H 170 -21.93 11.15 -38.36
N CYS H 171 -22.19 10.71 -37.14
CA CYS H 171 -21.89 9.36 -36.70
C CYS H 171 -23.11 8.46 -36.77
N TYR H 172 -24.21 9.02 -37.24
CA TYR H 172 -25.48 8.35 -37.16
C TYR H 172 -26.00 8.04 -38.56
N GLY H 173 -25.06 7.99 -39.52
CA GLY H 173 -25.36 7.74 -40.94
C GLY H 173 -26.05 8.89 -41.66
N THR H 174 -25.76 10.11 -41.22
CA THR H 174 -26.27 11.32 -41.89
C THR H 174 -25.26 12.46 -41.82
N LEU H 175 -25.56 13.54 -42.50
CA LEU H 175 -24.70 14.71 -42.57
C LEU H 175 -25.55 15.94 -42.29
N PHE H 176 -25.34 16.58 -41.14
CA PHE H 176 -25.88 17.94 -40.95
C PHE H 176 -24.73 18.91 -41.18
N ILE H 177 -25.03 20.06 -41.76
CA ILE H 177 -23.99 21.01 -42.13
C ILE H 177 -24.29 22.41 -41.59
N LEU H 178 -23.71 22.70 -40.43
CA LEU H 178 -23.88 23.94 -39.70
C LEU H 178 -22.84 24.03 -38.56
N PRO H 179 -22.53 25.26 -38.09
CA PRO H 179 -21.76 25.42 -36.86
C PRO H 179 -22.50 24.74 -35.70
N ALA H 180 -21.93 23.82 -34.89
CA ALA H 180 -20.60 23.16 -34.91
C ALA H 180 -19.49 23.70 -33.96
N HIS H 181 -19.73 23.68 -32.65
CA HIS H 181 -18.61 23.72 -31.68
C HIS H 181 -17.83 22.40 -31.83
N PHE H 182 -16.51 22.51 -31.97
CA PHE H 182 -15.64 21.36 -31.96
C PHE H 182 -15.93 20.47 -30.75
N LEU H 183 -16.16 19.18 -30.98
CA LEU H 183 -16.64 18.32 -29.87
C LEU H 183 -15.63 17.38 -29.17
N TYR H 184 -14.35 17.39 -29.56
CA TYR H 184 -13.42 16.32 -29.17
C TYR H 184 -12.16 16.76 -28.43
N GLN H 185 -12.26 17.88 -27.71
CA GLN H 185 -11.09 18.47 -27.09
C GLN H 185 -10.41 17.45 -26.22
N THR H 186 -11.18 16.71 -25.41
CA THR H 186 -10.57 15.80 -24.44
C THR H 186 -10.30 14.44 -25.07
N ASP H 187 -11.02 14.09 -26.11
CA ASP H 187 -10.68 12.87 -26.83
C ASP H 187 -9.30 13.04 -27.50
N ALA H 188 -9.11 14.16 -28.19
CA ALA H 188 -7.85 14.47 -28.84
C ALA H 188 -6.68 14.68 -27.87
N ALA H 189 -6.97 15.21 -26.69
CA ALA H 189 -5.93 15.61 -25.74
C ALA H 189 -5.48 14.50 -24.78
N VAL H 190 -6.37 13.56 -24.49
CA VAL H 190 -6.09 12.53 -23.48
C VAL H 190 -6.21 11.14 -24.09
N ALA H 191 -7.40 10.81 -24.61
CA ALA H 191 -7.72 9.48 -25.12
C ALA H 191 -6.84 9.04 -26.28
N ALA H 192 -6.73 9.87 -27.31
CA ALA H 192 -5.94 9.52 -28.50
C ALA H 192 -4.46 9.34 -28.18
N PRO H 193 -3.85 10.35 -27.52
CA PRO H 193 -2.46 10.19 -27.12
C PRO H 193 -2.25 8.90 -26.34
N ARG H 194 -3.10 8.65 -25.33
CA ARG H 194 -3.12 7.39 -24.57
C ARG H 194 -3.08 6.19 -25.52
N PHE H 195 -3.97 6.18 -26.50
CA PHE H 195 -4.13 5.04 -27.38
C PHE H 195 -2.97 4.90 -28.38
N LEU H 196 -2.51 6.01 -28.94
CA LEU H 196 -1.38 5.96 -29.88
C LEU H 196 -0.06 5.55 -29.21
N GLN H 197 0.13 5.91 -27.94
CA GLN H 197 1.33 5.52 -27.16
C GLN H 197 1.46 4.00 -27.03
N ALA H 198 0.34 3.34 -26.72
CA ALA H 198 0.32 1.89 -26.61
C ALA H 198 0.54 1.15 -27.93
N ARG H 199 0.12 1.72 -29.06
CA ARG H 199 0.24 1.02 -30.34
C ARG H 199 1.64 1.05 -30.87
N ILE H 200 2.25 2.24 -30.83
CA ILE H 200 3.68 2.49 -31.18
C ILE H 200 4.69 1.69 -30.34
N GLY H 201 4.25 1.22 -29.17
CA GLY H 201 5.13 0.46 -28.26
C GLY H 201 6.21 1.33 -27.58
#